data_5NB0
#
_entry.id   5NB0
#
_cell.length_a   131.518
_cell.length_b   131.518
_cell.length_c   248.855
_cell.angle_alpha   90.000
_cell.angle_beta   90.000
_cell.angle_gamma   120.000
#
_symmetry.space_group_name_H-M   'H 3'
#
loop_
_entity.id
_entity.type
_entity.pdbx_description
1 polymer 'Collagen alpha-3(IV) chain'
2 non-polymer 'CHLORIDE ION'
3 water water
#
_entity_poly.entity_id   1
_entity_poly.type   'polypeptide(L)'
_entity_poly.pdbx_seq_one_letter_code
;WTTRGFVFTRHSQTTAIPSCPEGTVPLYSGFSFLFVQGNQRAHGQDLGTLGSCLQRFTTMPFLFCNVNDVCNFASRNDYS
YWLSTPALMPMNMAPITGRALEPYISRCTVCEGPAIAIAVHSQTTDIPPCPHGWISLWKGFSFIMFTSAGSEGTGQALAS
PGSCLEEFRASPFLECHGRGTCNYYSNSYSFWLASLNPERMFRKPIPSTVKAGELEKIISRCQVCMKKRH
;
_entity_poly.pdbx_strand_id   A,B,C,D,E,F,G,H
#
loop_
_chem_comp.id
_chem_comp.type
_chem_comp.name
_chem_comp.formula
CL non-polymer 'CHLORIDE ION' 'Cl -1'
#
# COMPACT_ATOMS: atom_id res chain seq x y z
N ARG A 4 -13.36 -27.19 -33.70
CA ARG A 4 -14.05 -25.86 -33.67
C ARG A 4 -13.24 -24.80 -32.91
N GLY A 5 -12.23 -25.23 -32.17
CA GLY A 5 -11.32 -24.29 -31.49
C GLY A 5 -11.24 -24.37 -29.97
N PHE A 6 -11.82 -25.42 -29.39
CA PHE A 6 -11.84 -25.57 -27.93
C PHE A 6 -10.70 -26.45 -27.45
N VAL A 7 -9.65 -25.79 -26.98
CA VAL A 7 -8.43 -26.47 -26.56
C VAL A 7 -8.46 -26.79 -25.07
N PHE A 8 -7.97 -27.99 -24.73
CA PHE A 8 -7.77 -28.41 -23.35
C PHE A 8 -6.51 -29.29 -23.24
N THR A 9 -6.18 -29.70 -22.01
CA THR A 9 -4.99 -30.53 -21.74
C THR A 9 -5.34 -31.74 -20.88
N ARG A 10 -4.64 -32.85 -21.14
CA ARG A 10 -4.70 -34.03 -20.30
C ARG A 10 -3.32 -34.28 -19.73
N HIS A 11 -3.26 -34.71 -18.49
CA HIS A 11 -2.00 -34.96 -17.82
C HIS A 11 -1.88 -36.43 -17.43
N SER A 12 -0.77 -37.07 -17.81
CA SER A 12 -0.57 -38.50 -17.51
C SER A 12 -0.22 -38.76 -16.05
N GLN A 13 0.57 -37.86 -15.47
CA GLN A 13 1.12 -38.00 -14.10
C GLN A 13 2.14 -39.14 -14.04
N THR A 14 2.64 -39.53 -15.22
CA THR A 14 3.64 -40.57 -15.40
C THR A 14 4.59 -40.11 -16.49
N THR A 15 5.62 -40.91 -16.78
CA THR A 15 6.55 -40.58 -17.87
C THR A 15 5.95 -40.83 -19.27
N ALA A 16 4.76 -41.42 -19.32
CA ALA A 16 4.07 -41.73 -20.58
C ALA A 16 3.30 -40.53 -21.14
N ILE A 17 3.50 -40.23 -22.42
CA ILE A 17 2.73 -39.18 -23.07
C ILE A 17 1.28 -39.64 -23.23
N PRO A 18 0.33 -38.88 -22.64
CA PRO A 18 -1.07 -39.34 -22.59
C PRO A 18 -1.78 -39.30 -23.95
N SER A 19 -2.95 -39.92 -24.01
CA SER A 19 -3.77 -39.92 -25.21
C SER A 19 -4.93 -38.94 -25.07
N CYS A 20 -5.21 -38.23 -26.17
CA CYS A 20 -6.40 -37.40 -26.27
C CYS A 20 -7.64 -38.30 -26.24
N PRO A 21 -8.68 -37.91 -25.49
CA PRO A 21 -9.91 -38.70 -25.41
C PRO A 21 -10.61 -38.79 -26.77
N GLU A 22 -11.54 -39.74 -26.90
CA GLU A 22 -12.18 -40.01 -28.19
C GLU A 22 -12.94 -38.80 -28.70
N GLY A 23 -12.72 -38.49 -29.98
CA GLY A 23 -13.36 -37.35 -30.62
C GLY A 23 -12.52 -36.08 -30.60
N THR A 24 -11.33 -36.15 -30.00
CA THR A 24 -10.43 -35.00 -29.94
C THR A 24 -9.10 -35.25 -30.65
N VAL A 25 -8.46 -34.19 -31.11
CA VAL A 25 -7.19 -34.29 -31.84
C VAL A 25 -6.02 -33.64 -31.09
N PRO A 26 -4.85 -34.32 -31.06
CA PRO A 26 -3.66 -33.76 -30.41
C PRO A 26 -3.09 -32.58 -31.18
N LEU A 27 -2.69 -31.54 -30.46
CA LEU A 27 -1.97 -30.41 -31.07
C LEU A 27 -0.45 -30.56 -30.87
N TYR A 28 -0.06 -30.78 -29.61
CA TYR A 28 1.33 -31.10 -29.26
C TYR A 28 1.39 -31.71 -27.87
N SER A 29 2.58 -32.14 -27.47
CA SER A 29 2.80 -32.68 -26.15
C SER A 29 3.96 -31.97 -25.45
N GLY A 30 4.11 -32.23 -24.16
CA GLY A 30 5.12 -31.57 -23.35
C GLY A 30 5.11 -32.03 -21.91
N PHE A 31 5.49 -31.14 -21.01
CA PHE A 31 5.68 -31.48 -19.61
C PHE A 31 4.69 -30.69 -18.74
N SER A 32 4.24 -31.31 -17.64
CA SER A 32 3.17 -30.78 -16.81
C SER A 32 3.60 -29.61 -15.92
N PHE A 33 3.18 -28.41 -16.30
CA PHE A 33 3.65 -27.17 -15.69
C PHE A 33 2.57 -26.61 -14.76
N LEU A 34 2.85 -26.62 -13.46
CA LEU A 34 1.84 -26.24 -12.46
C LEU A 34 1.89 -24.75 -12.09
N PHE A 35 3.01 -24.31 -11.53
CA PHE A 35 3.18 -22.88 -11.18
C PHE A 35 4.62 -22.47 -10.95
N VAL A 36 4.85 -21.15 -10.94
CA VAL A 36 6.15 -20.55 -10.66
C VAL A 36 6.10 -19.66 -9.43
N GLN A 37 7.28 -19.34 -8.89
CA GLN A 37 7.41 -18.40 -7.81
C GLN A 37 8.54 -17.46 -8.13
N GLY A 38 8.19 -16.22 -8.45
CA GLY A 38 9.16 -15.20 -8.74
C GLY A 38 9.06 -14.08 -7.73
N ASN A 39 10.22 -13.71 -7.18
CA ASN A 39 10.29 -12.74 -6.11
C ASN A 39 9.30 -13.08 -4.97
N GLN A 40 9.10 -14.40 -4.77
CA GLN A 40 8.24 -14.96 -3.73
C GLN A 40 6.74 -14.80 -4.00
N ARG A 41 6.36 -14.67 -5.26
CA ARG A 41 4.95 -14.60 -5.59
C ARG A 41 4.60 -15.76 -6.49
N ALA A 42 3.61 -16.54 -6.07
CA ALA A 42 3.13 -17.66 -6.85
C ALA A 42 2.20 -17.19 -7.97
N HIS A 43 2.37 -17.79 -9.14
CA HIS A 43 1.40 -17.67 -10.20
C HIS A 43 1.26 -19.00 -10.92
N GLY A 44 0.02 -19.44 -11.06
CA GLY A 44 -0.25 -20.76 -11.62
C GLY A 44 -0.83 -20.76 -13.01
N GLN A 45 -0.82 -21.93 -13.63
CA GLN A 45 -1.53 -22.14 -14.88
C GLN A 45 -2.67 -23.13 -14.66
N ASP A 46 -3.76 -22.90 -15.37
CA ASP A 46 -4.90 -23.80 -15.35
C ASP A 46 -4.46 -25.11 -16.00
N LEU A 47 -4.59 -26.20 -15.25
CA LEU A 47 -4.15 -27.54 -15.71
C LEU A 47 -5.00 -28.07 -16.87
N GLY A 48 -6.16 -27.46 -17.10
CA GLY A 48 -7.00 -27.83 -18.24
C GLY A 48 -6.87 -26.95 -19.47
N THR A 49 -5.80 -26.15 -19.53
CA THR A 49 -5.57 -25.26 -20.68
C THR A 49 -4.13 -25.45 -21.17
N LEU A 50 -3.87 -25.06 -22.42
CA LEU A 50 -2.57 -25.33 -23.06
C LEU A 50 -1.38 -24.76 -22.28
N GLY A 51 -1.63 -23.72 -21.47
CA GLY A 51 -0.61 -23.15 -20.59
C GLY A 51 0.02 -24.11 -19.59
N SER A 52 -0.69 -25.18 -19.22
CA SER A 52 -0.13 -26.16 -18.28
C SER A 52 0.73 -27.22 -18.97
N CYS A 53 0.94 -27.06 -20.27
CA CYS A 53 1.75 -28.00 -21.03
C CYS A 53 2.88 -27.35 -21.83
N LEU A 54 4.05 -27.29 -21.21
CA LEU A 54 5.23 -26.69 -21.83
C LEU A 54 6.06 -27.68 -22.63
N GLN A 55 6.41 -27.28 -23.85
CA GLN A 55 7.13 -28.15 -24.77
C GLN A 55 8.47 -28.57 -24.18
N ARG A 56 9.24 -27.59 -23.76
CA ARG A 56 10.49 -27.85 -23.11
C ARG A 56 10.41 -27.71 -21.61
N PHE A 57 10.92 -28.72 -20.92
CA PHE A 57 11.11 -28.67 -19.47
C PHE A 57 12.40 -27.93 -19.11
N THR A 58 12.35 -27.24 -17.97
CA THR A 58 13.54 -26.68 -17.32
C THR A 58 13.15 -26.34 -15.88
N THR A 59 14.13 -26.32 -14.99
CA THR A 59 13.85 -25.93 -13.60
C THR A 59 13.63 -24.43 -13.48
N MET A 60 14.03 -23.68 -14.51
CA MET A 60 13.81 -22.24 -14.53
C MET A 60 13.26 -21.77 -15.88
N PRO A 61 11.93 -21.90 -16.07
CA PRO A 61 11.28 -21.48 -17.32
C PRO A 61 11.12 -19.97 -17.52
N PHE A 62 11.57 -19.16 -16.56
CA PHE A 62 11.35 -17.72 -16.67
C PHE A 62 12.51 -16.88 -16.16
N LEU A 63 12.40 -15.58 -16.45
CA LEU A 63 13.39 -14.59 -16.05
C LEU A 63 12.64 -13.32 -15.63
N PHE A 64 13.36 -12.39 -15.03
CA PHE A 64 12.76 -11.13 -14.63
C PHE A 64 13.64 -9.96 -15.06
N CYS A 65 13.01 -8.80 -15.26
CA CYS A 65 13.71 -7.59 -15.70
C CYS A 65 13.32 -6.39 -14.83
N ASN A 66 14.29 -5.52 -14.55
CA ASN A 66 14.07 -4.36 -13.67
C ASN A 66 13.93 -3.05 -14.44
N VAL A 67 13.85 -1.93 -13.72
CA VAL A 67 13.64 -0.61 -14.36
C VAL A 67 14.92 0.01 -14.95
N ASN A 68 16.07 -0.58 -14.63
CA ASN A 68 17.35 -0.18 -15.20
C ASN A 68 17.64 -0.91 -16.51
N ASP A 69 16.60 -1.54 -17.06
CA ASP A 69 16.70 -2.37 -18.27
C ASP A 69 17.73 -3.51 -18.17
N VAL A 70 17.82 -4.11 -16.98
CA VAL A 70 18.68 -5.27 -16.75
C VAL A 70 17.81 -6.50 -16.47
N CYS A 71 18.04 -7.59 -17.18
CA CYS A 71 17.31 -8.84 -16.94
C CYS A 71 18.22 -9.90 -16.34
N ASN A 72 17.64 -10.74 -15.50
CA ASN A 72 18.35 -11.86 -14.90
C ASN A 72 17.63 -13.17 -15.14
N PHE A 73 18.37 -14.16 -15.62
CA PHE A 73 17.87 -15.51 -15.74
C PHE A 73 18.57 -16.41 -14.74
N ALA A 74 17.76 -17.15 -13.97
CA ALA A 74 18.24 -18.09 -12.95
C ALA A 74 19.37 -17.54 -12.08
N SER A 75 19.31 -16.23 -11.79
CA SER A 75 20.36 -15.56 -11.04
C SER A 75 19.93 -15.10 -9.64
N ARG A 76 18.82 -15.65 -9.16
CA ARG A 76 18.34 -15.34 -7.82
C ARG A 76 17.62 -16.60 -7.36
N ASN A 77 16.98 -16.55 -6.20
CA ASN A 77 16.28 -17.71 -5.64
C ASN A 77 14.84 -18.02 -6.02
N ASP A 78 14.57 -18.14 -7.31
CA ASP A 78 13.19 -18.34 -7.74
C ASP A 78 12.82 -19.82 -7.96
N TYR A 79 11.53 -20.11 -8.12
CA TYR A 79 11.03 -21.48 -8.11
C TYR A 79 10.22 -21.81 -9.36
N SER A 80 10.10 -23.10 -9.64
CA SER A 80 9.10 -23.61 -10.60
C SER A 80 8.56 -24.95 -10.11
N TYR A 81 7.31 -25.26 -10.49
CA TYR A 81 6.63 -26.45 -10.00
C TYR A 81 5.95 -27.23 -11.10
N TRP A 82 6.15 -28.54 -11.06
CA TRP A 82 5.70 -29.45 -12.11
C TRP A 82 4.99 -30.62 -11.47
N LEU A 83 3.96 -31.15 -12.15
CA LEU A 83 3.32 -32.36 -11.69
C LEU A 83 4.32 -33.51 -11.80
N SER A 84 4.33 -34.38 -10.80
CA SER A 84 5.31 -35.45 -10.75
C SER A 84 4.77 -36.83 -11.15
N THR A 85 5.69 -37.78 -11.30
CA THR A 85 5.38 -39.18 -11.57
C THR A 85 5.33 -39.95 -10.24
N PRO A 86 5.07 -41.27 -10.28
CA PRO A 86 5.18 -42.04 -9.04
C PRO A 86 6.63 -42.39 -8.64
N ALA A 87 7.60 -41.99 -9.46
CA ALA A 87 9.02 -42.22 -9.19
C ALA A 87 9.44 -41.67 -7.82
N LEU A 88 10.04 -42.52 -7.00
CA LEU A 88 10.39 -42.12 -5.64
C LEU A 88 11.80 -41.55 -5.59
N MET A 89 12.07 -40.82 -4.50
CA MET A 89 13.32 -40.09 -4.35
C MET A 89 14.41 -40.97 -3.75
N PRO A 90 15.69 -40.61 -4.01
CA PRO A 90 16.84 -41.32 -3.46
C PRO A 90 16.76 -41.43 -1.93
N MET A 91 17.46 -42.45 -1.42
CA MET A 91 17.69 -42.73 0.01
C MET A 91 18.08 -41.50 0.83
N ASN A 92 19.09 -40.79 0.32
CA ASN A 92 19.72 -39.66 1.01
C ASN A 92 18.83 -38.44 1.24
N MET A 93 17.66 -38.40 0.60
CA MET A 93 16.67 -37.34 0.79
C MET A 93 17.15 -35.98 0.25
N ALA A 94 18.30 -35.99 -0.41
CA ALA A 94 18.88 -34.80 -1.02
C ALA A 94 18.16 -34.48 -2.33
N PRO A 95 18.30 -33.21 -2.81
CA PRO A 95 17.72 -32.79 -4.10
C PRO A 95 18.42 -33.45 -5.29
N ILE A 96 17.76 -33.39 -6.46
CA ILE A 96 18.30 -33.94 -7.71
C ILE A 96 18.54 -32.83 -8.73
N THR A 97 19.54 -33.01 -9.59
CA THR A 97 19.81 -32.07 -10.67
C THR A 97 19.92 -32.81 -12.02
N GLY A 98 20.14 -32.05 -13.10
CA GLY A 98 20.48 -32.63 -14.40
C GLY A 98 19.49 -33.64 -14.96
N ARG A 99 19.99 -34.49 -15.84
CA ARG A 99 19.16 -35.50 -16.54
C ARG A 99 18.42 -36.49 -15.66
N ALA A 100 18.87 -36.63 -14.42
CA ALA A 100 18.26 -37.56 -13.49
C ALA A 100 16.81 -37.16 -13.15
N LEU A 101 16.41 -35.97 -13.59
CA LEU A 101 15.06 -35.42 -13.39
C LEU A 101 14.00 -36.01 -14.31
N GLU A 102 14.42 -36.44 -15.50
CA GLU A 102 13.53 -37.01 -16.51
C GLU A 102 12.44 -37.90 -15.92
N PRO A 103 12.81 -38.96 -15.18
CA PRO A 103 11.82 -39.92 -14.71
C PRO A 103 10.79 -39.35 -13.71
N TYR A 104 10.91 -38.07 -13.38
CA TYR A 104 10.11 -37.46 -12.32
C TYR A 104 9.02 -36.51 -12.82
N ILE A 105 9.20 -35.99 -14.03
CA ILE A 105 8.31 -34.95 -14.57
C ILE A 105 7.17 -35.57 -15.38
N SER A 106 5.93 -35.25 -14.97
CA SER A 106 4.73 -35.76 -15.65
C SER A 106 4.63 -35.22 -17.08
N ARG A 107 4.01 -36.03 -17.96
CA ARG A 107 3.80 -35.64 -19.36
C ARG A 107 2.35 -35.23 -19.61
N CYS A 108 2.15 -34.40 -20.62
CA CYS A 108 0.83 -33.90 -20.99
C CYS A 108 0.64 -33.85 -22.50
N THR A 109 -0.62 -33.91 -22.92
CA THR A 109 -0.99 -33.70 -24.32
C THR A 109 -2.05 -32.62 -24.42
N VAL A 110 -1.81 -31.64 -25.30
CA VAL A 110 -2.76 -30.59 -25.59
C VAL A 110 -3.72 -31.07 -26.68
N CYS A 111 -5.01 -31.07 -26.38
CA CYS A 111 -6.04 -31.57 -27.31
C CYS A 111 -6.98 -30.48 -27.82
N GLU A 112 -7.55 -30.71 -29.00
CA GLU A 112 -8.57 -29.83 -29.56
C GLU A 112 -9.88 -30.60 -29.76
N GLY A 113 -10.97 -30.02 -29.28
CA GLY A 113 -12.29 -30.63 -29.39
C GLY A 113 -13.30 -29.80 -30.16
N PRO A 114 -14.44 -30.40 -30.51
CA PRO A 114 -15.50 -29.70 -31.23
C PRO A 114 -16.38 -28.85 -30.31
N ALA A 115 -16.25 -29.07 -29.00
CA ALA A 115 -17.03 -28.34 -28.01
C ALA A 115 -16.19 -28.05 -26.76
N ILE A 116 -16.75 -27.24 -25.86
CA ILE A 116 -16.07 -26.88 -24.62
C ILE A 116 -16.14 -28.02 -23.60
N ALA A 117 -15.02 -28.26 -22.92
CA ALA A 117 -14.95 -29.30 -21.90
C ALA A 117 -15.04 -28.70 -20.49
N ILE A 118 -15.85 -29.31 -19.63
CA ILE A 118 -16.02 -28.85 -18.27
C ILE A 118 -15.75 -29.99 -17.29
N ALA A 119 -15.73 -29.67 -16.00
CA ALA A 119 -15.57 -30.68 -14.95
C ALA A 119 -16.75 -30.62 -14.01
N VAL A 120 -17.13 -31.77 -13.48
CA VAL A 120 -18.24 -31.88 -12.54
C VAL A 120 -17.71 -32.58 -11.30
N HIS A 121 -18.16 -32.15 -10.13
CA HIS A 121 -17.66 -32.70 -8.87
C HIS A 121 -18.81 -33.17 -7.98
N SER A 122 -18.59 -34.24 -7.23
CA SER A 122 -19.65 -34.85 -6.43
C SER A 122 -19.65 -34.41 -4.97
N GLN A 123 -18.45 -34.24 -4.40
CA GLN A 123 -18.27 -34.05 -2.95
C GLN A 123 -18.63 -35.33 -2.16
N THR A 124 -18.67 -36.45 -2.89
CA THR A 124 -18.93 -37.78 -2.31
C THR A 124 -17.99 -38.78 -2.96
N THR A 125 -17.96 -40.01 -2.46
CA THR A 125 -17.09 -41.04 -3.03
C THR A 125 -17.56 -41.49 -4.42
N ASP A 126 -18.82 -41.20 -4.74
CA ASP A 126 -19.43 -41.61 -6.02
C ASP A 126 -19.00 -40.69 -7.16
N ILE A 127 -18.83 -41.29 -8.34
CA ILE A 127 -18.55 -40.55 -9.57
C ILE A 127 -19.79 -39.72 -9.97
N PRO A 128 -19.59 -38.41 -10.22
CA PRO A 128 -20.73 -37.58 -10.64
C PRO A 128 -21.11 -37.84 -12.09
N PRO A 129 -22.41 -37.75 -12.41
CA PRO A 129 -22.83 -37.93 -13.79
C PRO A 129 -22.63 -36.66 -14.61
N CYS A 130 -22.25 -36.82 -15.87
CA CYS A 130 -22.22 -35.70 -16.80
C CYS A 130 -23.64 -35.15 -16.94
N PRO A 131 -23.78 -33.83 -17.09
CA PRO A 131 -25.09 -33.24 -17.34
C PRO A 131 -25.74 -33.79 -18.62
N HIS A 132 -27.01 -33.48 -18.82
CA HIS A 132 -27.80 -34.08 -19.89
C HIS A 132 -27.44 -33.57 -21.28
N GLY A 133 -26.82 -34.44 -22.08
CA GLY A 133 -26.34 -34.09 -23.43
C GLY A 133 -24.83 -33.95 -23.49
N TRP A 134 -24.15 -34.42 -22.46
CA TRP A 134 -22.69 -34.32 -22.36
C TRP A 134 -22.06 -35.70 -22.32
N ILE A 135 -20.81 -35.79 -22.80
CA ILE A 135 -20.09 -37.06 -22.92
C ILE A 135 -18.87 -37.12 -21.98
N SER A 136 -18.69 -38.24 -21.30
CA SER A 136 -17.59 -38.45 -20.36
C SER A 136 -16.25 -38.56 -21.10
N LEU A 137 -15.26 -37.77 -20.66
CA LEU A 137 -13.91 -37.85 -21.23
C LEU A 137 -12.99 -38.68 -20.32
N TRP A 138 -12.98 -38.37 -19.03
CA TRP A 138 -12.28 -39.19 -18.03
C TRP A 138 -12.79 -39.01 -16.60
N LYS A 139 -12.48 -39.99 -15.75
CA LYS A 139 -12.76 -39.91 -14.32
C LYS A 139 -11.52 -39.38 -13.59
N GLY A 140 -11.72 -38.90 -12.36
CA GLY A 140 -10.62 -38.45 -11.53
C GLY A 140 -11.00 -37.96 -10.14
N PHE A 141 -10.07 -37.26 -9.50
CA PHE A 141 -10.24 -36.75 -8.15
C PHE A 141 -10.21 -35.22 -8.13
N SER A 142 -10.99 -34.64 -7.22
CA SER A 142 -11.16 -33.18 -7.13
C SER A 142 -9.97 -32.46 -6.50
N PHE A 143 -9.14 -31.84 -7.34
CA PHE A 143 -7.91 -31.17 -6.94
C PHE A 143 -8.16 -29.66 -6.91
N ILE A 144 -8.09 -29.04 -5.73
CA ILE A 144 -8.50 -27.63 -5.58
C ILE A 144 -7.37 -26.59 -5.41
N MET A 145 -6.38 -26.86 -4.55
CA MET A 145 -5.21 -25.98 -4.47
C MET A 145 -3.93 -26.64 -3.93
N PHE A 146 -2.90 -25.83 -3.74
CA PHE A 146 -1.57 -26.34 -3.42
C PHE A 146 -0.70 -25.23 -2.90
N THR A 147 0.18 -25.57 -1.96
CA THR A 147 1.15 -24.62 -1.41
C THR A 147 2.47 -25.36 -1.24
N SER A 148 3.56 -24.63 -1.31
CA SER A 148 4.88 -25.17 -1.05
C SER A 148 5.71 -24.16 -0.21
N ALA A 149 6.82 -23.69 -0.76
CA ALA A 149 7.73 -22.79 -0.02
C ALA A 149 7.14 -21.41 0.23
N GLY A 150 7.30 -20.96 1.48
CA GLY A 150 6.71 -19.71 1.93
C GLY A 150 5.21 -19.85 2.06
N SER A 151 4.73 -21.09 1.90
CA SER A 151 3.31 -21.42 1.77
C SER A 151 2.62 -20.62 0.67
N GLU A 152 3.40 -20.27 -0.35
CA GLU A 152 2.87 -19.66 -1.56
C GLU A 152 2.25 -20.74 -2.43
N GLY A 153 1.33 -20.33 -3.29
CA GLY A 153 0.66 -21.25 -4.19
C GLY A 153 -0.62 -20.64 -4.73
N THR A 154 -1.38 -21.47 -5.42
CA THR A 154 -2.65 -21.08 -6.01
C THR A 154 -3.43 -22.37 -6.21
N GLY A 155 -4.46 -22.31 -7.04
CA GLY A 155 -5.31 -23.49 -7.28
C GLY A 155 -5.89 -23.62 -8.67
N GLN A 156 -6.83 -24.53 -8.81
CA GLN A 156 -7.53 -24.77 -10.06
C GLN A 156 -8.98 -24.32 -9.96
N ALA A 157 -9.54 -23.94 -11.09
CA ALA A 157 -10.95 -23.63 -11.21
C ALA A 157 -11.70 -24.97 -11.22
N LEU A 158 -12.74 -25.08 -10.40
CA LEU A 158 -13.50 -26.34 -10.32
C LEU A 158 -14.34 -26.61 -11.58
N ALA A 159 -14.56 -25.57 -12.38
CA ALA A 159 -15.24 -25.70 -13.67
C ALA A 159 -14.29 -26.25 -14.76
N SER A 160 -12.98 -26.18 -14.50
CA SER A 160 -11.95 -26.58 -15.47
C SER A 160 -11.58 -28.07 -15.38
N PRO A 161 -11.27 -28.68 -16.54
CA PRO A 161 -10.70 -30.03 -16.58
C PRO A 161 -9.53 -30.21 -15.61
N GLY A 162 -8.74 -29.16 -15.43
CA GLY A 162 -7.58 -29.15 -14.53
C GLY A 162 -7.86 -29.52 -13.09
N SER A 163 -9.10 -29.35 -12.65
CA SER A 163 -9.48 -29.64 -11.27
C SER A 163 -9.83 -31.10 -11.04
N CYS A 164 -9.53 -31.94 -12.04
CA CYS A 164 -9.91 -33.34 -12.01
C CYS A 164 -8.77 -34.25 -12.45
N LEU A 165 -7.85 -34.53 -11.53
CA LEU A 165 -6.70 -35.38 -11.78
C LEU A 165 -7.07 -36.86 -11.72
N GLU A 166 -6.56 -37.61 -12.69
CA GLU A 166 -6.92 -39.03 -12.85
C GLU A 166 -6.25 -39.93 -11.81
N GLU A 167 -5.05 -39.55 -11.39
CA GLU A 167 -4.33 -40.30 -10.37
C GLU A 167 -4.18 -39.45 -9.12
N PHE A 168 -4.78 -39.90 -8.02
CA PHE A 168 -4.58 -39.26 -6.73
C PHE A 168 -3.16 -39.49 -6.22
N ARG A 169 -2.54 -38.40 -5.75
CA ARG A 169 -1.23 -38.45 -5.10
C ARG A 169 -1.24 -37.43 -3.95
N ALA A 170 -0.86 -37.87 -2.76
CA ALA A 170 -0.61 -36.95 -1.66
C ALA A 170 0.37 -35.83 -2.09
N SER A 171 1.39 -36.21 -2.85
CA SER A 171 2.37 -35.28 -3.37
C SER A 171 2.32 -35.26 -4.89
N PRO A 172 1.45 -34.43 -5.46
CA PRO A 172 1.28 -34.47 -6.91
C PRO A 172 2.31 -33.64 -7.68
N PHE A 173 3.17 -32.89 -6.97
CA PHE A 173 4.10 -31.95 -7.63
C PHE A 173 5.50 -31.87 -7.00
N LEU A 174 6.46 -31.47 -7.81
CA LEU A 174 7.85 -31.31 -7.38
C LEU A 174 8.27 -29.85 -7.37
N GLU A 175 9.05 -29.48 -6.35
CA GLU A 175 9.57 -28.13 -6.23
C GLU A 175 10.92 -28.03 -6.90
N CYS A 176 11.03 -27.12 -7.88
CA CYS A 176 12.25 -26.94 -8.66
C CYS A 176 12.84 -25.53 -8.50
N HIS A 177 14.16 -25.40 -8.63
CA HIS A 177 14.89 -24.15 -8.32
C HIS A 177 15.76 -23.66 -9.47
N GLY A 178 16.02 -22.35 -9.48
CA GLY A 178 16.88 -21.73 -10.49
C GLY A 178 18.30 -22.26 -10.51
N ARG A 179 18.78 -22.64 -9.33
CA ARG A 179 20.09 -23.28 -9.18
C ARG A 179 20.13 -24.69 -9.81
N GLY A 180 18.97 -25.18 -10.24
CA GLY A 180 18.90 -26.41 -11.03
C GLY A 180 18.36 -27.65 -10.34
N THR A 181 18.11 -27.54 -9.04
CA THR A 181 17.72 -28.68 -8.21
C THR A 181 16.19 -28.84 -8.10
N CYS A 182 15.74 -30.06 -7.81
CA CYS A 182 14.34 -30.31 -7.48
C CYS A 182 14.20 -31.31 -6.35
N ASN A 183 13.11 -31.20 -5.59
CA ASN A 183 12.88 -32.09 -4.46
C ASN A 183 11.45 -31.98 -3.94
N TYR A 184 11.00 -32.99 -3.21
CA TYR A 184 9.83 -32.85 -2.36
C TYR A 184 10.31 -32.24 -1.06
N TYR A 185 9.47 -31.40 -0.44
CA TYR A 185 9.77 -30.82 0.85
C TYR A 185 8.59 -31.01 1.79
N SER A 186 8.87 -30.97 3.09
CA SER A 186 7.87 -31.20 4.12
C SER A 186 6.67 -30.27 4.02
N ASN A 187 6.91 -29.01 3.70
CA ASN A 187 5.78 -28.06 3.57
C ASN A 187 5.05 -28.06 2.22
N SER A 188 5.32 -29.05 1.38
CA SER A 188 4.57 -29.18 0.13
C SER A 188 3.21 -29.78 0.42
N TYR A 189 2.17 -29.01 0.15
CA TYR A 189 0.82 -29.48 0.45
C TYR A 189 -0.06 -29.55 -0.80
N SER A 190 -0.96 -30.53 -0.80
CA SER A 190 -2.00 -30.65 -1.83
C SER A 190 -3.38 -30.55 -1.19
N PHE A 191 -4.26 -29.77 -1.82
CA PHE A 191 -5.61 -29.58 -1.29
C PHE A 191 -6.66 -30.17 -2.24
N TRP A 192 -7.59 -30.92 -1.66
CA TRP A 192 -8.58 -31.64 -2.45
C TRP A 192 -9.95 -31.36 -1.85
N LEU A 193 -10.97 -31.31 -2.70
CA LEU A 193 -12.34 -31.25 -2.21
C LEU A 193 -12.61 -32.51 -1.42
N ALA A 194 -13.33 -32.39 -0.31
CA ALA A 194 -13.56 -33.51 0.58
C ALA A 194 -14.82 -34.31 0.23
N SER A 195 -14.74 -35.63 0.39
CA SER A 195 -15.92 -36.49 0.34
C SER A 195 -16.77 -36.29 1.59
N LEU A 196 -18.05 -35.98 1.39
CA LEU A 196 -18.94 -35.68 2.52
C LEU A 196 -20.07 -36.69 2.65
N ASN A 197 -20.52 -36.88 3.90
CA ASN A 197 -21.75 -37.64 4.19
C ASN A 197 -22.98 -36.92 3.62
N PRO A 198 -23.76 -37.62 2.78
CA PRO A 198 -24.94 -37.01 2.15
C PRO A 198 -26.05 -36.61 3.13
N GLU A 199 -26.20 -37.34 4.23
CA GLU A 199 -27.22 -37.00 5.22
C GLU A 199 -26.81 -35.76 6.02
N ARG A 200 -25.50 -35.65 6.27
CA ARG A 200 -24.96 -34.64 7.18
C ARG A 200 -24.64 -33.30 6.51
N MET A 201 -25.68 -32.50 6.22
CA MET A 201 -25.47 -31.13 5.72
C MET A 201 -25.84 -30.10 6.78
N PHE A 202 -25.02 -29.05 6.88
CA PHE A 202 -25.15 -28.02 7.92
C PHE A 202 -24.85 -28.58 9.32
N ARG A 203 -24.17 -29.73 9.37
CA ARG A 203 -23.66 -30.28 10.61
C ARG A 203 -22.22 -29.79 10.75
N LYS A 204 -21.69 -29.81 11.97
CA LYS A 204 -20.26 -29.54 12.22
C LYS A 204 -19.42 -30.63 11.54
N PRO A 205 -18.34 -30.23 10.84
CA PRO A 205 -17.48 -31.22 10.21
C PRO A 205 -16.80 -32.08 11.25
N ILE A 206 -16.64 -33.37 10.95
CA ILE A 206 -15.95 -34.29 11.84
C ILE A 206 -14.47 -34.29 11.47
N PRO A 207 -13.60 -33.78 12.36
CA PRO A 207 -12.16 -33.86 12.12
C PRO A 207 -11.74 -35.30 11.84
N SER A 208 -10.90 -35.47 10.82
CA SER A 208 -10.49 -36.80 10.39
C SER A 208 -9.03 -36.78 9.93
N THR A 209 -8.27 -37.77 10.39
CA THR A 209 -6.88 -37.93 9.98
C THR A 209 -6.67 -39.34 9.46
N VAL A 210 -6.33 -39.46 8.18
CA VAL A 210 -6.12 -40.77 7.56
C VAL A 210 -4.71 -40.92 6.99
N LYS A 211 -4.25 -42.15 6.89
CA LYS A 211 -2.91 -42.47 6.43
C LYS A 211 -2.95 -43.26 5.11
N ALA A 212 -1.76 -43.57 4.58
CA ALA A 212 -1.63 -44.36 3.37
C ALA A 212 -2.52 -45.61 3.40
N GLY A 213 -3.18 -45.88 2.28
CA GLY A 213 -4.05 -47.03 2.13
C GLY A 213 -5.54 -46.73 2.25
N GLU A 214 -5.87 -45.63 2.92
CA GLU A 214 -7.26 -45.23 3.17
C GLU A 214 -7.58 -43.81 2.67
N LEU A 215 -6.63 -43.20 1.95
CA LEU A 215 -6.71 -41.80 1.56
C LEU A 215 -7.82 -41.49 0.56
N GLU A 216 -8.03 -42.37 -0.42
CA GLU A 216 -9.01 -42.13 -1.48
C GLU A 216 -10.45 -42.31 -1.03
N LYS A 217 -10.63 -42.81 0.20
CA LYS A 217 -11.95 -42.90 0.85
C LYS A 217 -12.53 -41.52 1.16
N ILE A 218 -11.67 -40.52 1.34
CA ILE A 218 -12.17 -39.20 1.76
C ILE A 218 -12.07 -38.10 0.71
N ILE A 219 -11.71 -38.47 -0.51
CA ILE A 219 -11.56 -37.52 -1.61
C ILE A 219 -12.84 -37.44 -2.46
N SER A 220 -13.24 -36.22 -2.82
CA SER A 220 -14.35 -35.98 -3.73
C SER A 220 -14.01 -36.44 -5.13
N ARG A 221 -15.00 -36.96 -5.85
CA ARG A 221 -14.77 -37.48 -7.18
C ARG A 221 -15.29 -36.53 -8.26
N CYS A 222 -14.81 -36.72 -9.47
CA CYS A 222 -15.11 -35.80 -10.55
C CYS A 222 -15.08 -36.44 -11.94
N GLN A 223 -15.79 -35.84 -12.87
CA GLN A 223 -15.72 -36.23 -14.27
C GLN A 223 -15.50 -35.01 -15.17
N VAL A 224 -14.75 -35.20 -16.24
CA VAL A 224 -14.58 -34.18 -17.26
C VAL A 224 -15.52 -34.53 -18.41
N CYS A 225 -16.36 -33.58 -18.80
CA CYS A 225 -17.39 -33.83 -19.81
C CYS A 225 -17.31 -32.85 -21.00
N MET A 226 -17.68 -33.33 -22.18
CA MET A 226 -17.76 -32.49 -23.37
C MET A 226 -19.16 -32.53 -23.95
N LYS A 227 -19.62 -31.38 -24.45
CA LYS A 227 -20.94 -31.26 -25.07
C LYS A 227 -21.02 -32.07 -26.37
N LYS A 228 -22.09 -32.86 -26.48
CA LYS A 228 -22.40 -33.63 -27.68
C LYS A 228 -23.76 -33.21 -28.23
N THR B 3 -19.26 -12.94 -36.73
CA THR B 3 -18.81 -13.33 -35.36
C THR B 3 -19.78 -14.22 -34.56
N ARG B 4 -19.23 -14.92 -33.57
CA ARG B 4 -19.99 -15.93 -32.82
C ARG B 4 -19.98 -15.73 -31.29
N GLY B 5 -19.26 -14.71 -30.82
CA GLY B 5 -19.25 -14.36 -29.40
C GLY B 5 -17.95 -14.52 -28.63
N PHE B 6 -16.84 -14.73 -29.34
CA PHE B 6 -15.54 -14.91 -28.70
C PHE B 6 -14.77 -13.60 -28.64
N VAL B 7 -14.76 -13.00 -27.46
CA VAL B 7 -14.20 -11.67 -27.27
C VAL B 7 -12.77 -11.76 -26.77
N PHE B 8 -11.91 -10.92 -27.33
CA PHE B 8 -10.53 -10.80 -26.85
C PHE B 8 -10.08 -9.34 -26.92
N THR B 9 -8.87 -9.05 -26.43
CA THR B 9 -8.35 -7.69 -26.43
C THR B 9 -6.95 -7.64 -27.05
N ARG B 10 -6.65 -6.51 -27.70
CA ARG B 10 -5.31 -6.19 -28.15
C ARG B 10 -4.82 -4.93 -27.45
N HIS B 11 -3.52 -4.88 -27.17
CA HIS B 11 -2.91 -3.76 -26.45
C HIS B 11 -1.84 -3.09 -27.31
N SER B 12 -1.96 -1.78 -27.49
CA SER B 12 -1.01 -1.06 -28.32
C SER B 12 0.33 -0.86 -27.63
N GLN B 13 0.29 -0.63 -26.32
CA GLN B 13 1.48 -0.31 -25.52
C GLN B 13 2.06 1.06 -25.91
N THR B 14 1.23 1.84 -26.58
CA THR B 14 1.52 3.21 -27.01
C THR B 14 0.23 4.02 -26.82
N THR B 15 0.30 5.32 -27.11
CA THR B 15 -0.89 6.19 -27.01
C THR B 15 -1.86 5.99 -28.19
N ALA B 16 -1.45 5.16 -29.15
CA ALA B 16 -2.28 4.86 -30.30
C ALA B 16 -3.31 3.75 -30.00
N ILE B 17 -4.57 4.02 -30.32
CA ILE B 17 -5.61 3.01 -30.20
C ILE B 17 -5.34 1.93 -31.25
N PRO B 18 -5.16 0.66 -30.82
CA PRO B 18 -4.79 -0.44 -31.72
C PRO B 18 -5.92 -0.87 -32.65
N SER B 19 -5.58 -1.63 -33.70
CA SER B 19 -6.55 -2.16 -34.64
C SER B 19 -6.81 -3.62 -34.33
N CYS B 20 -8.08 -4.02 -34.46
CA CYS B 20 -8.46 -5.44 -34.41
C CYS B 20 -7.86 -6.17 -35.62
N PRO B 21 -7.35 -7.40 -35.40
CA PRO B 21 -6.75 -8.19 -36.50
C PRO B 21 -7.80 -8.51 -37.58
N GLU B 22 -7.37 -8.73 -38.82
CA GLU B 22 -8.31 -8.95 -39.92
C GLU B 22 -9.20 -10.19 -39.65
N GLY B 23 -10.51 -9.99 -39.81
CA GLY B 23 -11.50 -11.02 -39.51
C GLY B 23 -12.28 -10.76 -38.23
N THR B 24 -11.83 -9.80 -37.44
CA THR B 24 -12.47 -9.46 -36.16
C THR B 24 -13.05 -8.04 -36.14
N VAL B 25 -14.04 -7.82 -35.28
CA VAL B 25 -14.74 -6.54 -35.21
C VAL B 25 -14.57 -5.86 -33.84
N PRO B 26 -14.31 -4.54 -33.85
CA PRO B 26 -14.15 -3.80 -32.60
C PRO B 26 -15.46 -3.64 -31.85
N LEU B 27 -15.42 -3.78 -30.52
CA LEU B 27 -16.58 -3.53 -29.69
C LEU B 27 -16.47 -2.14 -29.05
N TYR B 28 -15.32 -1.89 -28.43
CA TYR B 28 -14.97 -0.57 -27.91
C TYR B 28 -13.48 -0.51 -27.66
N SER B 29 -13.01 0.65 -27.23
CA SER B 29 -11.62 0.85 -26.86
C SER B 29 -11.49 1.49 -25.48
N GLY B 30 -10.28 1.52 -24.95
CA GLY B 30 -10.01 2.08 -23.64
C GLY B 30 -8.54 2.02 -23.28
N PHE B 31 -8.27 1.87 -21.99
CA PHE B 31 -6.91 1.94 -21.48
C PHE B 31 -6.50 0.62 -20.84
N SER B 32 -5.22 0.29 -20.96
CA SER B 32 -4.72 -1.03 -20.62
C SER B 32 -4.60 -1.28 -19.11
N PHE B 33 -5.52 -2.08 -18.58
CA PHE B 33 -5.68 -2.26 -17.15
C PHE B 33 -5.12 -3.59 -16.68
N LEU B 34 -4.03 -3.55 -15.92
CA LEU B 34 -3.28 -4.76 -15.56
C LEU B 34 -3.74 -5.42 -14.26
N PHE B 35 -3.58 -4.72 -13.14
CA PHE B 35 -4.08 -5.19 -11.84
C PHE B 35 -4.25 -4.08 -10.80
N VAL B 36 -4.84 -4.45 -9.66
CA VAL B 36 -5.06 -3.53 -8.55
C VAL B 36 -4.48 -4.13 -7.27
N GLN B 37 -4.27 -3.28 -6.28
CA GLN B 37 -3.88 -3.74 -4.95
C GLN B 37 -4.77 -3.07 -3.93
N GLY B 38 -5.66 -3.86 -3.34
CA GLY B 38 -6.52 -3.37 -2.29
C GLY B 38 -6.18 -4.05 -0.98
N ASN B 39 -6.04 -3.26 0.08
CA ASN B 39 -5.67 -3.79 1.38
C ASN B 39 -4.45 -4.71 1.26
N GLN B 40 -3.58 -4.35 0.30
CA GLN B 40 -2.31 -5.04 0.01
C GLN B 40 -2.47 -6.42 -0.63
N ARG B 41 -3.62 -6.62 -1.28
CA ARG B 41 -3.82 -7.83 -2.06
C ARG B 41 -3.92 -7.53 -3.55
N ALA B 42 -3.05 -8.16 -4.33
CA ALA B 42 -3.08 -8.01 -5.77
C ALA B 42 -4.17 -8.87 -6.39
N HIS B 43 -4.84 -8.30 -7.37
CA HIS B 43 -5.73 -9.06 -8.23
C HIS B 43 -5.66 -8.48 -9.62
N GLY B 44 -5.42 -9.36 -10.59
CA GLY B 44 -5.19 -8.94 -11.95
C GLY B 44 -6.33 -9.28 -12.88
N GLN B 45 -6.26 -8.74 -14.09
CA GLN B 45 -7.15 -9.12 -15.17
C GLN B 45 -6.35 -9.81 -16.28
N ASP B 46 -6.99 -10.77 -16.94
CA ASP B 46 -6.42 -11.40 -18.13
C ASP B 46 -6.31 -10.34 -19.23
N LEU B 47 -5.08 -10.09 -19.70
CA LEU B 47 -4.82 -9.09 -20.75
C LEU B 47 -5.45 -9.45 -22.11
N GLY B 48 -5.83 -10.72 -22.28
CA GLY B 48 -6.54 -11.15 -23.47
C GLY B 48 -8.05 -11.21 -23.33
N THR B 49 -8.59 -10.58 -22.28
CA THR B 49 -10.05 -10.50 -22.12
C THR B 49 -10.52 -9.06 -21.92
N LEU B 50 -11.80 -8.81 -22.19
CA LEU B 50 -12.34 -7.44 -22.16
C LEU B 50 -12.09 -6.71 -20.84
N GLY B 51 -11.92 -7.48 -19.75
CA GLY B 51 -11.60 -6.94 -18.43
C GLY B 51 -10.30 -6.16 -18.37
N SER B 52 -9.36 -6.40 -19.29
CA SER B 52 -8.09 -5.68 -19.30
C SER B 52 -8.18 -4.36 -20.04
N CYS B 53 -9.39 -3.99 -20.44
CA CYS B 53 -9.61 -2.78 -21.20
C CYS B 53 -10.73 -1.93 -20.64
N LEU B 54 -10.37 -0.96 -19.81
CA LEU B 54 -11.36 -0.08 -19.21
C LEU B 54 -11.52 1.18 -20.03
N GLN B 55 -12.77 1.54 -20.28
CA GLN B 55 -13.08 2.75 -21.04
C GLN B 55 -12.59 4.02 -20.34
N ARG B 56 -12.89 4.16 -19.05
CA ARG B 56 -12.44 5.32 -18.24
C ARG B 56 -11.16 5.08 -17.40
N PHE B 57 -10.04 5.70 -17.79
CA PHE B 57 -8.83 5.64 -16.95
C PHE B 57 -9.01 6.43 -15.65
N THR B 58 -8.40 5.93 -14.58
CA THR B 58 -8.26 6.67 -13.31
C THR B 58 -7.16 5.98 -12.51
N THR B 59 -6.52 6.71 -11.61
CA THR B 59 -5.52 6.09 -10.76
C THR B 59 -6.18 5.20 -9.70
N MET B 60 -7.47 5.42 -9.45
CA MET B 60 -8.21 4.62 -8.46
C MET B 60 -9.55 4.13 -9.02
N PRO B 61 -9.53 3.01 -9.75
CA PRO B 61 -10.76 2.53 -10.39
C PRO B 61 -11.71 1.79 -9.46
N PHE B 62 -11.35 1.68 -8.18
CA PHE B 62 -12.16 0.91 -7.25
C PHE B 62 -12.29 1.52 -5.84
N LEU B 63 -13.24 0.97 -5.09
CA LEU B 63 -13.48 1.37 -3.72
C LEU B 63 -13.71 0.12 -2.87
N PHE B 64 -13.67 0.27 -1.54
CA PHE B 64 -13.96 -0.84 -0.64
C PHE B 64 -15.02 -0.47 0.39
N CYS B 65 -15.72 -1.48 0.90
CA CYS B 65 -16.78 -1.29 1.88
C CYS B 65 -16.61 -2.28 3.03
N ASN B 66 -16.93 -1.83 4.25
CA ASN B 66 -16.79 -2.65 5.46
C ASN B 66 -18.14 -3.18 5.99
N VAL B 67 -18.09 -3.87 7.13
CA VAL B 67 -19.28 -4.47 7.75
C VAL B 67 -20.19 -3.48 8.49
N ASN B 68 -19.70 -2.25 8.68
CA ASN B 68 -20.52 -1.16 9.22
C ASN B 68 -21.29 -0.42 8.12
N ASP B 69 -21.34 -1.01 6.92
CA ASP B 69 -21.96 -0.40 5.73
C ASP B 69 -21.37 0.97 5.36
N VAL B 70 -20.06 1.13 5.55
CA VAL B 70 -19.35 2.34 5.17
C VAL B 70 -18.40 2.05 4.02
N CYS B 71 -18.48 2.83 2.95
CA CYS B 71 -17.56 2.65 1.82
C CYS B 71 -16.60 3.82 1.70
N ASN B 72 -15.39 3.53 1.26
CA ASN B 72 -14.37 4.54 1.06
C ASN B 72 -13.82 4.46 -0.35
N PHE B 73 -13.68 5.62 -0.98
CA PHE B 73 -13.07 5.72 -2.29
C PHE B 73 -11.83 6.58 -2.26
N ALA B 74 -10.70 5.98 -2.67
CA ALA B 74 -9.39 6.64 -2.67
C ALA B 74 -9.05 7.27 -1.32
N SER B 75 -9.50 6.63 -0.24
CA SER B 75 -9.35 7.19 1.11
C SER B 75 -8.41 6.35 1.98
N ARG B 76 -7.45 5.68 1.35
CA ARG B 76 -6.45 4.87 2.06
C ARG B 76 -5.32 4.72 1.06
N ASN B 77 -4.41 3.79 1.31
CA ASN B 77 -3.23 3.62 0.44
C ASN B 77 -3.21 2.70 -0.78
N ASP B 78 -4.38 2.32 -1.28
CA ASP B 78 -4.43 1.38 -2.39
C ASP B 78 -3.81 1.71 -3.78
N TYR B 79 -3.65 0.70 -4.63
CA TYR B 79 -2.89 0.81 -5.88
C TYR B 79 -3.71 0.38 -7.10
N SER B 80 -3.27 0.84 -8.27
CA SER B 80 -3.75 0.34 -9.56
C SER B 80 -2.62 0.35 -10.57
N TYR B 81 -2.65 -0.59 -11.49
CA TYR B 81 -1.53 -0.78 -12.41
C TYR B 81 -2.01 -0.88 -13.85
N TRP B 82 -1.29 -0.18 -14.73
CA TRP B 82 -1.69 -0.09 -16.11
C TRP B 82 -0.47 -0.36 -16.97
N LEU B 83 -0.66 -0.96 -18.15
CA LEU B 83 0.44 -1.06 -19.12
C LEU B 83 0.84 0.34 -19.57
N SER B 84 2.14 0.55 -19.77
CA SER B 84 2.65 1.89 -20.11
C SER B 84 3.11 2.03 -21.56
N THR B 85 3.41 3.27 -21.95
CA THR B 85 3.93 3.58 -23.28
C THR B 85 5.46 3.66 -23.21
N PRO B 86 6.14 3.95 -24.33
CA PRO B 86 7.59 4.16 -24.21
C PRO B 86 8.00 5.55 -23.68
N ALA B 87 7.02 6.41 -23.39
CA ALA B 87 7.28 7.75 -22.84
C ALA B 87 8.14 7.67 -21.59
N LEU B 88 9.23 8.45 -21.56
CA LEU B 88 10.14 8.44 -20.42
C LEU B 88 9.66 9.39 -19.33
N MET B 89 10.24 9.24 -18.15
CA MET B 89 9.83 10.00 -16.97
C MET B 89 10.69 11.25 -16.80
N PRO B 90 10.11 12.31 -16.20
CA PRO B 90 10.86 13.54 -15.90
C PRO B 90 12.14 13.25 -15.10
N MET B 91 13.19 13.99 -15.40
CA MET B 91 14.51 13.81 -14.80
CA MET B 91 14.51 13.82 -14.78
C MET B 91 14.58 13.86 -13.28
N ASN B 92 13.67 14.61 -12.66
CA ASN B 92 13.60 14.69 -11.20
C ASN B 92 13.22 13.36 -10.52
N MET B 93 12.67 12.44 -11.31
CA MET B 93 12.37 11.07 -10.88
C MET B 93 11.17 11.02 -9.92
N ALA B 94 10.50 12.16 -9.80
CA ALA B 94 9.33 12.30 -8.95
C ALA B 94 8.09 11.75 -9.65
N PRO B 95 7.05 11.40 -8.86
CA PRO B 95 5.78 10.93 -9.41
C PRO B 95 5.04 12.00 -10.20
N ILE B 96 4.08 11.57 -11.01
CA ILE B 96 3.26 12.45 -11.83
C ILE B 96 1.80 12.34 -11.41
N THR B 97 1.03 13.41 -11.60
CA THR B 97 -0.39 13.43 -11.30
C THR B 97 -1.18 14.01 -12.47
N GLY B 98 -2.49 13.87 -12.37
CA GLY B 98 -3.41 14.48 -13.31
C GLY B 98 -3.17 14.16 -14.76
N ARG B 99 -2.71 15.16 -15.49
CA ARG B 99 -2.79 15.13 -16.93
C ARG B 99 -1.48 14.99 -17.60
N ALA B 100 -0.42 15.06 -16.82
CA ALA B 100 0.86 14.75 -17.40
C ALA B 100 0.88 13.23 -17.53
N LEU B 101 -0.29 12.62 -17.31
CA LEU B 101 -0.46 11.17 -17.29
C LEU B 101 -0.83 10.50 -18.60
N GLU B 102 -1.65 11.16 -19.42
CA GLU B 102 -2.12 10.53 -20.68
C GLU B 102 -1.02 9.99 -21.59
N PRO B 103 0.08 10.75 -21.75
CA PRO B 103 1.09 10.20 -22.64
C PRO B 103 1.72 8.90 -22.15
N TYR B 104 1.30 8.41 -20.99
CA TYR B 104 1.95 7.27 -20.36
C TYR B 104 1.13 5.98 -20.37
N ILE B 105 -0.18 6.11 -20.47
CA ILE B 105 -1.05 4.95 -20.39
C ILE B 105 -1.22 4.30 -21.75
N SER B 106 -0.99 2.99 -21.81
CA SER B 106 -1.27 2.20 -23.00
C SER B 106 -2.77 2.18 -23.32
N ARG B 107 -3.07 2.01 -24.61
CA ARG B 107 -4.43 1.94 -25.10
C ARG B 107 -4.75 0.52 -25.53
N CYS B 108 -6.04 0.18 -25.56
CA CYS B 108 -6.48 -1.16 -25.98
C CYS B 108 -7.78 -1.14 -26.78
N THR B 109 -7.97 -2.18 -27.60
CA THR B 109 -9.21 -2.37 -28.33
C THR B 109 -9.76 -3.76 -28.03
N VAL B 110 -11.02 -3.81 -27.61
CA VAL B 110 -11.75 -5.08 -27.41
C VAL B 110 -12.35 -5.53 -28.74
N CYS B 111 -11.99 -6.74 -29.17
CA CYS B 111 -12.44 -7.28 -30.45
C CYS B 111 -13.34 -8.51 -30.28
N GLU B 112 -14.19 -8.75 -31.28
CA GLU B 112 -15.00 -9.95 -31.34
C GLU B 112 -14.60 -10.77 -32.58
N GLY B 113 -14.43 -12.08 -32.39
CA GLY B 113 -14.03 -12.98 -33.47
C GLY B 113 -15.02 -14.12 -33.67
N PRO B 114 -14.86 -14.87 -34.78
CA PRO B 114 -15.74 -16.02 -35.04
C PRO B 114 -15.37 -17.29 -34.27
N ALA B 115 -14.12 -17.36 -33.77
CA ALA B 115 -13.62 -18.52 -33.02
C ALA B 115 -12.66 -18.13 -31.90
N ILE B 116 -12.25 -19.12 -31.10
CA ILE B 116 -11.38 -18.86 -29.94
C ILE B 116 -9.97 -18.44 -30.34
N ALA B 117 -9.44 -17.44 -29.64
CA ALA B 117 -8.06 -16.98 -29.83
C ALA B 117 -7.15 -17.49 -28.72
N ILE B 118 -6.15 -18.27 -29.09
CA ILE B 118 -5.19 -18.85 -28.14
C ILE B 118 -3.79 -18.31 -28.37
N ALA B 119 -2.90 -18.58 -27.42
CA ALA B 119 -1.49 -18.22 -27.56
C ALA B 119 -0.59 -19.45 -27.58
N VAL B 120 0.49 -19.37 -28.34
CA VAL B 120 1.45 -20.46 -28.46
C VAL B 120 2.83 -19.89 -28.12
N HIS B 121 3.63 -20.66 -27.39
CA HIS B 121 4.94 -20.20 -26.95
C HIS B 121 6.03 -21.17 -27.35
N SER B 122 7.20 -20.62 -27.72
CA SER B 122 8.30 -21.44 -28.22
C SER B 122 9.31 -21.86 -27.15
N GLN B 123 9.61 -20.94 -26.22
CA GLN B 123 10.72 -21.07 -25.27
C GLN B 123 12.09 -20.97 -25.97
N THR B 124 12.07 -20.42 -27.18
CA THR B 124 13.26 -20.21 -28.01
C THR B 124 13.13 -18.85 -28.71
N THR B 125 14.21 -18.38 -29.34
CA THR B 125 14.18 -17.11 -30.06
C THR B 125 13.32 -17.14 -31.33
N ASP B 126 12.96 -18.34 -31.78
CA ASP B 126 12.14 -18.50 -32.97
C ASP B 126 10.66 -18.27 -32.68
N ILE B 127 9.95 -17.76 -33.67
CA ILE B 127 8.50 -17.64 -33.61
C ILE B 127 7.86 -19.05 -33.68
N PRO B 128 6.92 -19.36 -32.77
CA PRO B 128 6.23 -20.64 -32.86
C PRO B 128 5.16 -20.67 -33.95
N PRO B 129 4.98 -21.83 -34.59
CA PRO B 129 3.94 -21.92 -35.59
C PRO B 129 2.57 -22.12 -34.94
N CYS B 130 1.54 -21.53 -35.53
CA CYS B 130 0.16 -21.82 -35.15
C CYS B 130 -0.09 -23.31 -35.40
N PRO B 131 -0.87 -23.96 -34.53
CA PRO B 131 -1.29 -25.35 -34.78
C PRO B 131 -2.08 -25.53 -36.06
N HIS B 132 -2.39 -26.79 -36.38
CA HIS B 132 -3.05 -27.15 -37.62
C HIS B 132 -4.44 -26.53 -37.72
N GLY B 133 -4.67 -25.76 -38.78
CA GLY B 133 -5.97 -25.15 -39.04
C GLY B 133 -6.21 -23.82 -38.32
N TRP B 134 -5.13 -23.20 -37.84
CA TRP B 134 -5.19 -21.95 -37.09
C TRP B 134 -4.52 -20.78 -37.83
N ILE B 135 -5.03 -19.58 -37.60
CA ILE B 135 -4.55 -18.40 -38.31
C ILE B 135 -3.81 -17.44 -37.35
N SER B 136 -2.69 -16.90 -37.81
CA SER B 136 -1.89 -15.96 -37.03
C SER B 136 -2.54 -14.57 -36.92
N LEU B 137 -2.70 -14.07 -35.70
CA LEU B 137 -3.24 -12.73 -35.45
C LEU B 137 -2.13 -11.71 -35.21
N TRP B 138 -1.18 -12.04 -34.32
CA TRP B 138 0.04 -11.25 -34.14
C TRP B 138 1.19 -12.03 -33.49
N LYS B 139 2.40 -11.53 -33.70
CA LYS B 139 3.60 -12.03 -33.02
C LYS B 139 3.80 -11.27 -31.71
N GLY B 140 4.60 -11.85 -30.82
CA GLY B 140 4.92 -11.17 -29.57
C GLY B 140 5.93 -11.87 -28.70
N PHE B 141 6.03 -11.41 -27.46
CA PHE B 141 6.95 -11.97 -26.47
C PHE B 141 6.18 -12.58 -25.31
N SER B 142 6.76 -13.62 -24.71
CA SER B 142 6.09 -14.40 -23.67
C SER B 142 6.11 -13.70 -22.31
N PHE B 143 4.97 -13.14 -21.92
CA PHE B 143 4.85 -12.37 -20.70
C PHE B 143 4.09 -13.17 -19.63
N ILE B 144 4.78 -13.59 -18.57
CA ILE B 144 4.21 -14.55 -17.61
C ILE B 144 3.68 -13.94 -16.30
N MET B 145 4.49 -13.14 -15.60
CA MET B 145 4.00 -12.43 -14.40
C MET B 145 4.70 -11.11 -14.06
N PHE B 146 4.33 -10.52 -12.93
CA PHE B 146 4.77 -9.17 -12.58
C PHE B 146 4.57 -8.96 -11.09
N THR B 147 5.50 -8.21 -10.49
CA THR B 147 5.39 -7.79 -9.11
C THR B 147 5.78 -6.33 -9.00
N SER B 148 5.19 -5.66 -8.02
CA SER B 148 5.56 -4.28 -7.69
C SER B 148 5.64 -4.10 -6.17
N ALA B 149 4.81 -3.20 -5.63
CA ALA B 149 4.89 -2.84 -4.21
C ALA B 149 4.50 -3.98 -3.28
N GLY B 150 5.32 -4.18 -2.23
CA GLY B 150 5.15 -5.30 -1.32
C GLY B 150 5.45 -6.62 -2.02
N SER B 151 6.05 -6.53 -3.21
CA SER B 151 6.20 -7.64 -4.14
C SER B 151 4.89 -8.39 -4.40
N GLU B 152 3.77 -7.67 -4.32
CA GLU B 152 2.50 -8.23 -4.71
C GLU B 152 2.38 -8.23 -6.24
N GLY B 153 1.55 -9.12 -6.77
CA GLY B 153 1.35 -9.22 -8.20
C GLY B 153 0.64 -10.53 -8.55
N THR B 154 0.52 -10.76 -9.84
CA THR B 154 -0.07 -11.96 -10.37
C THR B 154 0.49 -12.09 -11.77
N GLY B 155 -0.14 -12.90 -12.61
CA GLY B 155 0.37 -13.15 -13.96
C GLY B 155 -0.70 -13.35 -15.00
N GLN B 156 -0.27 -13.85 -16.15
CA GLN B 156 -1.17 -14.15 -17.25
C GLN B 156 -1.18 -15.64 -17.49
N ALA B 157 -2.29 -16.13 -18.04
CA ALA B 157 -2.39 -17.51 -18.49
C ALA B 157 -1.66 -17.65 -19.83
N LEU B 158 -0.79 -18.66 -19.95
CA LEU B 158 0.00 -18.83 -21.16
C LEU B 158 -0.88 -19.26 -22.33
N ALA B 159 -2.05 -19.80 -22.03
CA ALA B 159 -3.05 -20.10 -23.05
C ALA B 159 -3.71 -18.84 -23.64
N SER B 160 -3.65 -17.74 -22.88
CA SER B 160 -4.36 -16.52 -23.24
C SER B 160 -3.56 -15.57 -24.12
N PRO B 161 -4.25 -14.88 -25.06
CA PRO B 161 -3.64 -13.84 -25.88
C PRO B 161 -2.82 -12.85 -25.04
N GLY B 162 -3.27 -12.61 -23.81
CA GLY B 162 -2.61 -11.67 -22.90
C GLY B 162 -1.19 -12.00 -22.49
N SER B 163 -0.78 -13.24 -22.69
CA SER B 163 0.58 -13.68 -22.35
C SER B 163 1.54 -13.45 -23.50
N CYS B 164 1.11 -12.67 -24.48
CA CYS B 164 1.87 -12.43 -25.69
C CYS B 164 1.92 -10.97 -26.11
N LEU B 165 2.73 -10.18 -25.41
CA LEU B 165 2.89 -8.75 -25.72
C LEU B 165 3.73 -8.49 -26.96
N GLU B 166 3.25 -7.57 -27.79
CA GLU B 166 3.87 -7.28 -29.08
C GLU B 166 5.16 -6.48 -28.94
N GLU B 167 5.21 -5.61 -27.94
CA GLU B 167 6.39 -4.80 -27.71
C GLU B 167 7.03 -5.22 -26.38
N PHE B 168 8.26 -5.73 -26.45
CA PHE B 168 8.98 -6.07 -25.23
C PHE B 168 9.40 -4.80 -24.50
N ARG B 169 9.12 -4.75 -23.21
CA ARG B 169 9.60 -3.69 -22.33
C ARG B 169 10.05 -4.28 -20.99
N ALA B 170 11.24 -3.92 -20.55
CA ALA B 170 11.67 -4.29 -19.20
C ALA B 170 10.64 -3.79 -18.21
N SER B 171 10.15 -2.56 -18.41
CA SER B 171 9.12 -1.98 -17.57
C SER B 171 7.81 -1.80 -18.35
N PRO B 172 6.98 -2.85 -18.40
CA PRO B 172 5.74 -2.79 -19.19
C PRO B 172 4.59 -2.03 -18.52
N PHE B 173 4.72 -1.68 -17.24
CA PHE B 173 3.58 -1.12 -16.47
C PHE B 173 3.92 0.01 -15.51
N LEU B 174 2.92 0.80 -15.17
CA LEU B 174 3.08 1.89 -14.22
C LEU B 174 2.31 1.61 -12.93
N GLU B 175 2.90 2.01 -11.81
CA GLU B 175 2.23 1.94 -10.52
C GLU B 175 1.52 3.26 -10.25
N CYS B 176 0.22 3.18 -9.99
CA CYS B 176 -0.64 4.34 -9.69
C CYS B 176 -1.27 4.21 -8.31
N HIS B 177 -1.60 5.35 -7.70
CA HIS B 177 -2.06 5.40 -6.31
C HIS B 177 -3.37 6.15 -6.19
N GLY B 178 -4.12 5.87 -5.10
CA GLY B 178 -5.35 6.58 -4.77
C GLY B 178 -5.17 8.07 -4.56
N ARG B 179 -4.03 8.47 -4.03
CA ARG B 179 -3.68 9.89 -3.85
C ARG B 179 -3.47 10.60 -5.20
N GLY B 180 -3.50 9.84 -6.30
CA GLY B 180 -3.54 10.40 -7.65
C GLY B 180 -2.25 10.36 -8.45
N THR B 181 -1.17 9.88 -7.81
CA THR B 181 0.15 9.85 -8.43
C THR B 181 0.44 8.52 -9.14
N CYS B 182 1.40 8.54 -10.06
CA CYS B 182 1.93 7.34 -10.71
C CYS B 182 3.42 7.49 -10.95
N ASN B 183 4.12 6.36 -10.99
CA ASN B 183 5.56 6.34 -11.20
C ASN B 183 6.05 4.91 -11.48
N TYR B 184 7.23 4.80 -12.07
CA TYR B 184 8.00 3.57 -12.03
C TYR B 184 8.75 3.54 -10.70
N TYR B 185 8.88 2.36 -10.14
CA TYR B 185 9.67 2.17 -8.94
C TYR B 185 10.69 1.04 -9.11
N SER B 186 11.76 1.09 -8.31
CA SER B 186 12.83 0.11 -8.36
C SER B 186 12.34 -1.34 -8.25
N ASN B 187 11.41 -1.59 -7.34
CA ASN B 187 10.91 -2.96 -7.16
C ASN B 187 9.85 -3.41 -8.17
N SER B 188 9.63 -2.62 -9.21
CA SER B 188 8.73 -3.02 -10.28
C SER B 188 9.38 -4.04 -11.20
N TYR B 189 8.85 -5.25 -11.20
CA TYR B 189 9.46 -6.35 -11.95
C TYR B 189 8.52 -6.96 -12.97
N SER B 190 9.08 -7.34 -14.10
CA SER B 190 8.36 -8.07 -15.14
C SER B 190 8.99 -9.46 -15.32
N PHE B 191 8.13 -10.46 -15.47
CA PHE B 191 8.58 -11.82 -15.64
C PHE B 191 8.19 -12.35 -17.01
N TRP B 192 9.17 -12.93 -17.69
CA TRP B 192 8.98 -13.43 -19.05
C TRP B 192 9.49 -14.85 -19.14
N LEU B 193 8.85 -15.66 -19.97
CA LEU B 193 9.36 -17.00 -20.26
C LEU B 193 10.71 -16.86 -20.93
N ALA B 194 11.66 -17.70 -20.55
CA ALA B 194 13.02 -17.61 -21.06
C ALA B 194 13.26 -18.36 -22.38
N SER B 195 14.09 -17.79 -23.23
CA SER B 195 14.57 -18.47 -24.43
C SER B 195 15.61 -19.51 -24.03
N LEU B 196 15.43 -20.75 -24.49
CA LEU B 196 16.28 -21.88 -24.09
C LEU B 196 17.04 -22.52 -25.25
N ASN B 197 18.23 -23.03 -24.94
CA ASN B 197 19.05 -23.80 -25.87
C ASN B 197 18.36 -25.14 -26.15
N PRO B 198 17.97 -25.39 -27.42
CA PRO B 198 17.26 -26.62 -27.79
C PRO B 198 18.08 -27.88 -27.56
N GLU B 199 19.39 -27.75 -27.79
CA GLU B 199 20.33 -28.86 -27.72
C GLU B 199 20.50 -29.39 -26.30
N ARG B 200 20.22 -28.52 -25.33
CA ARG B 200 20.16 -28.94 -23.94
C ARG B 200 18.72 -29.01 -23.46
N MET B 201 18.46 -30.03 -22.65
CA MET B 201 17.28 -30.15 -21.81
C MET B 201 17.69 -31.04 -20.65
N PHE B 202 17.13 -30.76 -19.47
CA PHE B 202 17.48 -31.49 -18.25
C PHE B 202 18.91 -31.26 -17.77
N ARG B 203 19.48 -30.09 -18.00
CA ARG B 203 20.78 -29.73 -17.42
C ARG B 203 20.60 -28.44 -16.69
N LYS B 204 21.56 -28.13 -15.82
CA LYS B 204 21.58 -26.85 -15.11
C LYS B 204 21.23 -25.72 -16.02
N PRO B 205 20.41 -24.79 -15.53
CA PRO B 205 20.29 -23.51 -16.22
C PRO B 205 21.57 -22.71 -16.04
N ILE B 206 21.99 -22.03 -17.11
CA ILE B 206 23.17 -21.18 -17.03
C ILE B 206 22.73 -19.79 -16.59
N PRO B 207 23.15 -19.37 -15.38
CA PRO B 207 22.87 -18.01 -14.95
C PRO B 207 23.30 -17.01 -16.00
N SER B 208 22.47 -16.01 -16.26
CA SER B 208 22.75 -15.01 -17.27
C SER B 208 22.24 -13.64 -16.86
N THR B 209 23.09 -12.63 -17.05
CA THR B 209 22.74 -11.25 -16.75
C THR B 209 23.00 -10.37 -17.97
N VAL B 210 21.95 -9.73 -18.46
CA VAL B 210 21.99 -9.10 -19.76
C VAL B 210 21.44 -7.66 -19.63
N LYS B 211 22.00 -6.74 -20.42
CA LYS B 211 21.68 -5.31 -20.30
C LYS B 211 21.01 -4.78 -21.57
N ALA B 212 20.66 -3.49 -21.55
CA ALA B 212 20.03 -2.82 -22.69
C ALA B 212 20.76 -3.13 -23.99
N GLY B 213 19.98 -3.40 -25.04
CA GLY B 213 20.51 -3.72 -26.37
C GLY B 213 20.53 -5.21 -26.69
N GLU B 214 20.63 -6.04 -25.65
CA GLU B 214 20.72 -7.50 -25.81
C GLU B 214 19.63 -8.27 -25.04
N LEU B 215 18.55 -7.58 -24.68
CA LEU B 215 17.53 -8.16 -23.81
C LEU B 215 16.61 -9.16 -24.51
N GLU B 216 16.07 -8.78 -25.68
CA GLU B 216 15.13 -9.63 -26.39
C GLU B 216 15.76 -10.89 -26.93
N LYS B 217 17.09 -10.98 -26.79
CA LYS B 217 17.86 -12.14 -27.22
C LYS B 217 17.54 -13.36 -26.36
N ILE B 218 17.14 -13.12 -25.12
CA ILE B 218 16.87 -14.20 -24.16
C ILE B 218 15.37 -14.40 -23.82
N ILE B 219 14.50 -13.75 -24.58
CA ILE B 219 13.06 -13.81 -24.35
C ILE B 219 12.39 -14.85 -25.26
N SER B 220 11.54 -15.69 -24.69
CA SER B 220 10.72 -16.62 -25.45
C SER B 220 9.73 -15.88 -26.37
N ARG B 221 9.48 -16.44 -27.54
CA ARG B 221 8.60 -15.82 -28.50
C ARG B 221 7.25 -16.51 -28.55
N CYS B 222 6.26 -15.80 -29.09
CA CYS B 222 4.88 -16.29 -29.08
C CYS B 222 4.04 -15.81 -30.27
N GLN B 223 2.97 -16.56 -30.57
CA GLN B 223 1.97 -16.13 -31.52
C GLN B 223 0.59 -16.31 -30.96
N VAL B 224 -0.29 -15.37 -31.28
CA VAL B 224 -1.71 -15.48 -30.97
C VAL B 224 -2.38 -15.98 -32.25
N CYS B 225 -3.16 -17.06 -32.12
CA CYS B 225 -3.79 -17.71 -33.27
C CYS B 225 -5.29 -17.84 -33.08
N MET B 226 -6.03 -17.86 -34.20
CA MET B 226 -7.46 -18.10 -34.16
C MET B 226 -7.81 -19.27 -35.08
N LYS B 227 -8.78 -20.07 -34.68
CA LYS B 227 -9.24 -21.20 -35.47
C LYS B 227 -9.92 -20.75 -36.76
N LYS B 228 -9.56 -21.38 -37.88
CA LYS B 228 -10.21 -21.14 -39.17
C LYS B 228 -11.44 -22.02 -39.34
N ARG C 4 -25.25 -25.49 -26.52
CA ARG C 4 -24.02 -25.70 -27.33
C ARG C 4 -22.79 -26.00 -26.47
N GLY C 5 -22.93 -25.83 -25.15
CA GLY C 5 -21.86 -26.18 -24.19
C GLY C 5 -21.31 -25.07 -23.33
N PHE C 6 -21.90 -23.87 -23.42
CA PHE C 6 -21.41 -22.72 -22.66
C PHE C 6 -22.12 -22.61 -21.33
N VAL C 7 -21.42 -23.02 -20.27
CA VAL C 7 -21.96 -23.07 -18.92
C VAL C 7 -21.60 -21.81 -18.15
N PHE C 8 -22.60 -21.25 -17.44
CA PHE C 8 -22.38 -20.15 -16.50
C PHE C 8 -23.24 -20.33 -15.24
N THR C 9 -23.07 -19.44 -14.28
CA THR C 9 -23.81 -19.50 -13.02
C THR C 9 -24.50 -18.17 -12.69
N ARG C 10 -25.65 -18.28 -12.04
CA ARG C 10 -26.32 -17.12 -11.48
C ARG C 10 -26.44 -17.30 -9.97
N HIS C 11 -26.29 -16.21 -9.24
CA HIS C 11 -26.36 -16.23 -7.79
C HIS C 11 -27.54 -15.39 -7.29
N SER C 12 -28.37 -15.98 -6.43
CA SER C 12 -29.54 -15.27 -5.92
C SER C 12 -29.17 -14.25 -4.83
N GLN C 13 -28.18 -14.60 -4.01
CA GLN C 13 -27.76 -13.79 -2.83
C GLN C 13 -28.86 -13.76 -1.77
N THR C 14 -29.74 -14.76 -1.85
CA THR C 14 -30.83 -14.98 -0.92
C THR C 14 -30.95 -16.49 -0.73
N THR C 15 -31.88 -16.92 0.12
CA THR C 15 -32.14 -18.34 0.34
C THR C 15 -32.89 -18.99 -0.84
N ALA C 16 -33.36 -18.16 -1.79
CA ALA C 16 -34.12 -18.62 -2.95
C ALA C 16 -33.22 -19.15 -4.08
N ILE C 17 -33.55 -20.34 -4.59
CA ILE C 17 -32.84 -20.89 -5.75
C ILE C 17 -33.20 -20.09 -6.99
N PRO C 18 -32.20 -19.45 -7.62
CA PRO C 18 -32.45 -18.50 -8.72
C PRO C 18 -32.91 -19.18 -10.02
N SER C 19 -33.45 -18.37 -10.93
CA SER C 19 -33.91 -18.86 -12.23
C SER C 19 -32.87 -18.57 -13.30
N CYS C 20 -32.64 -19.54 -14.18
CA CYS C 20 -31.84 -19.34 -15.38
C CYS C 20 -32.50 -18.30 -16.29
N PRO C 21 -31.71 -17.39 -16.90
CA PRO C 21 -32.25 -16.37 -17.80
C PRO C 21 -32.87 -16.95 -19.08
N GLU C 22 -33.63 -16.11 -19.79
CA GLU C 22 -34.34 -16.49 -21.01
C GLU C 22 -33.44 -17.15 -22.06
N GLY C 23 -33.76 -18.38 -22.44
CA GLY C 23 -33.01 -19.12 -23.46
C GLY C 23 -31.96 -20.09 -22.95
N THR C 24 -31.83 -20.19 -21.62
CA THR C 24 -30.85 -21.08 -21.01
C THR C 24 -31.52 -22.15 -20.17
N VAL C 25 -30.84 -23.29 -20.02
CA VAL C 25 -31.38 -24.43 -19.28
C VAL C 25 -30.59 -24.71 -17.98
N PRO C 26 -31.30 -24.96 -16.88
CA PRO C 26 -30.71 -25.29 -15.59
C PRO C 26 -30.14 -26.67 -15.61
N LEU C 27 -28.99 -26.88 -14.99
CA LEU C 27 -28.41 -28.21 -14.95
C LEU C 27 -28.40 -28.72 -13.54
N TYR C 28 -28.02 -27.85 -12.61
CA TYR C 28 -28.21 -28.14 -11.20
C TYR C 28 -28.18 -26.86 -10.39
N SER C 29 -28.43 -27.01 -9.09
CA SER C 29 -28.37 -25.90 -8.17
C SER C 29 -27.54 -26.25 -6.95
N GLY C 30 -27.24 -25.25 -6.14
CA GLY C 30 -26.40 -25.43 -4.96
C GLY C 30 -26.20 -24.14 -4.19
N PHE C 31 -25.02 -24.02 -3.58
CA PHE C 31 -24.72 -22.92 -2.68
C PHE C 31 -23.53 -22.09 -3.19
N SER C 32 -23.59 -20.78 -2.94
CA SER C 32 -22.65 -19.81 -3.53
C SER C 32 -21.24 -19.83 -2.91
N PHE C 33 -20.31 -20.43 -3.64
CA PHE C 33 -18.98 -20.73 -3.13
C PHE C 33 -17.96 -19.75 -3.69
N LEU C 34 -17.44 -18.89 -2.81
CA LEU C 34 -16.57 -17.78 -3.22
C LEU C 34 -15.09 -18.14 -3.23
N PHE C 35 -14.54 -18.47 -2.05
CA PHE C 35 -13.14 -18.92 -1.95
C PHE C 35 -12.80 -19.70 -0.67
N VAL C 36 -11.58 -20.23 -0.63
CA VAL C 36 -11.07 -20.98 0.52
C VAL C 36 -9.72 -20.40 0.95
N GLN C 37 -9.33 -20.71 2.18
CA GLN C 37 -8.01 -20.37 2.68
C GLN C 37 -7.35 -21.58 3.33
N GLY C 38 -6.39 -22.16 2.62
CA GLY C 38 -5.68 -23.32 3.15
C GLY C 38 -4.24 -22.95 3.43
N ASN C 39 -3.78 -23.25 4.65
CA ASN C 39 -2.44 -22.90 5.07
C ASN C 39 -2.16 -21.40 4.84
N GLN C 40 -3.22 -20.62 4.98
CA GLN C 40 -3.20 -19.15 4.85
C GLN C 40 -3.03 -18.63 3.42
N ARG C 41 -3.41 -19.45 2.46
CA ARG C 41 -3.40 -19.02 1.07
C ARG C 41 -4.79 -19.05 0.49
N ALA C 42 -5.24 -17.91 0.00
CA ALA C 42 -6.54 -17.79 -0.63
C ALA C 42 -6.54 -18.34 -2.05
N HIS C 43 -7.60 -19.07 -2.37
CA HIS C 43 -7.87 -19.43 -3.75
C HIS C 43 -9.37 -19.36 -4.01
N GLY C 44 -9.73 -18.63 -5.05
CA GLY C 44 -11.12 -18.34 -5.37
C GLY C 44 -11.63 -19.07 -6.58
N GLN C 45 -12.96 -19.04 -6.73
CA GLN C 45 -13.61 -19.53 -7.93
C GLN C 45 -14.26 -18.36 -8.65
N ASP C 46 -14.23 -18.42 -9.99
CA ASP C 46 -14.97 -17.49 -10.80
C ASP C 46 -16.46 -17.67 -10.52
N LEU C 47 -17.10 -16.60 -10.06
CA LEU C 47 -18.54 -16.61 -9.73
C LEU C 47 -19.47 -16.80 -10.95
N GLY C 48 -18.93 -16.68 -12.16
CA GLY C 48 -19.70 -16.94 -13.37
C GLY C 48 -19.47 -18.32 -13.99
N THR C 49 -18.79 -19.22 -13.26
CA THR C 49 -18.55 -20.59 -13.75
C THR C 49 -19.08 -21.62 -12.76
N LEU C 50 -19.31 -22.85 -13.23
CA LEU C 50 -19.92 -23.89 -12.39
C LEU C 50 -19.20 -24.14 -11.06
N GLY C 51 -17.90 -23.86 -11.02
CA GLY C 51 -17.12 -23.98 -9.79
C GLY C 51 -17.60 -23.12 -8.61
N SER C 52 -18.34 -22.05 -8.89
CA SER C 52 -18.82 -21.18 -7.81
C SER C 52 -20.15 -21.68 -7.25
N CYS C 53 -20.56 -22.85 -7.68
CA CYS C 53 -21.82 -23.43 -7.24
C CYS C 53 -21.66 -24.89 -6.79
N LEU C 54 -21.47 -25.06 -5.49
CA LEU C 54 -21.27 -26.38 -4.92
C LEU C 54 -22.57 -27.04 -4.49
N GLN C 55 -22.68 -28.31 -4.85
CA GLN C 55 -23.86 -29.13 -4.58
C GLN C 55 -24.14 -29.23 -3.07
N ARG C 56 -23.11 -29.49 -2.30
CA ARG C 56 -23.24 -29.58 -0.87
C ARG C 56 -22.57 -28.40 -0.15
N PHE C 57 -23.28 -27.82 0.80
CA PHE C 57 -22.66 -26.83 1.66
C PHE C 57 -21.93 -27.51 2.80
N THR C 58 -20.84 -26.87 3.23
CA THR C 58 -20.14 -27.22 4.47
C THR C 58 -19.19 -26.07 4.79
N THR C 59 -18.84 -25.91 6.07
CA THR C 59 -17.85 -24.91 6.44
C THR C 59 -16.43 -25.33 6.04
N MET C 60 -16.24 -26.61 5.76
CA MET C 60 -14.94 -27.12 5.35
C MET C 60 -15.05 -28.05 4.14
N PRO C 61 -15.08 -27.48 2.93
CA PRO C 61 -15.24 -28.28 1.71
C PRO C 61 -13.96 -28.99 1.23
N PHE C 62 -12.86 -28.82 1.96
CA PHE C 62 -11.60 -29.36 1.49
C PHE C 62 -10.71 -29.93 2.60
N LEU C 63 -9.70 -30.67 2.17
CA LEU C 63 -8.72 -31.25 3.06
C LEU C 63 -7.34 -31.09 2.44
N PHE C 64 -6.30 -31.33 3.22
CA PHE C 64 -4.92 -31.28 2.73
C PHE C 64 -4.12 -32.53 3.08
N CYS C 65 -3.10 -32.82 2.29
CA CYS C 65 -2.27 -34.00 2.47
C CYS C 65 -0.80 -33.61 2.41
N ASN C 66 0.03 -34.28 3.22
CA ASN C 66 1.46 -34.00 3.25
C ASN C 66 2.30 -35.07 2.53
N VAL C 67 3.63 -34.96 2.65
CA VAL C 67 4.58 -35.88 2.00
C VAL C 67 4.76 -37.24 2.71
N ASN C 68 4.26 -37.32 3.94
CA ASN C 68 4.24 -38.58 4.69
C ASN C 68 3.02 -39.42 4.36
N ASP C 69 2.32 -39.03 3.29
CA ASP C 69 1.04 -39.64 2.90
C ASP C 69 -0.03 -39.60 4.01
N VAL C 70 -0.07 -38.49 4.75
CA VAL C 70 -1.09 -38.29 5.78
C VAL C 70 -2.00 -37.13 5.38
N CYS C 71 -3.30 -37.36 5.39
CA CYS C 71 -4.25 -36.28 5.09
C CYS C 71 -5.05 -35.87 6.33
N ASN C 72 -5.38 -34.59 6.38
CA ASN C 72 -6.20 -34.03 7.46
C ASN C 72 -7.43 -33.31 6.94
N PHE C 73 -8.58 -33.62 7.52
CA PHE C 73 -9.82 -32.91 7.23
C PHE C 73 -10.25 -32.14 8.44
N ALA C 74 -10.50 -30.85 8.25
CA ALA C 74 -10.95 -29.94 9.31
C ALA C 74 -10.16 -30.07 10.62
N SER C 75 -8.86 -30.34 10.48
CA SER C 75 -8.00 -30.64 11.63
C SER C 75 -6.92 -29.57 11.88
N ARG C 76 -7.13 -28.38 11.32
CA ARG C 76 -6.24 -27.25 11.54
C ARG C 76 -7.12 -26.02 11.35
N ASN C 77 -6.53 -24.84 11.36
CA ASN C 77 -7.25 -23.58 11.21
C ASN C 77 -7.54 -23.00 9.82
N ASP C 78 -8.21 -23.75 8.96
CA ASP C 78 -8.44 -23.27 7.60
C ASP C 78 -9.84 -22.66 7.41
N TYR C 79 -10.04 -22.01 6.27
CA TYR C 79 -11.23 -21.19 6.05
C TYR C 79 -11.97 -21.58 4.78
N SER C 80 -13.26 -21.22 4.74
CA SER C 80 -14.03 -21.23 3.50
C SER C 80 -15.00 -20.05 3.49
N TYR C 81 -15.31 -19.54 2.28
CA TYR C 81 -16.10 -18.33 2.15
C TYR C 81 -17.22 -18.49 1.14
N TRP C 82 -18.40 -18.01 1.54
CA TRP C 82 -19.61 -18.17 0.74
C TRP C 82 -20.32 -16.84 0.62
N LEU C 83 -20.98 -16.59 -0.50
CA LEU C 83 -21.82 -15.40 -0.61
C LEU C 83 -22.98 -15.53 0.38
N SER C 84 -23.39 -14.41 0.98
CA SER C 84 -24.39 -14.46 2.03
C SER C 84 -25.74 -13.86 1.63
N THR C 85 -26.75 -14.10 2.45
CA THR C 85 -28.09 -13.55 2.26
C THR C 85 -28.17 -12.22 3.02
N PRO C 86 -29.32 -11.52 2.95
CA PRO C 86 -29.45 -10.31 3.77
C PRO C 86 -29.74 -10.57 5.24
N ALA C 87 -29.85 -11.85 5.63
CA ALA C 87 -30.08 -12.25 7.02
C ALA C 87 -29.07 -11.61 7.96
N LEU C 88 -29.58 -10.96 9.00
CA LEU C 88 -28.74 -10.29 10.00
C LEU C 88 -28.20 -11.29 11.03
N MET C 89 -27.18 -10.88 11.78
CA MET C 89 -26.53 -11.75 12.75
C MET C 89 -27.00 -11.50 14.18
N PRO C 90 -27.03 -12.56 15.01
CA PRO C 90 -27.51 -12.46 16.39
C PRO C 90 -26.87 -11.32 17.17
N MET C 91 -27.63 -10.73 18.09
CA MET C 91 -27.19 -9.56 18.84
C MET C 91 -25.90 -9.72 19.62
N ASN C 92 -25.63 -10.94 20.07
CA ASN C 92 -24.41 -11.22 20.84
C ASN C 92 -23.12 -11.09 20.02
N MET C 93 -23.28 -11.08 18.69
CA MET C 93 -22.17 -10.86 17.74
C MET C 93 -21.23 -12.07 17.66
N ALA C 94 -21.65 -13.15 18.30
CA ALA C 94 -20.88 -14.39 18.35
C ALA C 94 -21.08 -15.17 17.06
N PRO C 95 -20.15 -16.10 16.76
CA PRO C 95 -20.27 -16.94 15.57
C PRO C 95 -21.44 -17.92 15.64
N ILE C 96 -21.81 -18.47 14.48
CA ILE C 96 -22.88 -19.46 14.38
C ILE C 96 -22.32 -20.78 13.88
N THR C 97 -22.94 -21.88 14.30
CA THR C 97 -22.58 -23.23 13.85
C THR C 97 -23.84 -23.96 13.36
N GLY C 98 -23.67 -25.20 12.91
CA GLY C 98 -24.78 -26.11 12.65
C GLY C 98 -25.83 -25.64 11.65
N ARG C 99 -27.01 -26.21 11.76
CA ARG C 99 -28.07 -25.96 10.81
C ARG C 99 -28.62 -24.53 10.83
N ALA C 100 -28.26 -23.73 11.85
CA ALA C 100 -28.64 -22.32 11.98
C ALA C 100 -28.03 -21.43 10.88
N LEU C 101 -27.08 -22.01 10.15
CA LEU C 101 -26.42 -21.37 9.01
C LEU C 101 -27.28 -21.32 7.75
N GLU C 102 -28.21 -22.27 7.62
CA GLU C 102 -29.14 -22.43 6.48
C GLU C 102 -29.69 -21.11 5.90
N PRO C 103 -30.17 -20.19 6.78
CA PRO C 103 -30.72 -18.91 6.29
C PRO C 103 -29.68 -17.88 5.82
N TYR C 104 -28.39 -18.19 5.90
CA TYR C 104 -27.36 -17.22 5.56
C TYR C 104 -26.58 -17.50 4.30
N ILE C 105 -26.63 -18.71 3.79
CA ILE C 105 -25.88 -19.05 2.60
C ILE C 105 -26.69 -18.77 1.34
N SER C 106 -26.14 -17.96 0.45
CA SER C 106 -26.73 -17.65 -0.85
C SER C 106 -26.81 -18.91 -1.71
N ARG C 107 -27.77 -18.94 -2.62
CA ARG C 107 -27.98 -20.09 -3.49
C ARG C 107 -27.64 -19.73 -4.93
N CYS C 108 -27.38 -20.76 -5.73
CA CYS C 108 -27.00 -20.55 -7.13
C CYS C 108 -27.57 -21.60 -8.06
N THR C 109 -27.72 -21.23 -9.34
CA THR C 109 -28.13 -22.17 -10.37
C THR C 109 -27.11 -22.15 -11.50
N VAL C 110 -26.62 -23.33 -11.86
CA VAL C 110 -25.75 -23.49 -13.00
C VAL C 110 -26.60 -23.63 -14.26
N CYS C 111 -26.36 -22.76 -15.24
CA CYS C 111 -27.12 -22.74 -16.48
C CYS C 111 -26.26 -23.08 -17.70
N GLU C 112 -26.91 -23.62 -18.72
CA GLU C 112 -26.27 -23.88 -20.02
C GLU C 112 -26.94 -23.05 -21.11
N GLY C 113 -26.14 -22.38 -21.92
CA GLY C 113 -26.63 -21.52 -22.99
C GLY C 113 -26.10 -21.92 -24.36
N PRO C 114 -26.64 -21.30 -25.42
CA PRO C 114 -26.17 -21.54 -26.79
C PRO C 114 -24.91 -20.75 -27.18
N ALA C 115 -24.59 -19.71 -26.42
CA ALA C 115 -23.42 -18.85 -26.72
C ALA C 115 -22.73 -18.29 -25.46
N ILE C 116 -21.56 -17.70 -25.64
CA ILE C 116 -20.75 -17.19 -24.53
C ILE C 116 -21.44 -16.03 -23.83
N ALA C 117 -21.39 -16.06 -22.50
CA ALA C 117 -21.91 -14.97 -21.69
C ALA C 117 -20.77 -14.13 -21.12
N ILE C 118 -20.77 -12.85 -21.45
CA ILE C 118 -19.74 -11.93 -20.97
C ILE C 118 -20.37 -10.88 -20.08
N ALA C 119 -19.54 -10.06 -19.44
CA ALA C 119 -20.02 -8.94 -18.65
C ALA C 119 -19.46 -7.63 -19.19
N VAL C 120 -20.24 -6.56 -19.07
CA VAL C 120 -19.84 -5.24 -19.52
C VAL C 120 -19.99 -4.24 -18.37
N HIS C 121 -19.02 -3.36 -18.20
CA HIS C 121 -19.02 -2.41 -17.09
C HIS C 121 -18.92 -0.95 -17.56
N SER C 122 -19.66 -0.07 -16.88
CA SER C 122 -19.77 1.33 -17.28
C SER C 122 -18.73 2.24 -16.63
N GLN C 123 -18.44 2.00 -15.36
CA GLN C 123 -17.65 2.90 -14.51
C GLN C 123 -18.42 4.19 -14.19
N THR C 124 -19.73 4.14 -14.40
CA THR C 124 -20.66 5.25 -14.13
C THR C 124 -21.94 4.67 -13.52
N THR C 125 -22.82 5.55 -13.03
CA THR C 125 -24.10 5.12 -12.43
C THR C 125 -25.08 4.55 -13.45
N ASP C 126 -24.81 4.79 -14.74
CA ASP C 126 -25.66 4.30 -15.83
C ASP C 126 -25.38 2.85 -16.16
N ILE C 127 -26.44 2.12 -16.51
CA ILE C 127 -26.33 0.75 -16.99
C ILE C 127 -25.66 0.76 -18.37
N PRO C 128 -24.57 -0.02 -18.52
CA PRO C 128 -23.92 -0.11 -19.84
C PRO C 128 -24.76 -0.90 -20.85
N PRO C 129 -24.70 -0.52 -22.13
CA PRO C 129 -25.42 -1.28 -23.14
C PRO C 129 -24.64 -2.53 -23.53
N CYS C 130 -25.36 -3.60 -23.88
CA CYS C 130 -24.73 -4.77 -24.48
C CYS C 130 -24.16 -4.36 -25.83
N PRO C 131 -23.04 -4.98 -26.24
CA PRO C 131 -22.51 -4.75 -27.59
C PRO C 131 -23.53 -5.14 -28.67
N HIS C 132 -23.34 -4.64 -29.89
CA HIS C 132 -24.26 -4.85 -31.03
C HIS C 132 -24.38 -6.33 -31.46
N GLY C 133 -25.55 -6.93 -31.20
CA GLY C 133 -25.80 -8.35 -31.51
C GLY C 133 -25.83 -9.25 -30.30
N TRP C 134 -25.85 -8.63 -29.12
CA TRP C 134 -25.86 -9.35 -27.84
C TRP C 134 -27.16 -9.11 -27.07
N ILE C 135 -27.55 -10.07 -26.24
CA ILE C 135 -28.80 -10.00 -25.46
C ILE C 135 -28.54 -9.90 -23.95
N SER C 136 -29.28 -9.01 -23.29
CA SER C 136 -29.15 -8.80 -21.85
C SER C 136 -29.74 -9.97 -21.04
N LEU C 137 -28.94 -10.48 -20.10
CA LEU C 137 -29.38 -11.54 -19.19
C LEU C 137 -29.78 -10.97 -17.83
N TRP C 138 -28.91 -10.13 -17.26
CA TRP C 138 -29.27 -9.37 -16.05
C TRP C 138 -28.46 -8.10 -15.83
N LYS C 139 -29.01 -7.22 -15.00
CA LYS C 139 -28.39 -5.99 -14.52
C LYS C 139 -27.79 -6.16 -13.13
N GLY C 140 -26.64 -5.55 -12.89
CA GLY C 140 -26.01 -5.62 -11.57
C GLY C 140 -24.95 -4.58 -11.26
N PHE C 141 -24.12 -4.89 -10.26
CA PHE C 141 -23.05 -4.00 -9.80
C PHE C 141 -21.68 -4.64 -9.98
N SER C 142 -20.67 -3.79 -10.19
CA SER C 142 -19.34 -4.24 -10.55
C SER C 142 -18.52 -4.69 -9.32
N PHE C 143 -18.37 -6.01 -9.19
CA PHE C 143 -17.70 -6.63 -8.05
C PHE C 143 -16.34 -7.13 -8.50
N ILE C 144 -15.27 -6.54 -7.95
CA ILE C 144 -13.90 -6.79 -8.44
C ILE C 144 -13.04 -7.70 -7.56
N MET C 145 -12.98 -7.44 -6.25
CA MET C 145 -12.24 -8.34 -5.34
C MET C 145 -12.72 -8.30 -3.89
N PHE C 146 -12.02 -9.04 -3.03
CA PHE C 146 -12.44 -9.23 -1.65
C PHE C 146 -11.27 -9.72 -0.79
N THR C 147 -11.22 -9.26 0.46
CA THR C 147 -10.27 -9.75 1.43
C THR C 147 -10.97 -10.01 2.75
N SER C 148 -10.43 -10.94 3.52
CA SER C 148 -10.91 -11.20 4.87
C SER C 148 -9.73 -11.42 5.81
N ALA C 149 -9.62 -12.62 6.38
CA ALA C 149 -8.62 -12.91 7.41
C ALA C 149 -7.19 -12.96 6.87
N GLY C 150 -6.28 -12.32 7.58
CA GLY C 150 -4.91 -12.13 7.12
C GLY C 150 -4.85 -11.20 5.92
N SER C 151 -5.98 -10.57 5.61
CA SER C 151 -6.21 -9.82 4.38
C SER C 151 -5.92 -10.63 3.12
N GLU C 152 -6.11 -11.94 3.22
CA GLU C 152 -6.04 -12.84 2.07
C GLU C 152 -7.34 -12.79 1.28
N GLY C 153 -7.24 -13.11 0.00
CA GLY C 153 -8.38 -13.06 -0.89
C GLY C 153 -7.98 -13.07 -2.34
N THR C 154 -8.95 -12.81 -3.19
CA THR C 154 -8.73 -12.77 -4.63
C THR C 154 -9.93 -12.02 -5.20
N GLY C 155 -10.13 -12.08 -6.51
CA GLY C 155 -11.25 -11.37 -7.12
C GLY C 155 -11.89 -12.08 -8.29
N GLN C 156 -12.63 -11.30 -9.08
CA GLN C 156 -13.32 -11.80 -10.25
C GLN C 156 -12.75 -11.19 -11.51
N ALA C 157 -12.86 -11.91 -12.63
CA ALA C 157 -12.56 -11.35 -13.94
C ALA C 157 -13.70 -10.45 -14.38
N LEU C 158 -13.37 -9.21 -14.77
CA LEU C 158 -14.38 -8.26 -15.22
C LEU C 158 -15.08 -8.69 -16.50
N ALA C 159 -14.44 -9.58 -17.26
CA ALA C 159 -15.04 -10.18 -18.43
C ALA C 159 -16.12 -11.20 -18.06
N SER C 160 -16.07 -11.73 -16.84
CA SER C 160 -16.93 -12.84 -16.41
C SER C 160 -18.24 -12.36 -15.81
N PRO C 161 -19.33 -13.10 -16.06
CA PRO C 161 -20.61 -12.84 -15.39
C PRO C 161 -20.47 -12.68 -13.87
N GLY C 162 -19.48 -13.35 -13.28
CA GLY C 162 -19.27 -13.29 -11.83
C GLY C 162 -18.91 -11.93 -11.26
N SER C 163 -18.42 -11.04 -12.12
CA SER C 163 -18.07 -9.66 -11.74
C SER C 163 -19.28 -8.72 -11.74
N CYS C 164 -20.48 -9.29 -11.81
CA CYS C 164 -21.70 -8.49 -11.94
C CYS C 164 -22.82 -8.99 -11.03
N LEU C 165 -22.70 -8.69 -9.73
CA LEU C 165 -23.69 -9.11 -8.74
C LEU C 165 -24.96 -8.25 -8.80
N GLU C 166 -26.10 -8.91 -8.75
CA GLU C 166 -27.40 -8.25 -8.92
C GLU C 166 -27.82 -7.46 -7.67
N GLU C 167 -27.39 -7.91 -6.51
CA GLU C 167 -27.71 -7.22 -5.25
C GLU C 167 -26.43 -6.67 -4.62
N PHE C 168 -26.34 -5.35 -4.52
CA PHE C 168 -25.18 -4.75 -3.85
C PHE C 168 -25.29 -4.93 -2.35
N ARG C 169 -24.19 -5.38 -1.75
CA ARG C 169 -24.08 -5.56 -0.30
C ARG C 169 -22.67 -5.16 0.11
N ALA C 170 -22.57 -4.28 1.09
CA ALA C 170 -21.26 -3.95 1.66
C ALA C 170 -20.57 -5.23 2.11
N SER C 171 -21.34 -6.15 2.69
CA SER C 171 -20.84 -7.45 3.14
C SER C 171 -21.47 -8.57 2.33
N PRO C 172 -20.87 -8.92 1.18
CA PRO C 172 -21.46 -9.93 0.31
C PRO C 172 -21.12 -11.36 0.68
N PHE C 173 -20.27 -11.57 1.69
CA PHE C 173 -19.81 -12.93 2.01
C PHE C 173 -19.62 -13.22 3.50
N LEU C 174 -19.65 -14.50 3.86
CA LEU C 174 -19.42 -14.95 5.24
C LEU C 174 -18.12 -15.71 5.34
N GLU C 175 -17.41 -15.53 6.45
CA GLU C 175 -16.21 -16.30 6.73
C GLU C 175 -16.55 -17.51 7.57
N CYS C 176 -16.15 -18.68 7.09
CA CYS C 176 -16.45 -19.96 7.74
C CYS C 176 -15.19 -20.73 8.08
N HIS C 177 -15.27 -21.55 9.13
CA HIS C 177 -14.08 -22.22 9.69
C HIS C 177 -14.19 -23.75 9.75
N GLY C 178 -13.05 -24.41 9.82
CA GLY C 178 -12.98 -25.87 9.94
C GLY C 178 -13.64 -26.38 11.21
N ARG C 179 -13.51 -25.60 12.28
CA ARG C 179 -14.16 -25.88 13.56
C ARG C 179 -15.70 -25.76 13.50
N GLY C 180 -16.22 -25.35 12.35
CA GLY C 180 -17.67 -25.39 12.09
C GLY C 180 -18.43 -24.09 12.23
N THR C 181 -17.74 -23.03 12.64
CA THR C 181 -18.36 -21.73 12.88
C THR C 181 -18.28 -20.81 11.65
N CYS C 182 -19.17 -19.83 11.58
CA CYS C 182 -19.11 -18.76 10.57
C CYS C 182 -19.55 -17.46 11.19
N ASN C 183 -19.06 -16.34 10.65
CA ASN C 183 -19.40 -15.02 11.13
C ASN C 183 -18.95 -13.97 10.13
N TYR C 184 -19.47 -12.75 10.27
CA TYR C 184 -18.87 -11.58 9.66
C TYR C 184 -17.76 -11.12 10.60
N TYR C 185 -16.71 -10.53 10.03
CA TYR C 185 -15.64 -9.93 10.83
C TYR C 185 -15.30 -8.53 10.35
N SER C 186 -14.70 -7.73 11.22
CA SER C 186 -14.36 -6.34 10.93
C SER C 186 -13.46 -6.18 9.72
N ASN C 187 -12.49 -7.07 9.57
CA ASN C 187 -11.59 -7.02 8.41
C ASN C 187 -12.11 -7.62 7.11
N SER C 188 -13.39 -8.02 7.08
CA SER C 188 -13.99 -8.53 5.84
C SER C 188 -14.33 -7.37 4.92
N TYR C 189 -13.70 -7.37 3.75
CA TYR C 189 -13.81 -6.25 2.82
C TYR C 189 -14.30 -6.70 1.44
N SER C 190 -15.14 -5.87 0.84
CA SER C 190 -15.58 -6.04 -0.55
C SER C 190 -15.08 -4.88 -1.40
N PHE C 191 -14.53 -5.22 -2.57
CA PHE C 191 -14.04 -4.19 -3.48
C PHE C 191 -14.90 -4.14 -4.73
N TRP C 192 -15.24 -2.92 -5.14
CA TRP C 192 -16.11 -2.69 -6.29
C TRP C 192 -15.48 -1.64 -7.20
N LEU C 193 -15.70 -1.79 -8.51
CA LEU C 193 -15.35 -0.73 -9.45
C LEU C 193 -16.13 0.52 -9.06
N ALA C 194 -15.48 1.68 -9.16
CA ALA C 194 -16.08 2.94 -8.73
C ALA C 194 -16.82 3.67 -9.86
N SER C 195 -17.93 4.31 -9.50
CA SER C 195 -18.64 5.18 -10.43
C SER C 195 -17.88 6.51 -10.57
N LEU C 196 -17.56 6.89 -11.81
CA LEU C 196 -16.75 8.09 -12.08
C LEU C 196 -17.56 9.11 -12.86
N ASN C 197 -17.32 10.40 -12.61
CA ASN C 197 -18.08 11.41 -13.33
C ASN C 197 -17.36 11.82 -14.63
N PRO C 198 -17.94 11.41 -15.78
CA PRO C 198 -17.47 11.30 -17.18
C PRO C 198 -16.62 12.45 -17.75
N GLU C 199 -16.77 13.63 -17.20
CA GLU C 199 -16.13 14.83 -17.66
C GLU C 199 -14.60 14.86 -17.57
N ARG C 200 -14.09 14.93 -16.35
CA ARG C 200 -12.66 14.89 -16.12
C ARG C 200 -12.11 13.52 -15.77
N MET C 201 -11.48 12.94 -16.78
CA MET C 201 -10.60 11.81 -16.60
C MET C 201 -9.22 12.43 -16.44
N PHE C 202 -8.25 11.58 -16.11
CA PHE C 202 -6.86 12.01 -15.87
C PHE C 202 -6.78 13.14 -14.85
N ARG C 203 -7.73 13.15 -13.93
CA ARG C 203 -7.75 14.10 -12.84
C ARG C 203 -7.78 13.41 -11.49
N LYS C 204 -7.05 13.99 -10.54
CA LYS C 204 -6.90 13.45 -9.19
C LYS C 204 -8.24 12.96 -8.68
N PRO C 205 -8.31 11.69 -8.24
CA PRO C 205 -9.55 11.20 -7.70
C PRO C 205 -9.94 12.00 -6.47
N ILE C 206 -11.23 12.22 -6.28
CA ILE C 206 -11.71 12.92 -5.11
C ILE C 206 -12.04 11.90 -4.02
N PRO C 207 -11.24 11.87 -2.93
CA PRO C 207 -11.54 11.01 -1.79
C PRO C 207 -12.99 11.16 -1.37
N SER C 208 -13.67 10.05 -1.16
CA SER C 208 -15.09 10.06 -0.78
C SER C 208 -15.40 8.98 0.23
N THR C 209 -16.13 9.34 1.29
CA THR C 209 -16.58 8.39 2.30
C THR C 209 -18.10 8.48 2.46
N VAL C 210 -18.82 7.42 2.08
CA VAL C 210 -20.27 7.43 2.18
C VAL C 210 -20.79 6.33 3.10
N LYS C 211 -21.99 6.53 3.65
CA LYS C 211 -22.58 5.61 4.60
C LYS C 211 -23.88 4.98 4.09
N ALA C 212 -24.49 4.15 4.92
CA ALA C 212 -25.74 3.47 4.57
C ALA C 212 -26.78 4.44 3.98
N GLY C 213 -27.41 4.02 2.88
CA GLY C 213 -28.46 4.83 2.25
C GLY C 213 -28.11 5.47 0.91
N GLU C 214 -26.83 5.64 0.62
CA GLU C 214 -26.45 6.21 -0.66
C GLU C 214 -25.40 5.39 -1.38
N LEU C 215 -24.84 4.40 -0.68
CA LEU C 215 -23.70 3.60 -1.15
C LEU C 215 -23.73 3.29 -2.65
N GLU C 216 -24.89 2.89 -3.17
CA GLU C 216 -25.03 2.50 -4.58
C GLU C 216 -24.79 3.65 -5.56
N LYS C 217 -24.81 4.87 -5.04
CA LYS C 217 -24.59 6.08 -5.84
C LYS C 217 -23.17 6.14 -6.41
N ILE C 218 -22.25 5.42 -5.79
CA ILE C 218 -20.83 5.47 -6.16
C ILE C 218 -20.28 4.16 -6.76
N ILE C 219 -21.17 3.22 -7.01
CA ILE C 219 -20.77 1.92 -7.55
C ILE C 219 -20.98 1.90 -9.06
N SER C 220 -19.99 1.36 -9.76
CA SER C 220 -20.08 1.13 -11.20
C SER C 220 -21.16 0.09 -11.49
N ARG C 221 -21.85 0.27 -12.62
CA ARG C 221 -22.91 -0.65 -13.02
C ARG C 221 -22.45 -1.57 -14.14
N CYS C 222 -23.19 -2.66 -14.34
CA CYS C 222 -22.80 -3.69 -15.28
C CYS C 222 -23.98 -4.46 -15.86
N GLN C 223 -23.77 -5.09 -17.01
CA GLN C 223 -24.72 -6.03 -17.59
C GLN C 223 -24.04 -7.30 -18.04
N VAL C 224 -24.75 -8.41 -17.90
CA VAL C 224 -24.30 -9.69 -18.43
C VAL C 224 -25.03 -9.92 -19.75
N CYS C 225 -24.27 -10.17 -20.81
CA CYS C 225 -24.85 -10.32 -22.14
C CYS C 225 -24.49 -11.66 -22.78
N MET C 226 -25.39 -12.17 -23.62
CA MET C 226 -25.14 -13.39 -24.38
C MET C 226 -25.28 -13.08 -25.88
N LYS C 227 -24.42 -13.70 -26.68
CA LYS C 227 -24.42 -13.51 -28.13
C LYS C 227 -25.73 -14.02 -28.76
N LYS C 228 -26.35 -13.15 -29.56
CA LYS C 228 -27.67 -13.40 -30.19
C LYS C 228 -27.55 -13.78 -31.67
N THR D 2 37.10 -1.00 36.23
CA THR D 2 36.50 -2.32 35.91
C THR D 2 35.22 -2.18 35.07
N THR D 3 34.99 -3.16 34.18
CA THR D 3 33.80 -3.24 33.33
C THR D 3 32.58 -3.78 34.10
N ARG D 4 31.40 -3.83 33.46
CA ARG D 4 30.12 -4.17 34.14
C ARG D 4 29.15 -5.15 33.43
N GLY D 5 29.43 -5.50 32.18
CA GLY D 5 28.66 -6.52 31.46
C GLY D 5 27.70 -6.04 30.36
N PHE D 6 27.82 -4.77 29.97
CA PHE D 6 26.96 -4.20 28.94
C PHE D 6 27.63 -4.25 27.59
N VAL D 7 27.22 -5.24 26.80
CA VAL D 7 27.85 -5.50 25.50
C VAL D 7 27.11 -4.79 24.37
N PHE D 8 27.87 -4.21 23.44
CA PHE D 8 27.34 -3.60 22.23
C PHE D 8 28.28 -3.82 21.05
N THR D 9 27.86 -3.42 19.85
CA THR D 9 28.65 -3.62 18.64
C THR D 9 28.85 -2.32 17.88
N ARG D 10 30.02 -2.18 17.26
CA ARG D 10 30.28 -1.13 16.30
C ARG D 10 30.54 -1.75 14.93
N HIS D 11 30.05 -1.08 13.88
CA HIS D 11 30.19 -1.55 12.50
C HIS D 11 30.98 -0.56 11.66
N SER D 12 32.04 -1.03 11.01
CA SER D 12 32.88 -0.14 10.21
C SER D 12 32.21 0.29 8.91
N GLN D 13 31.52 -0.66 8.26
CA GLN D 13 30.91 -0.48 6.92
C GLN D 13 31.99 -0.38 5.86
N THR D 14 33.16 -0.89 6.21
CA THR D 14 34.32 -1.01 5.33
C THR D 14 35.00 -2.36 5.64
N THR D 15 36.11 -2.63 4.95
CA THR D 15 36.87 -3.86 5.20
C THR D 15 37.75 -3.74 6.44
N ALA D 16 37.79 -2.54 7.02
CA ALA D 16 38.58 -2.29 8.21
C ALA D 16 37.86 -2.73 9.48
N ILE D 17 38.53 -3.50 10.33
CA ILE D 17 37.99 -3.86 11.64
C ILE D 17 37.96 -2.61 12.53
N PRO D 18 36.76 -2.22 13.01
CA PRO D 18 36.59 -0.96 13.73
C PRO D 18 37.15 -0.97 15.15
N SER D 19 37.33 0.21 15.72
CA SER D 19 37.85 0.35 17.07
C SER D 19 36.71 0.55 18.05
N CYS D 20 36.82 -0.05 19.23
CA CYS D 20 35.92 0.23 20.33
C CYS D 20 36.09 1.68 20.79
N PRO D 21 34.99 2.36 21.13
CA PRO D 21 35.10 3.74 21.59
C PRO D 21 35.81 3.84 22.94
N GLU D 22 36.34 5.02 23.25
CA GLU D 22 37.10 5.22 24.49
C GLU D 22 36.31 4.77 25.71
N GLY D 23 36.97 4.00 26.57
CA GLY D 23 36.36 3.48 27.80
C GLY D 23 35.81 2.06 27.70
N THR D 24 35.82 1.50 26.49
CA THR D 24 35.25 0.17 26.27
C THR D 24 36.31 -0.81 25.78
N VAL D 25 36.10 -2.10 26.07
CA VAL D 25 37.07 -3.14 25.70
C VAL D 25 36.53 -4.12 24.65
N PRO D 26 37.35 -4.47 23.64
CA PRO D 26 36.96 -5.44 22.61
C PRO D 26 36.83 -6.87 23.16
N LEU D 27 35.79 -7.59 22.74
CA LEU D 27 35.65 -8.99 23.09
C LEU D 27 36.11 -9.86 21.94
N TYR D 28 35.56 -9.60 20.74
CA TYR D 28 36.00 -10.21 19.49
C TYR D 28 35.50 -9.38 18.31
N SER D 29 35.92 -9.79 17.12
CA SER D 29 35.54 -9.12 15.90
C SER D 29 34.98 -10.12 14.93
N GLY D 30 34.33 -9.61 13.87
CA GLY D 30 33.72 -10.46 12.86
C GLY D 30 33.13 -9.66 11.71
N PHE D 31 32.05 -10.18 11.15
CA PHE D 31 31.45 -9.62 9.95
C PHE D 31 30.02 -9.17 10.23
N SER D 32 29.60 -8.10 9.57
CA SER D 32 28.33 -7.43 9.89
C SER D 32 27.08 -8.16 9.39
N PHE D 33 26.36 -8.78 10.33
CA PHE D 33 25.27 -9.70 10.03
C PHE D 33 23.95 -9.02 10.30
N LEU D 34 23.21 -8.71 9.24
CA LEU D 34 21.97 -7.95 9.34
C LEU D 34 20.73 -8.81 9.55
N PHE D 35 20.40 -9.68 8.58
CA PHE D 35 19.28 -10.62 8.70
C PHE D 35 19.32 -11.84 7.76
N VAL D 36 18.40 -12.78 7.98
CA VAL D 36 18.29 -13.98 7.15
C VAL D 36 16.88 -14.11 6.62
N GLN D 37 16.70 -14.93 5.59
CA GLN D 37 15.37 -15.26 5.13
C GLN D 37 15.28 -16.75 4.96
N GLY D 38 14.50 -17.40 5.81
CA GLY D 38 14.30 -18.84 5.73
C GLY D 38 12.86 -19.13 5.45
N ASN D 39 12.62 -19.98 4.46
CA ASN D 39 11.26 -20.31 4.06
C ASN D 39 10.46 -19.03 3.79
N GLN D 40 11.17 -17.99 3.34
CA GLN D 40 10.62 -16.68 2.98
C GLN D 40 10.18 -15.84 4.18
N ARG D 41 10.79 -16.12 5.34
CA ARG D 41 10.48 -15.37 6.56
C ARG D 41 11.73 -14.65 7.05
N ALA D 42 11.67 -13.32 7.10
CA ALA D 42 12.80 -12.53 7.52
C ALA D 42 12.93 -12.52 9.03
N HIS D 43 14.16 -12.60 9.49
CA HIS D 43 14.47 -12.38 10.90
C HIS D 43 15.80 -11.68 11.00
N GLY D 44 15.82 -10.60 11.78
CA GLY D 44 16.98 -9.73 11.85
C GLY D 44 17.65 -9.78 13.19
N GLN D 45 18.86 -9.26 13.25
CA GLN D 45 19.58 -9.07 14.50
C GLN D 45 19.70 -7.58 14.78
N ASP D 46 19.67 -7.22 16.06
CA ASP D 46 19.92 -5.87 16.48
C ASP D 46 21.39 -5.54 16.18
N LEU D 47 21.62 -4.53 15.34
CA LEU D 47 22.97 -4.12 14.95
C LEU D 47 23.82 -3.57 16.10
N GLY D 48 23.19 -3.25 17.23
CA GLY D 48 23.90 -2.80 18.42
C GLY D 48 24.15 -3.88 19.46
N THR D 49 23.92 -5.14 19.12
CA THR D 49 24.18 -6.26 20.03
C THR D 49 25.14 -7.27 19.39
N LEU D 50 25.73 -8.14 20.21
CA LEU D 50 26.73 -9.09 19.72
C LEU D 50 26.21 -10.00 18.61
N GLY D 51 24.89 -10.17 18.57
CA GLY D 51 24.23 -10.95 17.52
C GLY D 51 24.49 -10.47 16.09
N SER D 52 24.74 -9.17 15.93
CA SER D 52 25.01 -8.61 14.61
C SER D 52 26.47 -8.75 14.17
N CYS D 53 27.26 -9.44 14.97
CA CYS D 53 28.66 -9.66 14.65
C CYS D 53 29.07 -11.13 14.66
N LEU D 54 29.00 -11.77 13.49
CA LEU D 54 29.40 -13.17 13.40
C LEU D 54 30.87 -13.34 13.08
N GLN D 55 31.52 -14.20 13.85
CA GLN D 55 32.93 -14.49 13.66
C GLN D 55 33.14 -14.98 12.23
N ARG D 56 32.42 -16.04 11.86
CA ARG D 56 32.54 -16.61 10.53
C ARG D 56 31.59 -15.93 9.55
N PHE D 57 32.10 -15.56 8.37
CA PHE D 57 31.21 -15.18 7.28
C PHE D 57 30.87 -16.42 6.47
N THR D 58 29.67 -16.41 5.89
CA THR D 58 29.24 -17.39 4.89
C THR D 58 27.94 -16.87 4.30
N THR D 59 27.64 -17.26 3.06
CA THR D 59 26.40 -16.81 2.43
C THR D 59 25.20 -17.55 3.00
N MET D 60 25.48 -18.66 3.71
CA MET D 60 24.44 -19.47 4.34
C MET D 60 24.81 -19.86 5.77
N PRO D 61 24.55 -18.97 6.75
CA PRO D 61 24.91 -19.23 8.15
C PRO D 61 23.94 -20.12 8.90
N PHE D 62 22.93 -20.66 8.22
CA PHE D 62 21.90 -21.42 8.91
C PHE D 62 21.33 -22.60 8.10
N LEU D 63 20.59 -23.44 8.80
CA LEU D 63 20.00 -24.63 8.24
C LEU D 63 18.63 -24.79 8.86
N PHE D 64 17.81 -25.65 8.27
CA PHE D 64 16.48 -25.92 8.81
C PHE D 64 16.24 -27.42 8.93
N CYS D 65 15.36 -27.80 9.86
CA CYS D 65 15.04 -29.21 10.08
C CYS D 65 13.55 -29.40 10.13
N ASN D 66 13.07 -30.54 9.64
CA ASN D 66 11.64 -30.84 9.60
C ASN D 66 11.20 -31.86 10.66
N VAL D 67 9.93 -32.26 10.61
CA VAL D 67 9.36 -33.17 11.61
C VAL D 67 9.74 -34.64 11.38
N ASN D 68 10.27 -34.95 10.21
CA ASN D 68 10.81 -36.27 9.90
C ASN D 68 12.25 -36.43 10.39
N ASP D 69 12.71 -35.50 11.22
CA ASP D 69 14.10 -35.47 11.74
C ASP D 69 15.16 -35.39 10.63
N VAL D 70 14.84 -34.69 9.55
CA VAL D 70 15.79 -34.47 8.46
C VAL D 70 16.19 -32.98 8.41
N CYS D 71 17.49 -32.72 8.40
CA CYS D 71 17.97 -31.34 8.25
C CYS D 71 18.62 -31.09 6.89
N ASN D 72 18.44 -29.86 6.41
CA ASN D 72 19.03 -29.43 5.16
C ASN D 72 19.86 -28.17 5.34
N PHE D 73 21.06 -28.20 4.79
CA PHE D 73 21.92 -27.02 4.76
C PHE D 73 22.11 -26.56 3.32
N ALA D 74 21.84 -25.28 3.09
CA ALA D 74 21.98 -24.65 1.77
C ALA D 74 21.40 -25.48 0.62
N SER D 75 20.32 -26.19 0.91
CA SER D 75 19.73 -27.12 -0.05
C SER D 75 18.38 -26.65 -0.61
N ARG D 76 18.09 -25.37 -0.42
CA ARG D 76 16.85 -24.77 -0.90
C ARG D 76 17.17 -23.31 -1.17
N ASN D 77 16.17 -22.52 -1.52
CA ASN D 77 16.37 -21.11 -1.83
C ASN D 77 16.33 -20.03 -0.74
N ASP D 78 17.18 -20.18 0.27
CA ASP D 78 17.15 -19.25 1.40
C ASP D 78 18.19 -18.13 1.30
N TYR D 79 18.07 -17.12 2.16
CA TYR D 79 18.84 -15.88 2.03
C TYR D 79 19.58 -15.52 3.31
N SER D 80 20.62 -14.70 3.15
CA SER D 80 21.28 -14.03 4.27
C SER D 80 21.74 -12.66 3.83
N TYR D 81 21.76 -11.72 4.77
CA TYR D 81 22.05 -10.33 4.48
C TYR D 81 23.09 -9.75 5.41
N TRP D 82 24.03 -9.02 4.81
CA TRP D 82 25.16 -8.49 5.54
C TRP D 82 25.34 -7.04 5.16
N LEU D 83 25.80 -6.21 6.09
CA LEU D 83 26.13 -4.82 5.77
C LEU D 83 27.32 -4.82 4.81
N SER D 84 27.31 -3.91 3.83
CA SER D 84 28.32 -3.92 2.78
C SER D 84 29.34 -2.78 2.90
N THR D 85 30.41 -2.88 2.11
CA THR D 85 31.45 -1.85 2.05
C THR D 85 31.10 -0.89 0.90
N PRO D 86 31.94 0.15 0.66
CA PRO D 86 31.71 1.01 -0.52
C PRO D 86 32.11 0.37 -1.85
N ALA D 87 32.70 -0.82 -1.79
CA ALA D 87 33.20 -1.54 -2.99
C ALA D 87 32.16 -1.68 -4.09
N LEU D 88 32.60 -1.46 -5.32
CA LEU D 88 31.74 -1.46 -6.53
C LEU D 88 31.47 -2.86 -7.06
N MET D 89 30.31 -3.05 -7.70
CA MET D 89 30.00 -4.32 -8.35
C MET D 89 30.48 -4.32 -9.80
N PRO D 90 30.96 -5.49 -10.28
CA PRO D 90 31.42 -5.67 -11.67
C PRO D 90 30.43 -5.13 -12.70
N MET D 91 30.97 -4.64 -13.82
CA MET D 91 30.19 -4.02 -14.92
C MET D 91 29.08 -4.90 -15.49
N ASN D 92 29.30 -6.20 -15.49
CA ASN D 92 28.32 -7.15 -16.03
C ASN D 92 27.02 -7.24 -15.22
N MET D 93 27.06 -6.71 -13.99
CA MET D 93 25.90 -6.64 -13.08
C MET D 93 25.50 -8.00 -12.53
N ALA D 94 26.30 -9.01 -12.84
CA ALA D 94 26.09 -10.39 -12.41
C ALA D 94 26.46 -10.56 -10.95
N PRO D 95 25.92 -11.61 -10.30
CA PRO D 95 26.28 -11.94 -8.92
C PRO D 95 27.72 -12.41 -8.77
N ILE D 96 28.22 -12.41 -7.54
CA ILE D 96 29.57 -12.84 -7.20
C ILE D 96 29.53 -14.06 -6.30
N THR D 97 30.57 -14.90 -6.37
CA THR D 97 30.69 -16.07 -5.51
C THR D 97 32.10 -16.16 -4.91
N GLY D 98 32.31 -17.12 -4.02
CA GLY D 98 33.64 -17.42 -3.48
C GLY D 98 34.37 -16.29 -2.78
N ARG D 99 35.70 -16.40 -2.75
CA ARG D 99 36.53 -15.43 -2.02
C ARG D 99 36.54 -14.00 -2.59
N ALA D 100 35.86 -13.78 -3.72
CA ALA D 100 35.73 -12.44 -4.32
C ALA D 100 34.79 -11.56 -3.53
N LEU D 101 34.09 -12.17 -2.57
CA LEU D 101 33.15 -11.48 -1.67
C LEU D 101 33.84 -10.72 -0.55
N GLU D 102 35.04 -11.15 -0.20
CA GLU D 102 35.80 -10.58 0.90
C GLU D 102 35.86 -9.03 0.95
N PRO D 103 36.10 -8.35 -0.21
CA PRO D 103 36.10 -6.88 -0.22
C PRO D 103 34.72 -6.21 -0.03
N TYR D 104 33.65 -7.00 0.04
CA TYR D 104 32.29 -6.45 0.06
C TYR D 104 31.61 -6.44 1.43
N ILE D 105 32.06 -7.34 2.30
CA ILE D 105 31.43 -7.54 3.60
C ILE D 105 32.00 -6.57 4.64
N SER D 106 31.11 -5.83 5.29
CA SER D 106 31.48 -4.92 6.39
C SER D 106 31.98 -5.73 7.59
N ARG D 107 32.88 -5.12 8.34
CA ARG D 107 33.41 -5.73 9.56
C ARG D 107 32.87 -5.04 10.82
N CYS D 108 32.93 -5.75 11.94
CA CYS D 108 32.40 -5.27 13.21
C CYS D 108 33.27 -5.65 14.40
N THR D 109 33.19 -4.85 15.46
CA THR D 109 33.85 -5.20 16.73
C THR D 109 32.80 -5.23 17.86
N VAL D 110 32.81 -6.33 18.62
CA VAL D 110 31.96 -6.46 19.80
C VAL D 110 32.70 -5.91 21.01
N CYS D 111 32.11 -4.90 21.66
CA CYS D 111 32.74 -4.17 22.78
C CYS D 111 31.98 -4.37 24.09
N GLU D 112 32.69 -4.21 25.21
CA GLU D 112 32.10 -4.27 26.55
C GLU D 112 32.34 -2.95 27.28
N GLY D 113 31.28 -2.39 27.86
CA GLY D 113 31.37 -1.12 28.56
C GLY D 113 30.97 -1.22 30.01
N PRO D 114 31.19 -0.15 30.79
CA PRO D 114 30.74 -0.10 32.19
C PRO D 114 29.25 0.22 32.39
N ALA D 115 28.59 0.75 31.35
CA ALA D 115 27.17 1.13 31.43
C ALA D 115 26.43 0.96 30.10
N ILE D 116 25.11 1.11 30.13
CA ILE D 116 24.26 0.93 28.94
C ILE D 116 24.53 1.99 27.86
N ALA D 117 24.61 1.53 26.62
CA ALA D 117 24.74 2.43 25.47
C ALA D 117 23.41 2.55 24.74
N ILE D 118 22.91 3.78 24.64
CA ILE D 118 21.66 4.07 23.95
C ILE D 118 21.91 4.93 22.71
N ALA D 119 20.86 5.15 21.92
CA ALA D 119 20.93 6.04 20.78
C ALA D 119 19.86 7.11 20.89
N VAL D 120 20.19 8.30 20.39
CA VAL D 120 19.30 9.47 20.43
C VAL D 120 19.15 9.99 19.01
N HIS D 121 17.94 10.40 18.65
CA HIS D 121 17.64 10.82 17.28
C HIS D 121 17.07 12.23 17.24
N SER D 122 17.44 13.00 16.22
CA SER D 122 17.01 14.40 16.12
C SER D 122 15.73 14.59 15.30
N GLN D 123 15.65 13.88 14.17
CA GLN D 123 14.61 14.10 13.13
C GLN D 123 14.86 15.42 12.39
N THR D 124 16.10 15.91 12.50
CA THR D 124 16.55 17.14 11.84
C THR D 124 17.98 16.91 11.36
N THR D 125 18.51 17.86 10.59
CA THR D 125 19.88 17.76 10.09
C THR D 125 20.94 17.95 11.19
N ASP D 126 20.52 18.44 12.35
CA ASP D 126 21.43 18.70 13.45
C ASP D 126 21.71 17.44 14.27
N ILE D 127 22.94 17.32 14.78
CA ILE D 127 23.28 16.23 15.68
C ILE D 127 22.56 16.44 17.01
N PRO D 128 21.86 15.40 17.50
CA PRO D 128 21.21 15.51 18.81
C PRO D 128 22.22 15.47 19.97
N PRO D 129 21.91 16.15 21.08
CA PRO D 129 22.78 16.07 22.23
C PRO D 129 22.49 14.83 23.06
N CYS D 130 23.52 14.23 23.62
CA CYS D 130 23.35 13.20 24.64
C CYS D 130 22.58 13.82 25.81
N PRO D 131 21.72 13.03 26.47
CA PRO D 131 21.07 13.48 27.70
C PRO D 131 22.10 13.85 28.78
N HIS D 132 21.67 14.53 29.83
CA HIS D 132 22.60 15.01 30.85
C HIS D 132 23.20 13.90 31.70
N GLY D 133 24.53 13.80 31.67
CA GLY D 133 25.26 12.77 32.40
C GLY D 133 25.72 11.63 31.51
N TRP D 134 25.56 11.80 30.20
CA TRP D 134 25.92 10.78 29.23
C TRP D 134 27.08 11.23 28.34
N ILE D 135 27.81 10.26 27.79
CA ILE D 135 29.00 10.52 26.99
C ILE D 135 28.79 10.06 25.55
N SER D 136 29.26 10.87 24.59
CA SER D 136 29.14 10.56 23.18
C SER D 136 30.14 9.48 22.75
N LEU D 137 29.66 8.45 22.06
CA LEU D 137 30.51 7.39 21.52
C LEU D 137 30.78 7.56 20.03
N TRP D 138 29.72 7.82 19.25
CA TRP D 138 29.85 8.21 17.84
C TRP D 138 28.63 8.92 17.24
N LYS D 139 28.91 9.72 16.20
CA LYS D 139 27.89 10.38 15.37
C LYS D 139 27.43 9.41 14.28
N GLY D 140 26.16 9.54 13.87
CA GLY D 140 25.61 8.73 12.77
C GLY D 140 24.30 9.17 12.17
N PHE D 141 23.72 8.29 11.35
CA PHE D 141 22.46 8.54 10.65
C PHE D 141 21.39 7.56 11.13
N SER D 142 20.14 8.01 11.18
CA SER D 142 19.03 7.22 11.72
C SER D 142 18.54 6.13 10.75
N PHE D 143 18.91 4.88 11.04
CA PHE D 143 18.60 3.74 10.17
C PHE D 143 17.48 2.96 10.82
N ILE D 144 16.30 2.96 10.19
CA ILE D 144 15.10 2.37 10.82
C ILE D 144 14.71 0.96 10.32
N MET D 145 14.58 0.77 9.01
CA MET D 145 14.27 -0.57 8.49
C MET D 145 14.79 -0.88 7.07
N PHE D 146 14.50 -2.08 6.58
CA PHE D 146 15.05 -2.55 5.31
C PHE D 146 14.22 -3.68 4.72
N THR D 147 14.06 -3.67 3.39
CA THR D 147 13.41 -4.77 2.69
C THR D 147 14.24 -5.18 1.49
N SER D 148 14.15 -6.44 1.11
CA SER D 148 14.81 -6.93 -0.10
C SER D 148 13.88 -7.88 -0.85
N ALA D 149 14.26 -9.14 -1.00
CA ALA D 149 13.48 -10.10 -1.78
C ALA D 149 12.12 -10.43 -1.14
N GLY D 150 11.10 -10.44 -1.97
CA GLY D 150 9.72 -10.65 -1.51
C GLY D 150 9.26 -9.50 -0.65
N SER D 151 10.02 -8.40 -0.70
CA SER D 151 9.90 -7.27 0.23
C SER D 151 9.85 -7.71 1.70
N GLU D 152 10.51 -8.83 2.00
CA GLU D 152 10.68 -9.25 3.39
C GLU D 152 11.78 -8.42 4.01
N GLY D 153 11.74 -8.30 5.33
CA GLY D 153 12.72 -7.54 6.07
C GLY D 153 12.25 -7.23 7.46
N THR D 154 13.02 -6.41 8.15
CA THR D 154 12.71 -5.98 9.50
C THR D 154 13.50 -4.70 9.73
N GLY D 155 13.58 -4.26 10.99
CA GLY D 155 14.29 -3.03 11.32
C GLY D 155 15.12 -3.06 12.60
N GLN D 156 15.51 -1.87 13.04
CA GLN D 156 16.31 -1.70 14.24
C GLN D 156 15.49 -0.92 15.24
N ALA D 157 15.76 -1.15 16.52
CA ALA D 157 15.18 -0.38 17.61
C ALA D 157 15.88 0.98 17.63
N LEU D 158 15.09 2.04 17.66
CA LEU D 158 15.63 3.39 17.68
C LEU D 158 16.40 3.68 18.98
N ALA D 159 16.08 2.94 20.04
CA ALA D 159 16.80 3.02 21.31
C ALA D 159 18.19 2.39 21.23
N SER D 160 18.39 1.50 20.26
CA SER D 160 19.62 0.72 20.12
C SER D 160 20.69 1.44 19.31
N PRO D 161 21.98 1.27 19.69
CA PRO D 161 23.12 1.75 18.91
C PRO D 161 23.05 1.35 17.44
N GLY D 162 22.44 0.21 17.17
CA GLY D 162 22.24 -0.31 15.81
C GLY D 162 21.43 0.57 14.87
N SER D 163 20.64 1.50 15.43
CA SER D 163 19.81 2.40 14.64
C SER D 163 20.57 3.65 14.20
N CYS D 164 21.89 3.65 14.40
CA CYS D 164 22.71 4.83 14.18
C CYS D 164 23.96 4.47 13.39
N LEU D 165 23.82 4.37 12.08
CA LEU D 165 24.94 4.03 11.21
C LEU D 165 25.81 5.24 10.91
N GLU D 166 27.11 5.04 10.99
CA GLU D 166 28.03 6.15 10.91
C GLU D 166 28.30 6.57 9.49
N GLU D 167 28.14 5.67 8.54
CA GLU D 167 28.25 6.01 7.11
C GLU D 167 26.91 5.82 6.43
N PHE D 168 26.35 6.91 5.88
CA PHE D 168 25.11 6.80 5.13
C PHE D 168 25.36 6.17 3.76
N ARG D 169 24.54 5.18 3.44
CA ARG D 169 24.57 4.51 2.15
C ARG D 169 23.13 4.24 1.71
N ALA D 170 22.77 4.62 0.50
CA ALA D 170 21.50 4.22 -0.08
C ALA D 170 21.35 2.70 -0.08
N SER D 171 22.45 1.98 -0.33
CA SER D 171 22.49 0.53 -0.29
C SER D 171 23.45 0.04 0.80
N PRO D 172 22.95 -0.10 2.04
CA PRO D 172 23.84 -0.44 3.13
C PRO D 172 24.11 -1.94 3.27
N PHE D 173 23.48 -2.77 2.44
CA PHE D 173 23.55 -4.23 2.61
C PHE D 173 23.56 -5.04 1.32
N LEU D 174 24.06 -6.27 1.40
CA LEU D 174 24.12 -7.19 0.26
C LEU D 174 23.23 -8.40 0.47
N GLU D 175 22.57 -8.82 -0.59
CA GLU D 175 21.75 -10.02 -0.59
C GLU D 175 22.58 -11.24 -0.98
N CYS D 176 22.59 -12.24 -0.11
CA CYS D 176 23.36 -13.46 -0.31
C CYS D 176 22.48 -14.70 -0.29
N HIS D 177 22.90 -15.75 -1.00
CA HIS D 177 22.08 -16.94 -1.26
C HIS D 177 22.76 -18.23 -0.85
N GLY D 178 21.95 -19.25 -0.55
CA GLY D 178 22.45 -20.60 -0.24
C GLY D 178 23.33 -21.20 -1.33
N ARG D 179 22.99 -20.93 -2.58
CA ARG D 179 23.76 -21.37 -3.75
C ARG D 179 25.14 -20.70 -3.82
N GLY D 180 25.39 -19.77 -2.91
CA GLY D 180 26.72 -19.18 -2.76
C GLY D 180 26.94 -17.81 -3.35
N THR D 181 25.95 -17.28 -4.08
CA THR D 181 26.06 -15.97 -4.73
C THR D 181 25.60 -14.80 -3.84
N CYS D 182 26.09 -13.59 -4.15
CA CYS D 182 25.60 -12.35 -3.55
C CYS D 182 25.48 -11.24 -4.59
N ASN D 183 24.59 -10.28 -4.36
CA ASN D 183 24.41 -9.16 -5.28
C ASN D 183 23.54 -8.07 -4.67
N TYR D 184 23.61 -6.88 -5.24
CA TYR D 184 22.59 -5.87 -5.01
C TYR D 184 21.47 -6.16 -5.99
N TYR D 185 20.23 -5.86 -5.58
CA TYR D 185 19.08 -6.02 -6.45
C TYR D 185 18.21 -4.77 -6.41
N SER D 186 17.41 -4.58 -7.46
CA SER D 186 16.58 -3.37 -7.60
C SER D 186 15.61 -3.17 -6.46
N ASN D 187 15.05 -4.26 -5.95
CA ASN D 187 14.11 -4.16 -4.83
C ASN D 187 14.75 -4.11 -3.43
N SER D 188 16.07 -3.93 -3.38
CA SER D 188 16.76 -3.75 -2.11
C SER D 188 16.53 -2.32 -1.62
N TYR D 189 15.85 -2.17 -0.51
CA TYR D 189 15.53 -0.86 0.03
C TYR D 189 16.07 -0.63 1.45
N SER D 190 16.45 0.61 1.71
CA SER D 190 16.86 1.04 3.03
C SER D 190 15.89 2.13 3.52
N PHE D 191 15.48 2.02 4.77
CA PHE D 191 14.59 3.03 5.34
C PHE D 191 15.27 3.81 6.46
N TRP D 192 15.11 5.12 6.42
CA TRP D 192 15.75 6.01 7.36
C TRP D 192 14.71 6.98 7.91
N LEU D 193 14.89 7.40 9.16
CA LEU D 193 14.09 8.49 9.72
C LEU D 193 14.37 9.76 8.95
N ALA D 194 13.32 10.54 8.71
CA ALA D 194 13.46 11.71 7.86
C ALA D 194 13.80 12.99 8.64
N SER D 195 14.66 13.82 8.03
CA SER D 195 14.95 15.17 8.54
C SER D 195 13.74 16.05 8.27
N LEU D 196 13.22 16.71 9.29
CA LEU D 196 11.97 17.43 9.11
C LEU D 196 12.11 18.89 9.43
N ASN D 197 11.15 19.67 8.96
CA ASN D 197 11.07 21.08 9.29
C ASN D 197 10.60 21.28 10.72
N PRO D 198 11.41 21.99 11.51
CA PRO D 198 11.04 22.30 12.87
C PRO D 198 9.87 23.26 12.97
N GLU D 199 9.55 24.00 11.91
CA GLU D 199 8.38 24.89 11.88
C GLU D 199 7.08 24.28 11.36
N ARG D 200 7.21 23.20 10.60
CA ARG D 200 6.08 22.68 9.85
C ARG D 200 5.39 21.54 10.56
N MET D 201 5.34 21.51 11.88
CA MET D 201 4.68 20.37 12.59
C MET D 201 3.17 20.29 12.39
N PHE D 202 2.67 19.07 12.26
CA PHE D 202 1.26 18.81 12.12
C PHE D 202 0.64 19.25 10.81
N ARG D 203 1.38 19.14 9.73
CA ARG D 203 0.81 19.47 8.45
C ARG D 203 1.18 18.38 7.48
N LYS D 204 0.44 18.28 6.39
CA LYS D 204 0.81 17.43 5.28
C LYS D 204 2.32 17.47 5.00
N PRO D 205 2.96 16.30 4.98
CA PRO D 205 4.35 16.21 4.56
C PRO D 205 4.51 16.68 3.11
N ILE D 206 5.64 17.27 2.79
CA ILE D 206 5.94 17.68 1.43
C ILE D 206 6.68 16.55 0.73
N PRO D 207 6.03 15.90 -0.26
CA PRO D 207 6.70 14.86 -1.04
C PRO D 207 8.02 15.37 -1.62
N SER D 208 9.07 14.56 -1.53
CA SER D 208 10.40 14.96 -1.95
C SER D 208 11.18 13.79 -2.56
N THR D 209 11.81 14.05 -3.71
CA THR D 209 12.63 13.06 -4.41
C THR D 209 14.03 13.63 -4.70
N VAL D 210 15.03 13.12 -3.99
CA VAL D 210 16.40 13.60 -4.19
C VAL D 210 17.32 12.52 -4.75
N LYS D 211 18.38 12.97 -5.41
CA LYS D 211 19.33 12.13 -6.11
C LYS D 211 20.74 12.23 -5.49
N ALA D 212 21.67 11.39 -5.97
CA ALA D 212 23.06 11.38 -5.50
C ALA D 212 23.60 12.79 -5.30
N GLY D 213 24.30 13.01 -4.20
CA GLY D 213 24.90 14.30 -3.90
C GLY D 213 24.17 15.18 -2.91
N GLU D 214 22.87 14.94 -2.75
CA GLU D 214 22.04 15.73 -1.83
C GLU D 214 21.11 14.83 -0.97
N LEU D 215 21.57 13.62 -0.71
CA LEU D 215 20.77 12.61 0.00
C LEU D 215 20.82 12.82 1.50
N GLU D 216 22.02 13.07 2.03
CA GLU D 216 22.19 13.29 3.46
C GLU D 216 21.46 14.56 3.93
N LYS D 217 21.06 15.39 2.98
CA LYS D 217 20.32 16.62 3.23
C LYS D 217 18.97 16.36 3.90
N ILE D 218 18.46 15.15 3.74
CA ILE D 218 17.13 14.81 4.22
C ILE D 218 17.08 13.66 5.24
N ILE D 219 18.24 13.28 5.77
CA ILE D 219 18.34 12.19 6.74
C ILE D 219 18.44 12.70 8.18
N SER D 220 17.64 12.10 9.07
CA SER D 220 17.72 12.35 10.51
C SER D 220 19.07 11.92 11.09
N ARG D 221 19.58 12.70 12.04
CA ARG D 221 20.88 12.43 12.62
C ARG D 221 20.74 11.83 14.01
N CYS D 222 21.82 11.23 14.50
CA CYS D 222 21.79 10.48 15.74
C CYS D 222 23.15 10.40 16.44
N GLN D 223 23.09 10.13 17.74
CA GLN D 223 24.29 9.90 18.53
C GLN D 223 24.10 8.68 19.43
N VAL D 224 25.17 7.90 19.58
CA VAL D 224 25.17 6.79 20.52
C VAL D 224 25.84 7.29 21.80
N CYS D 225 25.16 7.12 22.92
CA CYS D 225 25.65 7.67 24.19
C CYS D 225 25.80 6.60 25.26
N MET D 226 26.76 6.80 26.17
CA MET D 226 26.94 5.92 27.32
C MET D 226 26.89 6.71 28.64
N LYS D 227 26.27 6.11 29.65
CA LYS D 227 26.17 6.72 30.97
C LYS D 227 27.56 6.78 31.66
N LYS D 228 27.87 7.93 32.28
CA LYS D 228 29.16 8.12 32.97
C LYS D 228 29.19 7.43 34.32
N ARG E 4 21.44 5.57 36.76
CA ARG E 4 22.49 4.55 36.44
C ARG E 4 22.54 4.17 34.95
N GLY E 5 21.52 4.58 34.18
CA GLY E 5 21.52 4.37 32.72
C GLY E 5 20.35 3.59 32.13
N PHE E 6 19.38 3.22 32.97
CA PHE E 6 18.27 2.40 32.51
C PHE E 6 17.07 3.24 32.08
N VAL E 7 16.93 3.39 30.78
CA VAL E 7 15.92 4.26 30.19
C VAL E 7 14.66 3.46 29.85
N PHE E 8 13.49 4.02 30.18
CA PHE E 8 12.20 3.48 29.76
C PHE E 8 11.24 4.60 29.39
N THR E 9 10.03 4.25 28.96
CA THR E 9 9.04 5.24 28.52
C THR E 9 7.67 5.01 29.18
N ARG E 10 6.96 6.09 29.45
CA ARG E 10 5.58 5.99 29.87
C ARG E 10 4.69 6.64 28.82
N HIS E 11 3.49 6.10 28.63
CA HIS E 11 2.55 6.61 27.64
C HIS E 11 1.24 7.02 28.30
N SER E 12 0.82 8.25 28.04
CA SER E 12 -0.37 8.80 28.68
C SER E 12 -1.65 8.26 28.05
N GLN E 13 -1.62 8.04 26.74
CA GLN E 13 -2.80 7.66 25.94
C GLN E 13 -3.86 8.75 25.96
N THR E 14 -3.39 9.97 26.21
CA THR E 14 -4.20 11.19 26.19
C THR E 14 -3.32 12.30 25.64
N THR E 15 -3.88 13.49 25.51
CA THR E 15 -3.11 14.66 25.04
C THR E 15 -2.18 15.20 26.14
N ALA E 16 -2.30 14.66 27.36
CA ALA E 16 -1.51 15.12 28.49
C ALA E 16 -0.14 14.46 28.54
N ILE E 17 0.91 15.27 28.71
CA ILE E 17 2.26 14.74 28.87
C ILE E 17 2.38 14.02 30.23
N PRO E 18 2.70 12.72 30.22
CA PRO E 18 2.68 11.91 31.44
C PRO E 18 3.83 12.22 32.40
N SER E 19 3.71 11.77 33.65
CA SER E 19 4.73 11.97 34.66
C SER E 19 5.59 10.73 34.80
N CYS E 20 6.90 10.93 34.96
CA CYS E 20 7.80 9.86 35.34
C CYS E 20 7.46 9.35 36.75
N PRO E 21 7.47 8.01 36.95
CA PRO E 21 7.14 7.44 38.25
C PRO E 21 8.12 7.86 39.35
N GLU E 22 7.72 7.65 40.60
CA GLU E 22 8.55 8.00 41.75
C GLU E 22 9.96 7.41 41.63
N GLY E 23 10.97 8.26 41.78
CA GLY E 23 12.37 7.83 41.75
C GLY E 23 13.08 7.94 40.41
N THR E 24 12.33 8.30 39.37
CA THR E 24 12.87 8.41 38.01
C THR E 24 12.86 9.85 37.51
N VAL E 25 13.78 10.17 36.59
CA VAL E 25 13.91 11.54 36.06
C VAL E 25 13.60 11.61 34.56
N PRO E 26 12.87 12.66 34.13
CA PRO E 26 12.54 12.84 32.73
C PRO E 26 13.75 13.23 31.89
N LEU E 27 13.85 12.65 30.70
CA LEU E 27 14.89 13.02 29.74
C LEU E 27 14.32 13.95 28.67
N TYR E 28 13.18 13.54 28.10
CA TYR E 28 12.41 14.39 27.17
C TYR E 28 11.00 13.79 26.95
N SER E 29 10.16 14.58 26.28
CA SER E 29 8.82 14.12 25.97
C SER E 29 8.54 14.18 24.47
N GLY E 30 7.44 13.57 24.08
CA GLY E 30 7.08 13.48 22.68
C GLY E 30 5.79 12.73 22.46
N PHE E 31 5.68 12.11 21.29
CA PHE E 31 4.44 11.51 20.84
C PHE E 31 4.60 10.00 20.70
N SER E 32 3.53 9.27 20.99
CA SER E 32 3.58 7.81 21.11
C SER E 32 3.62 7.11 19.77
N PHE E 33 4.78 6.57 19.46
CA PHE E 33 5.10 6.02 18.15
C PHE E 33 5.10 4.49 18.23
N LEU E 34 4.15 3.86 17.53
CA LEU E 34 3.95 2.42 17.63
C LEU E 34 4.69 1.62 16.56
N PHE E 35 4.41 1.91 15.29
CA PHE E 35 5.06 1.25 14.16
C PHE E 35 4.86 1.92 12.81
N VAL E 36 5.66 1.48 11.83
CA VAL E 36 5.60 1.98 10.45
C VAL E 36 5.36 0.83 9.48
N GLN E 37 4.89 1.16 8.29
CA GLN E 37 4.79 0.19 7.20
C GLN E 37 5.45 0.77 5.97
N GLY E 38 6.60 0.22 5.61
CA GLY E 38 7.30 0.62 4.41
C GLY E 38 7.30 -0.53 3.43
N ASN E 39 6.93 -0.24 2.18
CA ASN E 39 6.86 -1.25 1.14
C ASN E 39 6.04 -2.47 1.60
N GLN E 40 5.08 -2.18 2.48
CA GLN E 40 4.16 -3.17 3.05
C GLN E 40 4.80 -4.11 4.07
N ARG E 41 5.88 -3.65 4.69
CA ARG E 41 6.47 -4.39 5.80
C ARG E 41 6.39 -3.59 7.10
N ALA E 42 5.79 -4.22 8.10
CA ALA E 42 5.66 -3.60 9.40
C ALA E 42 6.95 -3.75 10.19
N HIS E 43 7.29 -2.69 10.91
CA HIS E 43 8.33 -2.73 11.89
C HIS E 43 7.92 -1.83 13.05
N GLY E 44 7.96 -2.40 14.25
CA GLY E 44 7.51 -1.70 15.45
C GLY E 44 8.61 -1.28 16.37
N GLN E 45 8.26 -0.40 17.30
CA GLN E 45 9.14 -0.03 18.39
C GLN E 45 8.61 -0.57 19.70
N ASP E 46 9.53 -0.94 20.59
CA ASP E 46 9.18 -1.35 21.94
C ASP E 46 8.61 -0.13 22.68
N LEU E 47 7.36 -0.25 23.14
CA LEU E 47 6.68 0.85 23.85
C LEU E 47 7.29 1.17 25.23
N GLY E 48 8.15 0.30 25.73
CA GLY E 48 8.91 0.55 26.95
C GLY E 48 10.33 1.08 26.74
N THR E 49 10.68 1.46 25.51
CA THR E 49 12.00 2.04 25.24
C THR E 49 11.88 3.39 24.54
N LEU E 50 12.96 4.18 24.61
CA LEU E 50 12.93 5.57 24.12
C LEU E 50 12.50 5.68 22.65
N GLY E 51 12.67 4.59 21.90
CA GLY E 51 12.25 4.53 20.50
C GLY E 51 10.77 4.76 20.25
N SER E 52 9.95 4.45 21.25
CA SER E 52 8.50 4.60 21.09
C SER E 52 8.05 6.03 21.38
N CYS E 53 9.01 6.93 21.57
CA CYS E 53 8.70 8.31 21.90
C CYS E 53 9.47 9.29 21.02
N LEU E 54 8.82 9.76 19.97
CA LEU E 54 9.43 10.70 19.05
C LEU E 54 9.05 12.12 19.38
N GLN E 55 10.03 13.00 19.35
CA GLN E 55 9.83 14.40 19.70
C GLN E 55 8.95 15.13 18.69
N ARG E 56 9.20 14.88 17.41
CA ARG E 56 8.39 15.44 16.34
C ARG E 56 7.35 14.43 15.87
N PHE E 57 6.07 14.82 15.90
CA PHE E 57 5.03 14.05 15.23
C PHE E 57 4.94 14.41 13.75
N THR E 58 4.64 13.39 12.94
CA THR E 58 4.32 13.55 11.52
C THR E 58 3.64 12.27 11.06
N THR E 59 2.86 12.34 9.99
CA THR E 59 2.23 11.13 9.45
C THR E 59 3.23 10.29 8.66
N MET E 60 4.37 10.91 8.32
CA MET E 60 5.42 10.20 7.59
C MET E 60 6.81 10.46 8.18
N PRO E 61 7.18 9.72 9.24
CA PRO E 61 8.45 9.95 9.91
C PRO E 61 9.65 9.34 9.18
N PHE E 62 9.43 8.72 8.03
CA PHE E 62 10.52 8.04 7.35
C PHE E 62 10.51 8.16 5.83
N LEU E 63 11.63 7.77 5.23
CA LEU E 63 11.81 7.78 3.79
C LEU E 63 12.55 6.52 3.38
N PHE E 64 12.55 6.23 2.08
CA PHE E 64 13.30 5.08 1.57
C PHE E 64 14.19 5.47 0.41
N CYS E 65 15.25 4.71 0.21
CA CYS E 65 16.21 4.94 -0.87
C CYS E 65 16.50 3.65 -1.61
N ASN E 66 16.74 3.76 -2.91
CA ASN E 66 16.96 2.62 -3.78
C ASN E 66 18.44 2.50 -4.18
N VAL E 67 18.75 1.53 -5.06
CA VAL E 67 20.13 1.27 -5.52
C VAL E 67 20.64 2.26 -6.59
N ASN E 68 19.72 3.07 -7.13
CA ASN E 68 20.07 4.15 -8.05
C ASN E 68 20.47 5.44 -7.32
N ASP E 69 20.70 5.33 -6.00
CA ASP E 69 20.97 6.48 -5.13
C ASP E 69 19.86 7.58 -5.19
N VAL E 70 18.61 7.14 -5.33
CA VAL E 70 17.46 8.05 -5.31
C VAL E 70 16.61 7.80 -4.06
N CYS E 71 16.31 8.87 -3.32
CA CYS E 71 15.46 8.72 -2.14
C CYS E 71 14.12 9.37 -2.36
N ASN E 72 13.09 8.78 -1.76
CA ASN E 72 11.76 9.37 -1.77
C ASN E 72 11.21 9.56 -0.37
N PHE E 73 10.65 10.74 -0.13
CA PHE E 73 9.93 11.01 1.11
C PHE E 73 8.46 11.20 0.78
N ALA E 74 7.59 10.47 1.50
CA ALA E 74 6.13 10.52 1.37
C ALA E 74 5.63 10.51 -0.08
N SER E 75 6.37 9.82 -0.94
CA SER E 75 6.09 9.82 -2.38
C SER E 75 5.53 8.49 -2.88
N ARG E 76 5.07 7.64 -1.96
CA ARG E 76 4.44 6.37 -2.29
C ARG E 76 3.38 6.13 -1.21
N ASN E 77 2.82 4.93 -1.16
CA ASN E 77 1.77 4.59 -0.19
C ASN E 77 2.13 3.96 1.15
N ASP E 78 3.05 4.57 1.90
CA ASP E 78 3.51 3.98 3.15
C ASP E 78 2.75 4.48 4.39
N TYR E 79 2.95 3.81 5.51
CA TYR E 79 2.12 4.03 6.70
C TYR E 79 2.95 4.38 7.92
N SER E 80 2.30 5.00 8.92
CA SER E 80 2.83 5.10 10.26
C SER E 80 1.71 4.96 11.29
N TYR E 81 2.04 4.43 12.47
CA TYR E 81 1.02 4.19 13.48
C TYR E 81 1.40 4.74 14.85
N TRP E 82 0.43 5.38 15.49
CA TRP E 82 0.64 6.07 16.76
C TRP E 82 -0.43 5.67 17.75
N LEU E 83 -0.09 5.63 19.03
CA LEU E 83 -1.12 5.38 20.04
C LEU E 83 -2.06 6.58 20.05
N SER E 84 -3.35 6.33 20.23
CA SER E 84 -4.34 7.40 20.18
C SER E 84 -4.90 7.80 21.55
N THR E 85 -5.61 8.93 21.56
CA THR E 85 -6.32 9.43 22.75
C THR E 85 -7.74 8.86 22.75
N PRO E 86 -8.58 9.23 23.75
CA PRO E 86 -9.99 8.82 23.67
C PRO E 86 -10.84 9.68 22.72
N ALA E 87 -10.23 10.72 22.11
CA ALA E 87 -10.93 11.59 21.17
C ALA E 87 -11.60 10.74 20.09
N LEU E 88 -12.87 11.03 19.80
CA LEU E 88 -13.56 10.23 18.82
C LEU E 88 -13.49 10.91 17.45
N MET E 89 -13.96 10.21 16.41
CA MET E 89 -13.80 10.68 15.03
C MET E 89 -15.07 11.37 14.50
N PRO E 90 -14.89 12.35 13.58
CA PRO E 90 -16.02 13.02 12.93
C PRO E 90 -17.02 12.02 12.35
N MET E 91 -18.31 12.29 12.50
CA MET E 91 -19.33 11.32 12.09
C MET E 91 -19.37 11.04 10.59
N ASN E 92 -18.78 11.90 9.77
CA ASN E 92 -18.67 11.59 8.33
C ASN E 92 -17.81 10.34 8.07
N MET E 93 -17.04 9.94 9.09
CA MET E 93 -16.19 8.74 9.07
C MET E 93 -15.01 8.88 8.13
N ALA E 94 -14.80 10.08 7.61
CA ALA E 94 -13.71 10.39 6.70
C ALA E 94 -12.39 10.58 7.45
N PRO E 95 -11.24 10.43 6.74
CA PRO E 95 -9.93 10.69 7.33
C PRO E 95 -9.70 12.15 7.71
N ILE E 96 -8.73 12.39 8.58
CA ILE E 96 -8.34 13.72 9.04
C ILE E 96 -6.93 14.06 8.56
N THR E 97 -6.65 15.34 8.37
CA THR E 97 -5.32 15.81 8.00
C THR E 97 -4.92 17.02 8.88
N GLY E 98 -3.69 17.50 8.68
CA GLY E 98 -3.24 18.75 9.29
C GLY E 98 -3.32 18.84 10.80
N ARG E 99 -3.44 20.06 11.31
CA ARG E 99 -3.37 20.31 12.76
C ARG E 99 -4.59 19.80 13.55
N ALA E 100 -5.64 19.36 12.85
CA ALA E 100 -6.78 18.71 13.49
C ALA E 100 -6.41 17.35 14.13
N LEU E 101 -5.22 16.84 13.79
CA LEU E 101 -4.74 15.57 14.33
C LEU E 101 -4.26 15.66 15.79
N GLU E 102 -3.89 16.86 16.23
CA GLU E 102 -3.29 17.03 17.57
C GLU E 102 -4.10 16.41 18.71
N PRO E 103 -5.44 16.59 18.71
CA PRO E 103 -6.21 16.01 19.80
C PRO E 103 -6.24 14.48 19.82
N TYR E 104 -5.64 13.85 18.82
CA TYR E 104 -5.74 12.40 18.65
C TYR E 104 -4.50 11.62 19.06
N ILE E 105 -3.34 12.26 18.99
CA ILE E 105 -2.07 11.58 19.21
C ILE E 105 -1.73 11.49 20.70
N SER E 106 -1.44 10.28 21.17
CA SER E 106 -1.02 10.05 22.56
C SER E 106 0.38 10.60 22.82
N ARG E 107 0.69 10.77 24.10
CA ARG E 107 1.90 11.44 24.48
C ARG E 107 2.71 10.61 25.45
N CYS E 108 4.00 10.87 25.47
CA CYS E 108 4.92 10.02 26.19
C CYS E 108 6.05 10.80 26.83
N THR E 109 6.56 10.26 27.92
CA THR E 109 7.72 10.82 28.58
C THR E 109 8.79 9.72 28.69
N VAL E 110 10.00 10.03 28.23
CA VAL E 110 11.14 9.13 28.38
C VAL E 110 11.78 9.39 29.74
N CYS E 111 11.87 8.34 30.55
CA CYS E 111 12.40 8.43 31.91
C CYS E 111 13.67 7.64 32.07
N GLU E 112 14.52 8.08 33.03
CA GLU E 112 15.73 7.37 33.42
C GLU E 112 15.63 6.90 34.88
N GLY E 113 16.00 5.64 35.12
CA GLY E 113 15.91 5.06 36.45
C GLY E 113 17.24 4.50 36.95
N PRO E 114 17.30 4.18 38.26
CA PRO E 114 18.52 3.57 38.81
C PRO E 114 18.65 2.07 38.52
N ALA E 115 17.55 1.43 38.13
CA ALA E 115 17.55 -0.02 37.86
C ALA E 115 16.58 -0.43 36.73
N ILE E 116 16.69 -1.68 36.29
CA ILE E 116 15.86 -2.22 35.20
C ILE E 116 14.37 -2.24 35.55
N ALA E 117 13.55 -1.76 34.62
CA ALA E 117 12.10 -1.89 34.74
C ALA E 117 11.57 -3.05 33.90
N ILE E 118 10.86 -3.97 34.55
CA ILE E 118 10.26 -5.11 33.87
C ILE E 118 8.74 -5.04 34.01
N ALA E 119 8.05 -5.93 33.31
CA ALA E 119 6.60 -6.06 33.44
C ALA E 119 6.23 -7.47 33.86
N VAL E 120 5.18 -7.58 34.67
CA VAL E 120 4.70 -8.88 35.15
C VAL E 120 3.23 -9.01 34.78
N HIS E 121 2.82 -10.21 34.36
CA HIS E 121 1.45 -10.43 33.92
C HIS E 121 0.75 -11.54 34.71
N SER E 122 -0.55 -11.38 34.93
CA SER E 122 -1.29 -12.37 35.72
C SER E 122 -1.98 -13.46 34.89
N GLN E 123 -2.56 -13.07 33.77
CA GLN E 123 -3.42 -13.97 32.99
C GLN E 123 -4.77 -14.15 33.66
N THR E 124 -5.06 -13.27 34.63
CA THR E 124 -6.30 -13.29 35.41
C THR E 124 -6.74 -11.83 35.59
N THR E 125 -7.94 -11.63 36.16
CA THR E 125 -8.43 -10.25 36.41
C THR E 125 -7.70 -9.56 37.55
N ASP E 126 -6.97 -10.33 38.36
CA ASP E 126 -6.22 -9.80 39.49
C ASP E 126 -4.91 -9.17 39.07
N ILE E 127 -4.54 -8.08 39.73
CA ILE E 127 -3.24 -7.45 39.53
C ILE E 127 -2.13 -8.37 40.06
N PRO E 128 -1.09 -8.63 39.23
CA PRO E 128 0.03 -9.44 39.68
C PRO E 128 0.96 -8.71 40.66
N PRO E 129 1.53 -9.44 41.64
CA PRO E 129 2.48 -8.80 42.56
C PRO E 129 3.86 -8.68 41.91
N CYS E 130 4.55 -7.57 42.20
CA CYS E 130 5.96 -7.44 41.85
C CYS E 130 6.75 -8.52 42.56
N PRO E 131 7.77 -9.09 41.90
CA PRO E 131 8.67 -10.03 42.60
C PRO E 131 9.25 -9.38 43.85
N HIS E 132 9.63 -10.17 44.84
CA HIS E 132 10.18 -9.60 46.07
C HIS E 132 11.46 -8.83 45.76
N GLY E 133 11.58 -7.65 46.35
CA GLY E 133 12.71 -6.75 46.14
C GLY E 133 12.48 -5.73 45.03
N TRP E 134 11.25 -5.70 44.50
CA TRP E 134 10.90 -4.83 43.38
C TRP E 134 9.77 -3.86 43.76
N ILE E 135 9.79 -2.69 43.13
CA ILE E 135 8.84 -1.62 43.43
C ILE E 135 7.87 -1.38 42.27
N SER E 136 6.59 -1.16 42.61
CA SER E 136 5.53 -0.92 41.63
C SER E 136 5.63 0.48 41.03
N LEU E 137 5.61 0.55 39.70
CA LEU E 137 5.65 1.83 38.99
C LEU E 137 4.26 2.23 38.52
N TRP E 138 3.57 1.30 37.85
CA TRP E 138 2.15 1.45 37.50
C TRP E 138 1.46 0.13 37.22
N LYS E 139 0.13 0.12 37.27
CA LYS E 139 -0.63 -1.06 36.90
C LYS E 139 -1.34 -0.81 35.58
N GLY E 140 -1.50 -1.86 34.78
CA GLY E 140 -2.11 -1.74 33.46
C GLY E 140 -2.69 -3.03 32.93
N PHE E 141 -2.88 -3.05 31.61
CA PHE E 141 -3.44 -4.21 30.89
C PHE E 141 -2.43 -4.83 29.92
N SER E 142 -2.52 -6.14 29.75
CA SER E 142 -1.54 -6.91 28.96
C SER E 142 -1.75 -6.75 27.46
N PHE E 143 -0.91 -5.93 26.85
CA PHE E 143 -0.98 -5.62 25.43
C PHE E 143 0.08 -6.43 24.67
N ILE E 144 -0.34 -7.34 23.80
CA ILE E 144 0.60 -8.28 23.17
C ILE E 144 0.96 -8.00 21.69
N MET E 145 -0.05 -7.75 20.84
CA MET E 145 0.23 -7.38 19.44
C MET E 145 -0.90 -6.59 18.77
N PHE E 146 -0.71 -6.30 17.48
CA PHE E 146 -1.61 -5.43 16.74
C PHE E 146 -1.42 -5.61 15.23
N THR E 147 -2.53 -5.57 14.49
CA THR E 147 -2.48 -5.57 13.03
C THR E 147 -3.39 -4.48 12.47
N SER E 148 -3.04 -3.97 11.30
CA SER E 148 -3.87 -3.01 10.60
C SER E 148 -3.94 -3.37 9.12
N ALA E 149 -3.45 -2.49 8.26
CA ALA E 149 -3.60 -2.65 6.81
C ALA E 149 -2.77 -3.80 6.26
N GLY E 150 -3.38 -4.60 5.40
CA GLY E 150 -2.75 -5.82 4.88
C GLY E 150 -2.54 -6.84 5.98
N SER E 151 -3.18 -6.60 7.12
CA SER E 151 -2.95 -7.32 8.37
C SER E 151 -1.48 -7.38 8.79
N GLU E 152 -0.70 -6.39 8.36
CA GLU E 152 0.67 -6.24 8.82
C GLU E 152 0.69 -5.66 10.23
N GLY E 153 1.78 -5.92 10.95
CA GLY E 153 1.92 -5.47 12.32
C GLY E 153 2.97 -6.26 13.06
N THR E 154 3.06 -5.99 14.36
CA THR E 154 4.02 -6.64 15.23
C THR E 154 3.48 -6.51 16.65
N GLY E 155 4.32 -6.76 17.65
CA GLY E 155 3.86 -6.73 19.01
C GLY E 155 4.83 -6.17 20.02
N GLN E 156 4.58 -6.47 21.29
CA GLN E 156 5.43 -6.04 22.38
C GLN E 156 5.99 -7.25 23.09
N ALA E 157 7.17 -7.07 23.70
CA ALA E 157 7.76 -8.07 24.57
C ALA E 157 7.01 -8.02 25.89
N LEU E 158 6.56 -9.17 26.38
CA LEU E 158 5.86 -9.25 27.64
C LEU E 158 6.74 -8.93 28.84
N ALA E 159 8.05 -9.06 28.67
CA ALA E 159 9.02 -8.62 29.67
C ALA E 159 9.12 -7.09 29.77
N SER E 160 8.69 -6.40 28.73
CA SER E 160 8.89 -4.96 28.61
C SER E 160 7.73 -4.16 29.21
N PRO E 161 8.05 -3.00 29.80
CA PRO E 161 7.05 -2.03 30.25
C PRO E 161 5.99 -1.73 29.19
N GLY E 162 6.40 -1.76 27.92
CA GLY E 162 5.49 -1.52 26.80
C GLY E 162 4.29 -2.45 26.66
N SER E 163 4.39 -3.65 27.23
CA SER E 163 3.31 -4.64 27.17
C SER E 163 2.28 -4.42 28.25
N CYS E 164 2.34 -3.25 28.89
CA CYS E 164 1.47 -2.97 30.03
C CYS E 164 0.86 -1.58 29.95
N LEU E 165 -0.19 -1.46 29.14
CA LEU E 165 -0.87 -0.18 28.92
C LEU E 165 -1.86 0.15 30.05
N GLU E 166 -1.79 1.38 30.54
CA GLU E 166 -2.55 1.81 31.71
C GLU E 166 -4.02 2.00 31.40
N GLU E 167 -4.32 2.38 30.15
CA GLU E 167 -5.71 2.56 29.73
C GLU E 167 -6.07 1.54 28.66
N PHE E 168 -7.04 0.68 28.97
CA PHE E 168 -7.52 -0.28 27.99
C PHE E 168 -8.36 0.43 26.94
N ARG E 169 -8.08 0.13 25.67
CA ARG E 169 -8.86 0.64 24.54
C ARG E 169 -8.92 -0.46 23.49
N ALA E 170 -10.12 -0.77 23.03
CA ALA E 170 -10.27 -1.68 21.88
C ALA E 170 -9.44 -1.19 20.69
N SER E 171 -9.44 0.13 20.46
CA SER E 171 -8.64 0.75 19.41
C SER E 171 -7.59 1.66 20.02
N PRO E 172 -6.39 1.13 20.31
CA PRO E 172 -5.34 1.88 20.98
C PRO E 172 -4.46 2.69 20.04
N PHE E 173 -4.67 2.56 18.72
CA PHE E 173 -3.81 3.25 17.75
C PHE E 173 -4.53 3.79 16.52
N LEU E 174 -3.91 4.81 15.90
CA LEU E 174 -4.38 5.40 14.66
C LEU E 174 -3.47 5.04 13.47
N GLU E 175 -4.09 4.83 12.31
CA GLU E 175 -3.36 4.58 11.08
C GLU E 175 -3.15 5.89 10.34
N CYS E 176 -1.90 6.21 10.04
CA CYS E 176 -1.54 7.43 9.33
C CYS E 176 -0.81 7.13 8.01
N HIS E 177 -0.93 8.04 7.04
CA HIS E 177 -0.44 7.82 5.66
C HIS E 177 0.47 8.92 5.17
N GLY E 178 1.30 8.58 4.18
CA GLY E 178 2.23 9.52 3.56
C GLY E 178 1.56 10.73 2.97
N ARG E 179 0.39 10.51 2.38
CA ARG E 179 -0.46 11.58 1.84
C ARG E 179 -1.03 12.52 2.91
N GLY E 180 -0.74 12.22 4.17
CA GLY E 180 -1.03 13.16 5.27
C GLY E 180 -2.24 12.87 6.12
N THR E 181 -3.02 11.87 5.73
CA THR E 181 -4.28 11.53 6.41
C THR E 181 -4.13 10.49 7.51
N CYS E 182 -5.04 10.49 8.47
CA CYS E 182 -5.12 9.43 9.49
C CYS E 182 -6.57 9.06 9.76
N ASN E 183 -6.78 7.83 10.23
CA ASN E 183 -8.13 7.34 10.52
C ASN E 183 -8.08 6.01 11.25
N TYR E 184 -9.17 5.66 11.92
CA TYR E 184 -9.40 4.28 12.32
C TYR E 184 -9.96 3.54 11.13
N TYR E 185 -9.62 2.25 10.99
CA TYR E 185 -10.17 1.41 9.94
C TYR E 185 -10.71 0.13 10.53
N SER E 186 -11.64 -0.50 9.82
CA SER E 186 -12.30 -1.71 10.28
C SER E 186 -11.31 -2.82 10.61
N ASN E 187 -10.31 -3.02 9.75
CA ASN E 187 -9.31 -4.07 10.00
C ASN E 187 -8.22 -3.75 11.02
N SER E 188 -8.36 -2.63 11.74
CA SER E 188 -7.42 -2.30 12.81
C SER E 188 -7.72 -3.17 14.02
N TYR E 189 -6.79 -4.04 14.37
CA TYR E 189 -6.97 -4.96 15.49
C TYR E 189 -5.95 -4.77 16.60
N SER E 190 -6.40 -4.97 17.85
CA SER E 190 -5.53 -5.00 19.02
C SER E 190 -5.59 -6.37 19.65
N PHE E 191 -4.43 -6.88 20.07
CA PHE E 191 -4.36 -8.19 20.71
C PHE E 191 -3.89 -8.07 22.15
N TRP E 192 -4.60 -8.74 23.04
CA TRP E 192 -4.32 -8.68 24.47
C TRP E 192 -4.24 -10.08 25.04
N LEU E 193 -3.40 -10.27 26.06
CA LEU E 193 -3.39 -11.52 26.80
C LEU E 193 -4.75 -11.68 27.47
N ALA E 194 -5.26 -12.90 27.47
CA ALA E 194 -6.61 -13.18 27.99
C ALA E 194 -6.64 -13.52 29.49
N SER E 195 -7.70 -13.07 30.14
CA SER E 195 -7.96 -13.43 31.53
C SER E 195 -8.48 -14.87 31.57
N LEU E 196 -7.84 -15.72 32.39
CA LEU E 196 -8.20 -17.14 32.42
C LEU E 196 -8.71 -17.59 33.78
N ASN E 197 -9.65 -18.54 33.75
CA ASN E 197 -10.17 -19.18 34.96
C ASN E 197 -9.10 -20.10 35.56
N PRO E 198 -8.64 -19.79 36.79
CA PRO E 198 -7.51 -20.49 37.44
C PRO E 198 -7.66 -22.02 37.62
N GLU E 199 -8.88 -22.54 37.64
CA GLU E 199 -9.12 -23.95 37.99
C GLU E 199 -9.41 -24.88 36.79
N ARG E 200 -8.94 -24.46 35.61
CA ARG E 200 -9.34 -25.08 34.34
C ARG E 200 -8.20 -25.29 33.33
N MET E 201 -6.95 -25.22 33.81
CA MET E 201 -5.78 -25.37 32.94
C MET E 201 -5.81 -26.67 32.15
N PHE E 202 -5.29 -26.63 30.92
CA PHE E 202 -5.30 -27.76 30.00
C PHE E 202 -6.71 -28.21 29.60
N ARG E 203 -7.69 -27.31 29.70
CA ARG E 203 -9.02 -27.58 29.15
C ARG E 203 -9.29 -26.68 27.97
N LYS E 204 -9.97 -27.23 26.97
CA LYS E 204 -10.39 -26.53 25.75
C LYS E 204 -10.99 -25.14 26.04
N PRO E 205 -10.37 -24.07 25.48
CA PRO E 205 -10.82 -22.71 25.77
C PRO E 205 -12.28 -22.55 25.43
N ILE E 206 -12.99 -21.73 26.16
CA ILE E 206 -14.36 -21.51 25.81
C ILE E 206 -14.46 -20.22 25.05
N PRO E 207 -14.89 -20.33 23.79
CA PRO E 207 -15.09 -19.15 22.93
C PRO E 207 -15.97 -18.12 23.62
N SER E 208 -15.59 -16.85 23.53
CA SER E 208 -16.29 -15.77 24.21
C SER E 208 -16.31 -14.52 23.34
N THR E 209 -17.48 -13.89 23.24
CA THR E 209 -17.63 -12.63 22.50
C THR E 209 -18.28 -11.58 23.40
N VAL E 210 -17.52 -10.53 23.75
CA VAL E 210 -18.04 -9.47 24.60
C VAL E 210 -18.05 -8.10 23.91
N LYS E 211 -18.92 -7.22 24.40
CA LYS E 211 -19.17 -5.91 23.81
C LYS E 211 -18.80 -4.82 24.78
N ALA E 212 -18.99 -3.57 24.38
CA ALA E 212 -18.71 -2.41 25.22
C ALA E 212 -19.36 -2.52 26.61
N GLY E 213 -18.61 -2.12 27.63
CA GLY E 213 -19.06 -2.16 29.02
C GLY E 213 -18.60 -3.42 29.75
N GLU E 214 -18.24 -4.42 28.94
CA GLU E 214 -17.95 -5.77 29.39
C GLU E 214 -16.51 -6.23 29.08
N LEU E 215 -15.69 -5.33 28.53
CA LEU E 215 -14.43 -5.74 27.88
C LEU E 215 -13.28 -6.02 28.83
N GLU E 216 -13.01 -5.11 29.76
CA GLU E 216 -11.93 -5.30 30.74
C GLU E 216 -12.10 -6.57 31.59
N LYS E 217 -13.31 -7.13 31.55
CA LYS E 217 -13.69 -8.34 32.30
C LYS E 217 -12.87 -9.54 31.87
N ILE E 218 -12.34 -9.49 30.64
CA ILE E 218 -11.64 -10.63 30.06
C ILE E 218 -10.18 -10.36 29.70
N ILE E 219 -9.64 -9.24 30.18
CA ILE E 219 -8.26 -8.84 29.90
C ILE E 219 -7.32 -9.21 31.04
N SER E 220 -6.15 -9.76 30.70
CA SER E 220 -5.10 -10.04 31.67
C SER E 220 -4.54 -8.74 32.22
N ARG E 221 -4.15 -8.76 33.49
CA ARG E 221 -3.64 -7.57 34.15
C ARG E 221 -2.15 -7.65 34.37
N CYS E 222 -1.52 -6.51 34.59
CA CYS E 222 -0.06 -6.41 34.64
C CYS E 222 0.45 -5.27 35.51
N GLN E 223 1.69 -5.42 35.98
CA GLN E 223 2.40 -4.37 36.69
C GLN E 223 3.79 -4.17 36.12
N VAL E 224 4.21 -2.91 36.11
CA VAL E 224 5.58 -2.57 35.75
C VAL E 224 6.34 -2.33 37.05
N CYS E 225 7.44 -3.06 37.24
CA CYS E 225 8.20 -3.01 38.48
C CYS E 225 9.66 -2.62 38.25
N MET E 226 10.26 -1.99 39.25
CA MET E 226 11.69 -1.63 39.20
C MET E 226 12.40 -2.20 40.42
N LYS E 227 13.62 -2.71 40.22
CA LYS E 227 14.43 -3.24 41.31
C LYS E 227 14.79 -2.15 42.31
N LYS E 228 14.52 -2.41 43.59
CA LYS E 228 14.90 -1.48 44.65
C LYS E 228 16.38 -1.67 45.01
N THR F 3 21.59 -9.45 44.59
CA THR F 3 20.87 -9.48 43.28
C THR F 3 20.44 -8.07 42.83
N ARG F 4 20.46 -7.83 41.52
CA ARG F 4 20.49 -6.46 40.97
C ARG F 4 19.39 -6.08 39.97
N GLY F 5 18.65 -7.07 39.49
CA GLY F 5 17.49 -6.79 38.61
C GLY F 5 17.52 -7.35 37.20
N PHE F 6 18.51 -8.18 36.91
CA PHE F 6 18.68 -8.77 35.59
C PHE F 6 17.98 -10.13 35.50
N VAL F 7 16.80 -10.11 34.90
CA VAL F 7 15.94 -11.27 34.81
C VAL F 7 16.17 -12.01 33.49
N PHE F 8 16.26 -13.34 33.59
CA PHE F 8 16.32 -14.22 32.43
C PHE F 8 15.51 -15.50 32.66
N THR F 9 15.41 -16.36 31.65
CA THR F 9 14.65 -17.58 31.75
C THR F 9 15.47 -18.78 31.31
N ARG F 10 15.21 -19.93 31.94
CA ARG F 10 15.73 -21.22 31.49
C ARG F 10 14.56 -22.13 31.11
N HIS F 11 14.77 -22.94 30.08
CA HIS F 11 13.73 -23.84 29.57
C HIS F 11 14.20 -25.29 29.66
N SER F 12 13.38 -26.14 30.27
CA SER F 12 13.77 -27.52 30.48
C SER F 12 13.67 -28.35 29.20
N GLN F 13 12.61 -28.08 28.42
CA GLN F 13 12.29 -28.83 27.19
C GLN F 13 11.80 -30.23 27.52
N THR F 14 11.41 -30.40 28.78
CA THR F 14 10.85 -31.63 29.33
C THR F 14 9.72 -31.22 30.28
N THR F 15 9.05 -32.20 30.88
CA THR F 15 7.97 -31.92 31.84
C THR F 15 8.50 -31.47 33.21
N ALA F 16 9.82 -31.52 33.37
CA ALA F 16 10.47 -31.13 34.63
C ALA F 16 10.69 -29.61 34.70
N ILE F 17 10.30 -29.02 35.83
CA ILE F 17 10.59 -27.61 36.08
C ILE F 17 12.09 -27.46 36.30
N PRO F 18 12.76 -26.63 35.47
CA PRO F 18 14.22 -26.49 35.51
C PRO F 18 14.75 -25.75 36.75
N SER F 19 16.05 -25.89 36.98
CA SER F 19 16.73 -25.20 38.08
C SER F 19 17.43 -23.95 37.58
N CYS F 20 17.35 -22.89 38.37
CA CYS F 20 18.14 -21.68 38.13
C CYS F 20 19.62 -21.99 38.33
N PRO F 21 20.49 -21.48 37.43
CA PRO F 21 21.93 -21.75 37.54
C PRO F 21 22.49 -21.20 38.86
N GLU F 22 23.65 -21.71 39.28
CA GLU F 22 24.29 -21.25 40.50
C GLU F 22 24.44 -19.74 40.54
N GLY F 23 24.08 -19.13 41.66
CA GLY F 23 24.20 -17.68 41.84
C GLY F 23 22.97 -16.88 41.48
N THR F 24 21.96 -17.54 40.93
CA THR F 24 20.70 -16.89 40.55
C THR F 24 19.51 -17.42 41.36
N VAL F 25 18.50 -16.58 41.52
CA VAL F 25 17.33 -16.93 42.34
C VAL F 25 16.03 -17.04 41.51
N PRO F 26 15.21 -18.07 41.76
CA PRO F 26 13.96 -18.24 41.03
C PRO F 26 12.93 -17.18 41.42
N LEU F 27 12.18 -16.69 40.45
CA LEU F 27 11.08 -15.75 40.69
C LEU F 27 9.75 -16.50 40.63
N TYR F 28 9.54 -17.22 39.54
CA TYR F 28 8.41 -18.13 39.39
C TYR F 28 8.70 -19.14 38.29
N SER F 29 7.79 -20.08 38.09
CA SER F 29 7.87 -21.06 37.03
C SER F 29 6.60 -21.09 36.19
N GLY F 30 6.65 -21.79 35.06
CA GLY F 30 5.52 -21.86 34.14
C GLY F 30 5.84 -22.69 32.92
N PHE F 31 5.19 -22.35 31.81
CA PHE F 31 5.29 -23.14 30.58
C PHE F 31 5.92 -22.33 29.46
N SER F 32 6.63 -23.05 28.59
CA SER F 32 7.52 -22.43 27.59
C SER F 32 6.76 -21.85 26.38
N PHE F 33 6.68 -20.51 26.35
CA PHE F 33 5.83 -19.79 25.41
C PHE F 33 6.64 -19.18 24.29
N LEU F 34 6.46 -19.67 23.06
CA LEU F 34 7.33 -19.28 21.96
C LEU F 34 6.79 -18.12 21.16
N PHE F 35 5.64 -18.32 20.52
CA PHE F 35 4.95 -17.26 19.76
C PHE F 35 3.46 -17.50 19.52
N VAL F 36 2.78 -16.44 19.08
CA VAL F 36 1.38 -16.52 18.71
C VAL F 36 1.18 -16.11 17.25
N GLN F 37 0.03 -16.48 16.68
CA GLN F 37 -0.38 -16.00 15.38
C GLN F 37 -1.79 -15.48 15.47
N GLY F 38 -1.93 -14.16 15.37
CA GLY F 38 -3.23 -13.52 15.36
C GLY F 38 -3.46 -12.87 14.02
N ASN F 39 -4.63 -13.12 13.45
CA ASN F 39 -4.97 -12.59 12.13
C ASN F 39 -3.85 -12.87 11.13
N GLN F 40 -3.19 -14.01 11.33
CA GLN F 40 -2.12 -14.54 10.47
C GLN F 40 -0.83 -13.74 10.55
N ARG F 41 -0.60 -13.13 11.71
CA ARG F 41 0.64 -12.39 11.95
C ARG F 41 1.37 -12.95 13.17
N ALA F 42 2.58 -13.47 12.94
CA ALA F 42 3.37 -14.03 13.99
C ALA F 42 4.00 -12.96 14.87
N HIS F 43 4.00 -13.20 16.17
CA HIS F 43 4.76 -12.40 17.10
C HIS F 43 5.32 -13.29 18.18
N GLY F 44 6.62 -13.18 18.41
CA GLY F 44 7.29 -14.08 19.32
C GLY F 44 7.80 -13.40 20.56
N GLN F 45 8.21 -14.22 21.53
CA GLN F 45 8.82 -13.75 22.75
C GLN F 45 10.26 -14.21 22.79
N ASP F 46 11.12 -13.36 23.36
CA ASP F 46 12.50 -13.72 23.57
C ASP F 46 12.55 -14.84 24.61
N LEU F 47 13.10 -15.99 24.22
CA LEU F 47 13.18 -17.16 25.09
C LEU F 47 14.09 -16.95 26.32
N GLY F 48 14.91 -15.91 26.30
CA GLY F 48 15.76 -15.58 27.44
C GLY F 48 15.19 -14.49 28.34
N THR F 49 13.93 -14.13 28.16
CA THR F 49 13.28 -13.12 29.00
C THR F 49 12.00 -13.67 29.63
N LEU F 50 11.53 -13.04 30.71
CA LEU F 50 10.39 -13.54 31.48
C LEU F 50 9.15 -13.77 30.62
N GLY F 51 9.04 -13.01 29.53
CA GLY F 51 7.94 -13.13 28.57
C GLY F 51 7.76 -14.52 27.96
N SER F 52 8.84 -15.31 27.93
CA SER F 52 8.78 -16.66 27.35
C SER F 52 8.32 -17.71 28.35
N CYS F 53 7.91 -17.26 29.54
CA CYS F 53 7.49 -18.16 30.59
C CYS F 53 6.17 -17.73 31.20
N LEU F 54 5.08 -18.31 30.69
CA LEU F 54 3.74 -18.03 31.21
C LEU F 54 3.34 -19.03 32.28
N GLN F 55 2.83 -18.54 33.40
CA GLN F 55 2.47 -19.42 34.51
C GLN F 55 1.20 -20.24 34.28
N ARG F 56 0.36 -19.81 33.35
CA ARG F 56 -0.89 -20.52 33.00
C ARG F 56 -0.97 -20.93 31.51
N PHE F 57 -0.77 -22.21 31.23
CA PHE F 57 -0.85 -22.70 29.86
C PHE F 57 -2.27 -22.68 29.36
N THR F 58 -2.42 -22.42 28.06
CA THR F 58 -3.67 -22.54 27.33
C THR F 58 -3.34 -22.54 25.85
N THR F 59 -4.18 -23.16 25.04
CA THR F 59 -3.96 -23.17 23.60
C THR F 59 -4.28 -21.80 22.98
N MET F 60 -4.98 -20.95 23.74
CA MET F 60 -5.32 -19.60 23.30
C MET F 60 -5.08 -18.54 24.40
N PRO F 61 -3.84 -18.07 24.53
CA PRO F 61 -3.49 -17.12 25.59
C PRO F 61 -3.88 -15.67 25.28
N PHE F 62 -4.56 -15.44 24.17
CA PHE F 62 -4.88 -14.07 23.79
C PHE F 62 -6.24 -13.91 23.12
N LEU F 63 -6.69 -12.67 23.04
CA LEU F 63 -7.92 -12.30 22.36
C LEU F 63 -7.67 -11.06 21.51
N PHE F 64 -8.61 -10.73 20.63
CA PHE F 64 -8.53 -9.51 19.85
C PHE F 64 -9.80 -8.66 19.92
N CYS F 65 -9.64 -7.34 19.72
CA CYS F 65 -10.75 -6.41 19.78
C CYS F 65 -10.74 -5.50 18.56
N ASN F 66 -11.93 -5.17 18.07
CA ASN F 66 -12.09 -4.33 16.87
C ASN F 66 -12.50 -2.89 17.20
N VAL F 67 -12.83 -2.11 16.15
CA VAL F 67 -13.21 -0.68 16.32
C VAL F 67 -14.67 -0.47 16.74
N ASN F 68 -15.47 -1.53 16.68
CA ASN F 68 -16.84 -1.51 17.18
C ASN F 68 -16.89 -1.84 18.67
N ASP F 69 -15.76 -1.75 19.35
CA ASP F 69 -15.62 -2.14 20.76
C ASP F 69 -16.11 -3.57 21.10
N VAL F 70 -15.89 -4.50 20.16
CA VAL F 70 -16.29 -5.90 20.36
C VAL F 70 -15.03 -6.77 20.43
N CYS F 71 -14.90 -7.57 21.48
CA CYS F 71 -13.76 -8.47 21.58
C CYS F 71 -14.16 -9.91 21.39
N ASN F 72 -13.24 -10.70 20.86
CA ASN F 72 -13.45 -12.12 20.68
C ASN F 72 -12.31 -12.90 21.28
N PHE F 73 -12.66 -13.95 22.02
CA PHE F 73 -11.68 -14.89 22.54
C PHE F 73 -11.93 -16.24 21.89
N ALA F 74 -10.85 -16.82 21.34
CA ALA F 74 -10.87 -18.15 20.73
C ALA F 74 -12.05 -18.37 19.78
N SER F 75 -12.48 -17.30 19.11
CA SER F 75 -13.68 -17.34 18.28
C SER F 75 -13.38 -17.26 16.78
N ARG F 76 -12.11 -17.44 16.42
CA ARG F 76 -11.66 -17.44 15.02
C ARG F 76 -10.49 -18.42 14.95
N ASN F 77 -9.80 -18.47 13.81
CA ASN F 77 -8.67 -19.39 13.61
C ASN F 77 -7.24 -18.98 13.97
N ASP F 78 -7.02 -18.55 15.20
CA ASP F 78 -5.70 -18.09 15.62
C ASP F 78 -4.85 -19.18 16.30
N TYR F 79 -3.56 -18.89 16.48
CA TYR F 79 -2.57 -19.91 16.85
C TYR F 79 -1.77 -19.50 18.08
N SER F 80 -1.21 -20.50 18.77
CA SER F 80 -0.18 -20.28 19.77
C SER F 80 0.84 -21.40 19.70
N TYR F 81 2.07 -21.09 20.10
CA TYR F 81 3.17 -22.02 19.95
C TYR F 81 4.01 -22.12 21.22
N TRP F 82 4.34 -23.35 21.59
CA TRP F 82 5.02 -23.62 22.84
C TRP F 82 6.16 -24.58 22.55
N LEU F 83 7.26 -24.45 23.28
CA LEU F 83 8.34 -25.45 23.18
C LEU F 83 7.83 -26.80 23.71
N SER F 84 8.27 -27.88 23.08
CA SER F 84 7.75 -29.20 23.41
C SER F 84 8.74 -30.12 24.13
N THR F 85 8.19 -31.21 24.68
CA THR F 85 8.99 -32.23 25.35
C THR F 85 9.39 -33.28 24.30
N PRO F 86 10.14 -34.33 24.72
CA PRO F 86 10.42 -35.38 23.75
C PRO F 86 9.24 -36.36 23.54
N ALA F 87 8.12 -36.12 24.25
CA ALA F 87 6.93 -36.98 24.16
C ALA F 87 6.48 -37.13 22.71
N LEU F 88 6.30 -38.36 22.26
CA LEU F 88 5.89 -38.67 20.90
C LEU F 88 4.37 -38.63 20.73
N MET F 89 3.92 -38.45 19.49
CA MET F 89 2.51 -38.26 19.18
C MET F 89 1.81 -39.58 18.88
N PRO F 90 0.51 -39.68 19.23
CA PRO F 90 -0.29 -40.89 18.99
C PRO F 90 -0.18 -41.40 17.55
N MET F 91 -0.21 -42.73 17.42
CA MET F 91 -0.13 -43.44 16.15
C MET F 91 -1.00 -42.88 15.02
N ASN F 92 -2.21 -42.46 15.37
CA ASN F 92 -3.20 -41.94 14.40
C ASN F 92 -2.82 -40.60 13.72
N MET F 93 -1.82 -39.92 14.27
CA MET F 93 -1.28 -38.66 13.74
C MET F 93 -2.28 -37.50 13.84
N ALA F 94 -3.39 -37.75 14.53
CA ALA F 94 -4.41 -36.74 14.77
C ALA F 94 -3.95 -35.75 15.85
N PRO F 95 -4.58 -34.56 15.89
CA PRO F 95 -4.36 -33.58 16.96
C PRO F 95 -4.79 -34.06 18.33
N ILE F 96 -4.29 -33.40 19.36
CA ILE F 96 -4.67 -33.68 20.74
C ILE F 96 -5.39 -32.46 21.35
N THR F 97 -6.28 -32.71 22.31
CA THR F 97 -6.96 -31.65 23.05
C THR F 97 -6.88 -31.90 24.56
N GLY F 98 -7.41 -30.97 25.34
CA GLY F 98 -7.60 -31.15 26.78
C GLY F 98 -6.38 -31.59 27.57
N ARG F 99 -6.63 -32.36 28.63
CA ARG F 99 -5.58 -32.72 29.60
C ARG F 99 -4.40 -33.46 28.97
N ALA F 100 -4.66 -34.19 27.90
CA ALA F 100 -3.66 -35.02 27.25
C ALA F 100 -2.45 -34.23 26.74
N LEU F 101 -2.55 -32.90 26.80
CA LEU F 101 -1.49 -31.99 26.35
C LEU F 101 -0.38 -31.83 27.39
N GLU F 102 -0.73 -32.00 28.66
CA GLU F 102 0.21 -31.82 29.76
C GLU F 102 1.62 -32.41 29.59
N PRO F 103 1.73 -33.67 29.09
CA PRO F 103 3.05 -34.29 28.89
C PRO F 103 3.85 -33.72 27.72
N TYR F 104 3.29 -32.76 27.00
CA TYR F 104 3.92 -32.26 25.78
C TYR F 104 4.54 -30.88 25.92
N ILE F 105 4.05 -30.10 26.87
CA ILE F 105 4.49 -28.73 27.02
C ILE F 105 5.75 -28.62 27.87
N SER F 106 6.78 -27.98 27.31
CA SER F 106 8.03 -27.71 28.02
C SER F 106 7.81 -26.78 29.20
N ARG F 107 8.70 -26.89 30.19
CA ARG F 107 8.66 -26.07 31.39
C ARG F 107 9.79 -25.04 31.45
N CYS F 108 9.54 -23.96 32.20
CA CYS F 108 10.54 -22.91 32.36
C CYS F 108 10.59 -22.34 33.76
N THR F 109 11.77 -21.84 34.14
CA THR F 109 11.93 -21.10 35.38
C THR F 109 12.47 -19.71 35.04
N VAL F 110 11.81 -18.68 35.58
CA VAL F 110 12.29 -17.31 35.50
C VAL F 110 13.27 -17.07 36.66
N CYS F 111 14.48 -16.64 36.32
CA CYS F 111 15.55 -16.42 37.30
C CYS F 111 15.97 -14.96 37.39
N GLU F 112 16.58 -14.60 38.50
CA GLU F 112 17.15 -13.29 38.71
C GLU F 112 18.62 -13.42 39.04
N GLY F 113 19.45 -12.60 38.42
CA GLY F 113 20.89 -12.63 38.63
C GLY F 113 21.47 -11.28 39.02
N PRO F 114 22.73 -11.26 39.47
CA PRO F 114 23.42 -10.02 39.80
C PRO F 114 23.93 -9.23 38.59
N ALA F 115 24.09 -9.89 37.44
CA ALA F 115 24.57 -9.25 36.20
C ALA F 115 23.89 -9.77 34.92
N ILE F 116 24.16 -9.10 33.80
CA ILE F 116 23.54 -9.44 32.51
C ILE F 116 24.01 -10.81 32.02
N ALA F 117 23.06 -11.59 31.51
CA ALA F 117 23.38 -12.86 30.88
C ALA F 117 23.31 -12.75 29.36
N ILE F 118 24.41 -13.10 28.70
CA ILE F 118 24.48 -13.06 27.24
C ILE F 118 24.74 -14.46 26.69
N ALA F 119 24.67 -14.61 25.38
CA ALA F 119 24.95 -15.88 24.72
C ALA F 119 26.08 -15.70 23.72
N VAL F 120 26.89 -16.72 23.59
CA VAL F 120 28.02 -16.71 22.67
C VAL F 120 27.90 -17.91 21.73
N HIS F 121 28.23 -17.71 20.46
CA HIS F 121 28.06 -18.75 19.45
C HIS F 121 29.37 -19.04 18.70
N SER F 122 29.60 -20.31 18.37
CA SER F 122 30.87 -20.73 17.74
C SER F 122 30.81 -20.79 16.22
N GLN F 123 29.67 -21.26 15.71
CA GLN F 123 29.50 -21.59 14.28
C GLN F 123 30.31 -22.82 13.91
N THR F 124 30.74 -23.57 14.94
CA THR F 124 31.53 -24.79 14.79
C THR F 124 31.00 -25.81 15.80
N THR F 125 31.45 -27.06 15.69
CA THR F 125 31.02 -28.12 16.60
C THR F 125 31.55 -27.93 18.02
N ASP F 126 32.54 -27.06 18.16
CA ASP F 126 33.14 -26.77 19.44
C ASP F 126 32.38 -25.75 20.30
N ILE F 127 32.31 -26.01 21.60
CA ILE F 127 31.71 -25.07 22.55
C ILE F 127 32.56 -23.79 22.57
N PRO F 128 31.90 -22.62 22.42
CA PRO F 128 32.62 -21.36 22.50
C PRO F 128 32.95 -20.98 23.94
N PRO F 129 34.10 -20.31 24.16
CA PRO F 129 34.43 -19.88 25.51
C PRO F 129 33.67 -18.61 25.88
N CYS F 130 33.29 -18.49 27.15
CA CYS F 130 32.80 -17.22 27.68
C CYS F 130 33.91 -16.18 27.56
N PRO F 131 33.55 -14.92 27.24
CA PRO F 131 34.56 -13.87 27.22
C PRO F 131 35.26 -13.74 28.59
N HIS F 132 36.40 -13.06 28.59
CA HIS F 132 37.14 -12.81 29.83
C HIS F 132 36.28 -12.13 30.91
N GLY F 133 36.29 -12.72 32.11
CA GLY F 133 35.57 -12.18 33.26
C GLY F 133 34.12 -12.63 33.35
N TRP F 134 33.75 -13.62 32.55
CA TRP F 134 32.38 -14.12 32.49
C TRP F 134 32.29 -15.58 32.93
N ILE F 135 31.14 -15.96 33.47
CA ILE F 135 30.93 -17.29 34.04
C ILE F 135 29.90 -18.08 33.23
N SER F 136 30.19 -19.36 33.03
CA SER F 136 29.31 -20.25 32.27
C SER F 136 28.05 -20.63 33.06
N LEU F 137 26.87 -20.47 32.43
CA LEU F 137 25.60 -20.88 33.05
C LEU F 137 25.11 -22.21 32.48
N TRP F 138 25.11 -22.33 31.15
CA TRP F 138 24.85 -23.62 30.50
C TRP F 138 25.40 -23.66 29.07
N LYS F 139 25.63 -24.88 28.57
CA LYS F 139 26.03 -25.12 27.19
C LYS F 139 24.80 -25.55 26.40
N GLY F 140 24.77 -25.23 25.10
CA GLY F 140 23.60 -25.53 24.24
C GLY F 140 23.84 -25.45 22.74
N PHE F 141 22.76 -25.38 21.97
CA PHE F 141 22.81 -25.29 20.50
C PHE F 141 22.19 -23.98 19.99
N SER F 142 22.71 -23.46 18.88
CA SER F 142 22.33 -22.16 18.35
C SER F 142 20.97 -22.16 17.62
N PHE F 143 19.96 -21.59 18.26
CA PHE F 143 18.61 -21.62 17.75
C PHE F 143 18.25 -20.23 17.26
N ILE F 144 18.07 -20.06 15.95
CA ILE F 144 17.92 -18.72 15.34
C ILE F 144 16.48 -18.31 14.95
N MET F 145 15.74 -19.16 14.23
CA MET F 145 14.33 -18.86 13.93
C MET F 145 13.44 -20.08 13.71
N PHE F 146 12.19 -19.83 13.34
CA PHE F 146 11.18 -20.90 13.24
C PHE F 146 9.99 -20.42 12.42
N THR F 147 9.39 -21.34 11.69
CA THR F 147 8.19 -21.06 10.93
C THR F 147 7.26 -22.24 11.06
N SER F 148 5.97 -21.96 10.92
CA SER F 148 4.96 -23.00 10.94
C SER F 148 3.88 -22.63 9.92
N ALA F 149 2.65 -22.41 10.38
CA ALA F 149 1.51 -22.27 9.50
C ALA F 149 1.57 -20.96 8.72
N GLY F 150 1.31 -21.05 7.41
CA GLY F 150 1.45 -19.92 6.49
C GLY F 150 2.90 -19.48 6.36
N SER F 151 3.79 -20.34 6.82
CA SER F 151 5.21 -20.04 7.01
C SER F 151 5.48 -18.78 7.81
N GLU F 152 4.53 -18.43 8.68
CA GLU F 152 4.74 -17.32 9.60
C GLU F 152 5.63 -17.75 10.76
N GLY F 153 6.29 -16.78 11.38
CA GLY F 153 7.17 -17.05 12.50
C GLY F 153 8.11 -15.89 12.73
N THR F 154 9.07 -16.10 13.62
CA THR F 154 10.05 -15.10 13.96
C THR F 154 11.23 -15.88 14.55
N GLY F 155 12.12 -15.17 15.25
CA GLY F 155 13.31 -15.83 15.79
C GLY F 155 13.79 -15.31 17.13
N GLN F 156 15.03 -15.66 17.45
CA GLN F 156 15.64 -15.21 18.68
C GLN F 156 16.81 -14.30 18.35
N ALA F 157 17.11 -13.40 19.28
CA ALA F 157 18.33 -12.60 19.24
C ALA F 157 19.50 -13.48 19.64
N LEU F 158 20.57 -13.49 18.84
CA LEU F 158 21.73 -14.33 19.12
C LEU F 158 22.51 -13.86 20.35
N ALA F 159 22.31 -12.60 20.73
CA ALA F 159 22.86 -12.06 21.98
C ALA F 159 22.14 -12.60 23.22
N SER F 160 20.90 -13.05 23.05
CA SER F 160 20.05 -13.49 24.16
C SER F 160 20.24 -14.95 24.55
N PRO F 161 20.10 -15.26 25.86
CA PRO F 161 20.08 -16.63 26.37
C PRO F 161 19.15 -17.54 25.57
N GLY F 162 18.09 -16.96 25.04
CA GLY F 162 17.06 -17.69 24.29
C GLY F 162 17.49 -18.34 23.00
N SER F 163 18.63 -17.89 22.46
CA SER F 163 19.16 -18.44 21.21
C SER F 163 20.07 -19.64 21.46
N CYS F 164 20.00 -20.19 22.67
CA CYS F 164 20.89 -21.26 23.08
C CYS F 164 20.12 -22.35 23.84
N LEU F 165 19.51 -23.25 23.08
CA LEU F 165 18.75 -24.35 23.65
C LEU F 165 19.63 -25.53 24.05
N GLU F 166 19.36 -26.09 25.23
CA GLU F 166 20.21 -27.14 25.82
C GLU F 166 20.02 -28.50 25.15
N GLU F 167 18.82 -28.84 24.72
CA GLU F 167 18.63 -30.06 23.97
C GLU F 167 18.23 -29.68 22.58
N PHE F 168 18.93 -30.27 21.63
CA PHE F 168 18.62 -30.09 20.23
C PHE F 168 17.45 -30.98 19.84
N ARG F 169 16.49 -30.38 19.13
CA ARG F 169 15.36 -31.10 18.62
C ARG F 169 15.04 -30.57 17.23
N ALA F 170 14.90 -31.47 16.27
CA ALA F 170 14.40 -31.12 14.94
C ALA F 170 13.06 -30.37 15.07
N SER F 171 12.21 -30.85 15.97
CA SER F 171 10.91 -30.22 16.22
C SER F 171 10.85 -29.73 17.66
N PRO F 172 11.30 -28.49 17.91
CA PRO F 172 11.34 -27.96 19.26
C PRO F 172 10.03 -27.38 19.75
N PHE F 173 9.01 -27.29 18.90
CA PHE F 173 7.74 -26.65 19.30
C PHE F 173 6.45 -27.31 18.78
N LEU F 174 5.35 -27.06 19.48
CA LEU F 174 4.04 -27.53 19.06
C LEU F 174 3.14 -26.39 18.60
N GLU F 175 2.36 -26.67 17.57
CA GLU F 175 1.35 -25.73 17.08
C GLU F 175 0.02 -25.96 17.81
N CYS F 176 -0.53 -24.91 18.39
CA CYS F 176 -1.78 -24.99 19.14
C CYS F 176 -2.81 -24.02 18.58
N HIS F 177 -4.09 -24.39 18.70
CA HIS F 177 -5.20 -23.65 18.07
C HIS F 177 -6.25 -23.18 19.07
N GLY F 178 -6.96 -22.11 18.74
CA GLY F 178 -8.06 -21.61 19.56
C GLY F 178 -9.15 -22.63 19.81
N ARG F 179 -9.42 -23.48 18.82
CA ARG F 179 -10.38 -24.57 18.94
C ARG F 179 -9.96 -25.64 19.97
N GLY F 180 -8.74 -25.50 20.49
CA GLY F 180 -8.26 -26.31 21.62
C GLY F 180 -7.28 -27.42 21.29
N THR F 181 -7.01 -27.61 20.00
CA THR F 181 -6.16 -28.71 19.54
C THR F 181 -4.69 -28.29 19.42
N CYS F 182 -3.79 -29.27 19.46
CA CYS F 182 -2.36 -29.07 19.16
C CYS F 182 -1.78 -30.25 18.38
N ASN F 183 -0.74 -30.00 17.60
CA ASN F 183 -0.11 -31.04 16.81
C ASN F 183 1.21 -30.56 16.21
N TYR F 184 2.06 -31.52 15.83
CA TYR F 184 3.16 -31.24 14.92
C TYR F 184 2.59 -31.28 13.51
N TYR F 185 3.10 -30.40 12.64
CA TYR F 185 2.69 -30.38 11.24
C TYR F 185 3.90 -30.43 10.33
N SER F 186 3.70 -30.94 9.11
CA SER F 186 4.78 -31.06 8.14
C SER F 186 5.54 -29.74 7.89
N ASN F 187 4.81 -28.63 7.83
CA ASN F 187 5.47 -27.34 7.58
C ASN F 187 6.09 -26.66 8.80
N SER F 188 6.12 -27.36 9.93
CA SER F 188 6.77 -26.83 11.12
C SER F 188 8.27 -26.94 10.95
N TYR F 189 8.95 -25.79 10.92
CA TYR F 189 10.39 -25.74 10.71
C TYR F 189 11.13 -25.09 11.88
N SER F 190 12.31 -25.65 12.17
CA SER F 190 13.27 -25.02 13.07
C SER F 190 14.52 -24.59 12.29
N PHE F 191 15.05 -23.41 12.64
CA PHE F 191 16.24 -22.89 12.01
C PHE F 191 17.35 -22.69 13.02
N TRP F 192 18.53 -23.19 12.68
CA TRP F 192 19.68 -23.18 13.58
C TRP F 192 20.89 -22.65 12.84
N LEU F 193 21.78 -21.97 13.57
CA LEU F 193 23.07 -21.58 13.01
C LEU F 193 23.85 -22.83 12.62
N ALA F 194 24.52 -22.78 11.48
CA ALA F 194 25.23 -23.95 10.97
C ALA F 194 26.69 -24.07 11.45
N SER F 195 27.11 -25.30 11.72
CA SER F 195 28.50 -25.61 12.01
C SER F 195 29.30 -25.48 10.72
N LEU F 196 30.36 -24.68 10.75
CA LEU F 196 31.18 -24.43 9.56
C LEU F 196 32.62 -24.92 9.70
N ASN F 197 33.20 -25.32 8.57
CA ASN F 197 34.62 -25.67 8.51
C ASN F 197 35.48 -24.42 8.64
N PRO F 198 36.42 -24.45 9.61
CA PRO F 198 37.26 -23.29 9.93
C PRO F 198 38.13 -22.71 8.79
N GLU F 199 38.56 -23.54 7.84
CA GLU F 199 39.44 -23.05 6.78
C GLU F 199 38.70 -22.51 5.56
N ARG F 200 37.45 -22.92 5.41
CA ARG F 200 36.70 -22.57 4.22
C ARG F 200 35.82 -21.36 4.38
N MET F 201 36.43 -20.24 4.73
CA MET F 201 35.68 -18.98 4.78
C MET F 201 35.71 -18.29 3.42
N PHE F 202 34.59 -17.70 3.05
CA PHE F 202 34.38 -17.09 1.73
C PHE F 202 34.39 -18.11 0.61
N ARG F 203 33.96 -19.33 0.92
CA ARG F 203 33.82 -20.42 -0.02
C ARG F 203 32.38 -20.78 -0.21
N LYS F 204 31.97 -21.08 -1.44
CA LYS F 204 30.63 -21.59 -1.70
C LYS F 204 30.28 -22.63 -0.63
N PRO F 205 29.11 -22.50 0.02
CA PRO F 205 28.68 -23.49 1.00
C PRO F 205 28.44 -24.82 0.32
N ILE F 206 28.74 -25.91 1.01
CA ILE F 206 28.50 -27.25 0.47
C ILE F 206 27.12 -27.71 0.93
N PRO F 207 26.17 -27.80 -0.02
CA PRO F 207 24.85 -28.36 0.31
C PRO F 207 24.98 -29.68 1.06
N SER F 208 24.20 -29.83 2.13
CA SER F 208 24.26 -31.02 2.96
C SER F 208 22.86 -31.40 3.43
N THR F 209 22.57 -32.70 3.38
CA THR F 209 21.31 -33.25 3.87
C THR F 209 21.59 -34.40 4.82
N VAL F 210 21.29 -34.20 6.10
CA VAL F 210 21.53 -35.24 7.10
C VAL F 210 20.26 -35.71 7.77
N LYS F 211 20.26 -36.95 8.25
CA LYS F 211 19.07 -37.52 8.85
C LYS F 211 19.31 -37.84 10.30
N ALA F 212 18.32 -38.42 10.99
CA ALA F 212 18.38 -38.81 12.40
C ALA F 212 19.67 -39.55 12.77
N GLY F 213 20.26 -39.16 13.89
CA GLY F 213 21.47 -39.79 14.41
C GLY F 213 22.72 -39.01 14.14
N GLU F 214 22.69 -38.18 13.10
CA GLU F 214 23.85 -37.39 12.73
C GLU F 214 23.52 -35.91 12.54
N LEU F 215 22.48 -35.44 13.23
CA LEU F 215 22.00 -34.08 13.08
C LEU F 215 22.82 -33.07 13.90
N GLU F 216 22.98 -33.36 15.20
CA GLU F 216 23.69 -32.47 16.15
C GLU F 216 25.06 -32.11 15.59
N LYS F 217 25.60 -33.01 14.77
CA LYS F 217 26.90 -32.86 14.09
C LYS F 217 27.12 -31.60 13.24
N ILE F 218 26.06 -31.07 12.64
CA ILE F 218 26.14 -29.87 11.79
C ILE F 218 25.57 -28.60 12.43
N ILE F 219 25.32 -28.66 13.73
CA ILE F 219 24.76 -27.54 14.47
C ILE F 219 25.85 -26.72 15.17
N SER F 220 25.71 -25.40 15.11
CA SER F 220 26.58 -24.48 15.85
C SER F 220 26.32 -24.60 17.34
N ARG F 221 27.39 -24.45 18.13
CA ARG F 221 27.29 -24.58 19.58
C ARG F 221 27.35 -23.23 20.26
N CYS F 222 26.84 -23.18 21.49
CA CYS F 222 26.75 -21.92 22.22
C CYS F 222 26.89 -22.09 23.72
N GLN F 223 27.23 -20.99 24.40
CA GLN F 223 27.18 -20.91 25.85
C GLN F 223 26.45 -19.65 26.29
N VAL F 224 25.76 -19.74 27.42
CA VAL F 224 25.18 -18.58 28.07
C VAL F 224 26.11 -18.21 29.22
N CYS F 225 26.49 -16.93 29.28
CA CYS F 225 27.48 -16.46 30.27
C CYS F 225 26.96 -15.27 31.06
N MET F 226 27.39 -15.18 32.32
CA MET F 226 27.07 -14.05 33.17
C MET F 226 28.35 -13.37 33.65
N LYS F 227 28.37 -12.06 33.65
CA LYS F 227 29.54 -11.36 34.13
C LYS F 227 29.70 -11.65 35.62
N LYS F 228 30.96 -11.71 36.07
CA LYS F 228 31.31 -12.14 37.42
C LYS F 228 31.03 -11.07 38.47
N ARG G 4 5.90 57.21 26.66
CA ARG G 4 5.83 58.63 26.19
C ARG G 4 4.68 58.88 25.22
N GLY G 5 4.07 57.82 24.71
CA GLY G 5 2.85 57.95 23.88
C GLY G 5 2.88 57.36 22.49
N PHE G 6 3.95 56.63 22.16
CA PHE G 6 4.11 56.05 20.83
C PHE G 6 3.56 54.62 20.78
N VAL G 7 2.39 54.49 20.17
CA VAL G 7 1.67 53.23 20.12
C VAL G 7 1.97 52.50 18.82
N PHE G 8 2.21 51.18 18.92
CA PHE G 8 2.34 50.31 17.76
C PHE G 8 1.69 48.94 18.02
N THR G 9 1.70 48.06 17.03
CA THR G 9 1.09 46.76 17.14
C THR G 9 2.03 45.66 16.67
N ARG G 10 1.95 44.50 17.31
CA ARG G 10 2.62 43.30 16.85
C ARG G 10 1.55 42.27 16.51
N HIS G 11 1.84 41.46 15.50
CA HIS G 11 0.91 40.43 15.04
C HIS G 11 1.57 39.06 15.13
N SER G 12 0.88 38.12 15.78
CA SER G 12 1.45 36.79 15.97
C SER G 12 1.40 35.95 14.69
N GLN G 13 0.32 36.11 13.92
CA GLN G 13 0.05 35.28 12.72
C GLN G 13 -0.22 33.81 13.11
N THR G 14 -0.64 33.65 14.37
CA THR G 14 -1.01 32.36 14.94
C THR G 14 -2.16 32.64 15.90
N THR G 15 -2.69 31.59 16.53
CA THR G 15 -3.74 31.75 17.53
C THR G 15 -3.20 32.23 18.89
N ALA G 16 -1.88 32.36 18.98
CA ALA G 16 -1.24 32.80 20.22
C ALA G 16 -1.18 34.33 20.32
N ILE G 17 -1.62 34.87 21.46
CA ILE G 17 -1.52 36.32 21.70
C ILE G 17 -0.04 36.69 21.86
N PRO G 18 0.47 37.57 20.99
CA PRO G 18 1.91 37.89 20.97
C PRO G 18 2.38 38.71 22.18
N SER G 19 3.69 38.77 22.36
CA SER G 19 4.30 39.54 23.44
C SER G 19 4.82 40.86 22.91
N CYS G 20 4.64 41.91 23.69
CA CYS G 20 5.27 43.20 23.43
C CYS G 20 6.79 43.07 23.53
N PRO G 21 7.55 43.73 22.63
CA PRO G 21 9.01 43.65 22.68
C PRO G 21 9.59 44.28 23.95
N GLU G 22 10.84 43.92 24.27
CA GLU G 22 11.49 44.40 25.49
C GLU G 22 11.48 45.93 25.54
N GLY G 23 11.01 46.48 26.65
CA GLY G 23 10.94 47.93 26.86
C GLY G 23 9.60 48.58 26.57
N THR G 24 8.64 47.79 26.08
CA THR G 24 7.31 48.29 25.73
C THR G 24 6.21 47.65 26.60
N VAL G 25 5.11 48.37 26.80
CA VAL G 25 4.00 47.88 27.64
C VAL G 25 2.72 47.62 26.83
N PRO G 26 2.05 46.48 27.12
CA PRO G 26 0.80 46.16 26.45
C PRO G 26 -0.32 47.10 26.86
N LEU G 27 -1.18 47.47 25.90
CA LEU G 27 -2.37 48.25 26.20
C LEU G 27 -3.58 47.33 26.19
N TYR G 28 -3.71 46.56 25.10
CA TYR G 28 -4.72 45.52 24.98
C TYR G 28 -4.35 44.56 23.84
N SER G 29 -5.15 43.50 23.70
CA SER G 29 -4.97 42.53 22.63
C SER G 29 -6.25 42.32 21.84
N GLY G 30 -6.14 41.59 20.73
CA GLY G 30 -7.28 41.36 19.87
C GLY G 30 -6.92 40.57 18.63
N PHE G 31 -7.62 40.87 17.53
CA PHE G 31 -7.50 40.08 16.31
C PHE G 31 -6.97 40.95 15.17
N SER G 32 -6.19 40.32 14.28
CA SER G 32 -5.46 41.04 13.23
C SER G 32 -6.32 41.48 12.06
N PHE G 33 -6.63 42.77 12.03
CA PHE G 33 -7.59 43.37 11.10
C PHE G 33 -6.86 44.07 9.97
N LEU G 34 -7.02 43.57 8.76
CA LEU G 34 -6.24 44.04 7.61
C LEU G 34 -6.96 45.12 6.80
N PHE G 35 -8.11 44.76 6.22
CA PHE G 35 -8.95 45.74 5.51
C PHE G 35 -10.40 45.30 5.32
N VAL G 36 -11.22 46.24 4.83
CA VAL G 36 -12.62 46.00 4.51
C VAL G 36 -12.93 46.40 3.07
N GLN G 37 -14.06 45.91 2.56
CA GLN G 37 -14.54 46.31 1.25
C GLN G 37 -16.00 46.63 1.38
N GLY G 38 -16.32 47.90 1.24
CA GLY G 38 -17.70 48.33 1.30
C GLY G 38 -18.05 48.98 -0.02
N ASN G 39 -19.19 48.58 -0.56
CA ASN G 39 -19.64 49.05 -1.87
C ASN G 39 -18.53 48.90 -2.92
N GLN G 40 -17.73 47.85 -2.72
CA GLN G 40 -16.63 47.47 -3.59
C GLN G 40 -15.45 48.44 -3.52
N ARG G 41 -15.28 49.11 -2.38
CA ARG G 41 -14.10 49.92 -2.16
C ARG G 41 -13.28 49.45 -0.99
N ALA G 42 -12.02 49.16 -1.27
CA ALA G 42 -11.10 48.71 -0.25
C ALA G 42 -10.60 49.88 0.58
N HIS G 43 -10.53 49.66 1.89
CA HIS G 43 -9.86 50.57 2.79
C HIS G 43 -9.18 49.75 3.87
N GLY G 44 -7.89 49.99 4.05
CA GLY G 44 -7.08 49.20 4.96
C GLY G 44 -6.60 49.96 6.17
N GLN G 45 -6.09 49.21 7.13
CA GLN G 45 -5.47 49.78 8.32
C GLN G 45 -3.98 49.50 8.28
N ASP G 46 -3.19 50.45 8.78
CA ASP G 46 -1.77 50.25 8.97
C ASP G 46 -1.56 49.16 10.04
N LEU G 47 -0.88 48.07 9.64
CA LEU G 47 -0.63 46.93 10.52
C LEU G 47 0.27 47.26 11.72
N GLY G 48 0.93 48.41 11.67
CA GLY G 48 1.79 48.88 12.77
C GLY G 48 1.12 49.88 13.69
N THR G 49 -0.20 50.05 13.55
CA THR G 49 -0.93 50.99 14.40
C THR G 49 -2.08 50.26 15.09
N LEU G 50 -2.59 50.87 16.17
CA LEU G 50 -3.64 50.23 16.99
C LEU G 50 -4.90 49.85 16.19
N GLY G 51 -5.12 50.56 15.07
CA GLY G 51 -6.24 50.27 14.18
C GLY G 51 -6.24 48.87 13.58
N SER G 52 -5.08 48.23 13.51
CA SER G 52 -5.01 46.88 12.93
C SER G 52 -5.30 45.78 13.95
N CYS G 53 -5.74 46.19 15.14
CA CYS G 53 -5.98 45.24 16.23
C CYS G 53 -7.33 45.50 16.91
N LEU G 54 -8.35 44.79 16.46
CA LEU G 54 -9.69 44.93 17.01
C LEU G 54 -9.89 43.88 18.07
N GLN G 55 -10.42 44.28 19.24
CA GLN G 55 -10.67 43.31 20.33
C GLN G 55 -11.74 42.30 19.93
N ARG G 56 -12.73 42.74 19.18
CA ARG G 56 -13.90 41.91 18.85
C ARG G 56 -13.99 41.46 17.39
N PHE G 57 -13.56 40.24 17.13
CA PHE G 57 -13.66 39.68 15.79
C PHE G 57 -15.11 39.55 15.34
N THR G 58 -15.30 39.69 14.03
CA THR G 58 -16.57 39.43 13.35
C THR G 58 -16.27 39.48 11.87
N THR G 59 -17.05 38.76 11.08
CA THR G 59 -16.86 38.80 9.63
C THR G 59 -17.37 40.12 9.04
N MET G 60 -18.17 40.85 9.82
CA MET G 60 -18.71 42.14 9.38
C MET G 60 -18.58 43.21 10.47
N PRO G 61 -17.40 43.84 10.56
CA PRO G 61 -17.18 44.86 11.59
C PRO G 61 -17.81 46.23 11.30
N PHE G 62 -18.48 46.37 10.17
CA PHE G 62 -18.98 47.68 9.81
C PHE G 62 -20.36 47.67 9.15
N LEU G 63 -20.94 48.85 9.09
CA LEU G 63 -22.24 49.07 8.47
C LEU G 63 -22.15 50.32 7.61
N PHE G 64 -23.16 50.55 6.78
CA PHE G 64 -23.24 51.76 5.95
C PHE G 64 -24.61 52.42 6.08
N CYS G 65 -24.64 53.73 5.86
CA CYS G 65 -25.88 54.52 5.95
C CYS G 65 -26.05 55.38 4.70
N ASN G 66 -27.29 55.57 4.28
CA ASN G 66 -27.60 56.34 3.08
C ASN G 66 -28.17 57.72 3.40
N VAL G 67 -28.59 58.45 2.37
CA VAL G 67 -29.12 59.81 2.52
C VAL G 67 -30.57 59.85 3.03
N ASN G 68 -31.28 58.72 2.92
CA ASN G 68 -32.61 58.57 3.52
C ASN G 68 -32.59 58.27 5.02
N ASP G 69 -31.42 58.43 5.64
CA ASP G 69 -31.20 58.13 7.06
C ASP G 69 -31.51 56.67 7.44
N VAL G 70 -31.21 55.76 6.52
CA VAL G 70 -31.38 54.33 6.73
C VAL G 70 -30.00 53.67 6.75
N CYS G 71 -29.74 52.88 7.78
CA CYS G 71 -28.49 52.14 7.86
C CYS G 71 -28.73 50.64 7.72
N ASN G 72 -27.75 49.96 7.12
CA ASN G 72 -27.79 48.52 6.97
C ASN G 72 -26.55 47.86 7.53
N PHE G 73 -26.75 46.83 8.33
CA PHE G 73 -25.65 46.01 8.82
C PHE G 73 -25.70 44.64 8.15
N ALA G 74 -24.58 44.22 7.58
CA ALA G 74 -24.44 42.89 6.94
C ALA G 74 -25.62 42.51 6.04
N SER G 75 -26.23 43.51 5.41
CA SER G 75 -27.44 43.34 4.61
C SER G 75 -27.18 43.47 3.10
N ARG G 76 -25.91 43.37 2.70
CA ARG G 76 -25.52 43.43 1.28
C ARG G 76 -24.25 42.57 1.15
N ASN G 77 -23.58 42.64 0.00
CA ASN G 77 -22.37 41.83 -0.21
C ASN G 77 -20.98 42.40 0.12
N ASP G 78 -20.80 42.89 1.33
CA ASP G 78 -19.54 43.54 1.69
C ASP G 78 -18.53 42.59 2.34
N TYR G 79 -17.28 43.02 2.42
CA TYR G 79 -16.17 42.13 2.82
C TYR G 79 -15.41 42.66 4.03
N SER G 80 -14.66 41.76 4.67
CA SER G 80 -13.65 42.14 5.66
C SER G 80 -12.50 41.13 5.59
N TYR G 81 -11.30 41.61 5.90
CA TYR G 81 -10.10 40.81 5.75
C TYR G 81 -9.22 40.85 7.00
N TRP G 82 -8.70 39.70 7.37
CA TRP G 82 -7.96 39.52 8.61
C TRP G 82 -6.73 38.69 8.31
N LEU G 83 -5.65 38.94 9.03
CA LEU G 83 -4.46 38.09 8.88
C LEU G 83 -4.79 36.70 9.43
N SER G 84 -4.25 35.67 8.78
CA SER G 84 -4.61 34.31 9.14
C SER G 84 -3.50 33.54 9.85
N THR G 85 -3.85 32.36 10.38
CA THR G 85 -2.89 31.47 11.02
C THR G 85 -2.38 30.47 9.97
N PRO G 86 -1.49 29.54 10.37
CA PRO G 86 -1.11 28.48 9.44
C PRO G 86 -2.16 27.37 9.28
N ALA G 87 -3.29 27.48 9.98
CA ALA G 87 -4.35 26.48 9.94
C ALA G 87 -4.80 26.26 8.50
N LEU G 88 -4.87 25.00 8.09
CA LEU G 88 -5.29 24.64 6.74
C LEU G 88 -6.80 24.60 6.65
N MET G 89 -7.32 24.59 5.43
CA MET G 89 -8.76 24.60 5.16
C MET G 89 -9.27 23.19 4.87
N PRO G 90 -10.55 22.90 5.24
CA PRO G 90 -11.15 21.59 4.99
C PRO G 90 -11.03 21.19 3.52
N MET G 91 -10.80 19.90 3.24
CA MET G 91 -10.56 19.45 1.87
C MET G 91 -11.72 19.62 0.87
N ASN G 92 -12.94 19.84 1.37
CA ASN G 92 -14.07 20.15 0.48
C ASN G 92 -13.92 21.51 -0.21
N MET G 93 -13.01 22.34 0.32
CA MET G 93 -12.65 23.65 -0.22
C MET G 93 -13.78 24.68 -0.06
N ALA G 94 -14.79 24.30 0.71
CA ALA G 94 -15.94 25.17 0.98
C ALA G 94 -15.60 26.24 2.03
N PRO G 95 -16.37 27.34 2.05
CA PRO G 95 -16.20 28.37 3.10
C PRO G 95 -16.57 27.87 4.48
N ILE G 96 -16.10 28.59 5.51
CA ILE G 96 -16.38 28.29 6.91
C ILE G 96 -17.21 29.39 7.54
N THR G 97 -18.03 29.04 8.53
CA THR G 97 -18.84 30.01 9.28
C THR G 97 -18.65 29.79 10.78
N GLY G 98 -19.25 30.67 11.59
CA GLY G 98 -19.36 30.45 13.03
C GLY G 98 -18.08 30.18 13.80
N ARG G 99 -18.20 29.46 14.91
CA ARG G 99 -17.07 29.24 15.83
C ARG G 99 -15.84 28.64 15.18
N ALA G 100 -16.04 27.82 14.16
CA ALA G 100 -14.96 27.11 13.46
C ALA G 100 -13.89 28.04 12.85
N LEU G 101 -14.19 29.33 12.85
CA LEU G 101 -13.29 30.36 12.35
C LEU G 101 -12.14 30.65 13.31
N GLU G 102 -12.39 30.50 14.61
CA GLU G 102 -11.41 30.83 15.66
C GLU G 102 -9.96 30.40 15.34
N PRO G 103 -9.74 29.11 15.01
CA PRO G 103 -8.35 28.66 14.76
C PRO G 103 -7.65 29.33 13.55
N TYR G 104 -8.36 30.19 12.83
CA TYR G 104 -7.85 30.76 11.58
C TYR G 104 -7.42 32.22 11.69
N ILE G 105 -7.97 32.95 12.66
CA ILE G 105 -7.69 34.38 12.80
C ILE G 105 -6.43 34.64 13.62
N SER G 106 -5.52 35.41 13.05
CA SER G 106 -4.29 35.83 13.72
C SER G 106 -4.61 36.76 14.88
N ARG G 107 -3.74 36.76 15.88
CA ARG G 107 -3.91 37.59 17.08
C ARG G 107 -2.93 38.75 17.04
N CYS G 108 -3.21 39.78 17.82
CA CYS G 108 -2.32 40.94 17.94
C CYS G 108 -2.29 41.52 19.35
N THR G 109 -1.20 42.23 19.67
CA THR G 109 -1.07 42.98 20.91
C THR G 109 -0.68 44.42 20.58
N VAL G 110 -1.46 45.37 21.10
CA VAL G 110 -1.14 46.79 20.99
C VAL G 110 -0.17 47.17 22.12
N CYS G 111 0.98 47.74 21.75
CA CYS G 111 2.04 48.10 22.69
C CYS G 111 2.30 49.61 22.72
N GLU G 112 2.79 50.08 23.87
CA GLU G 112 3.22 51.47 24.02
C GLU G 112 4.72 51.51 24.31
N GLY G 113 5.43 52.39 23.62
CA GLY G 113 6.87 52.53 23.79
C GLY G 113 7.30 53.94 24.14
N PRO G 114 8.56 54.14 24.53
CA PRO G 114 9.05 55.47 24.86
C PRO G 114 9.46 56.32 23.64
N ALA G 115 9.62 55.69 22.47
CA ALA G 115 9.99 56.39 21.22
C ALA G 115 9.35 55.77 19.98
N ILE G 116 9.53 56.44 18.83
CA ILE G 116 8.96 55.99 17.56
C ILE G 116 9.56 54.67 17.08
N ALA G 117 8.69 53.76 16.61
CA ALA G 117 9.12 52.52 15.99
C ALA G 117 8.98 52.61 14.47
N ILE G 118 10.09 52.38 13.77
CA ILE G 118 10.09 52.43 12.30
C ILE G 118 10.52 51.06 11.76
N ALA G 119 10.43 50.91 10.44
CA ALA G 119 10.84 49.67 9.77
C ALA G 119 11.93 49.97 8.75
N VAL G 120 12.84 49.04 8.58
CA VAL G 120 13.94 49.20 7.65
C VAL G 120 13.96 47.98 6.74
N HIS G 121 14.19 48.21 5.44
CA HIS G 121 14.15 47.14 4.45
C HIS G 121 15.47 47.04 3.67
N SER G 122 15.87 45.81 3.35
CA SER G 122 17.15 45.58 2.66
C SER G 122 17.02 45.53 1.13
N GLN G 123 15.94 44.88 0.65
CA GLN G 123 15.79 44.50 -0.76
C GLN G 123 16.76 43.39 -1.13
N THR G 124 17.28 42.70 -0.11
CA THR G 124 18.18 41.55 -0.27
C THR G 124 17.80 40.49 0.75
N THR G 125 18.38 39.30 0.62
CA THR G 125 18.15 38.21 1.57
C THR G 125 18.70 38.50 2.99
N ASP G 126 19.60 39.47 3.08
CA ASP G 126 20.24 39.83 4.36
C ASP G 126 19.32 40.70 5.19
N ILE G 127 19.42 40.54 6.52
CA ILE G 127 18.68 41.38 7.46
C ILE G 127 19.33 42.76 7.49
N PRO G 128 18.53 43.83 7.31
CA PRO G 128 19.07 45.19 7.38
C PRO G 128 19.43 45.62 8.81
N PRO G 129 20.50 46.41 8.97
CA PRO G 129 20.83 46.89 10.29
C PRO G 129 19.94 48.07 10.68
N CYS G 130 19.58 48.16 11.95
CA CYS G 130 18.93 49.36 12.47
C CYS G 130 19.89 50.53 12.30
N PRO G 131 19.36 51.74 12.01
CA PRO G 131 20.21 52.93 11.97
C PRO G 131 20.93 53.14 13.30
N HIS G 132 22.05 53.86 13.31
CA HIS G 132 22.80 54.03 14.55
C HIS G 132 22.01 54.80 15.62
N GLY G 133 21.96 54.20 16.81
CA GLY G 133 21.22 54.76 17.95
C GLY G 133 19.84 54.18 18.10
N TRP G 134 19.55 53.12 17.32
CA TRP G 134 18.25 52.47 17.31
C TRP G 134 18.38 51.02 17.75
N ILE G 135 17.30 50.49 18.33
CA ILE G 135 17.28 49.13 18.89
C ILE G 135 16.32 48.24 18.11
N SER G 136 16.74 47.00 17.89
CA SER G 136 15.94 46.01 17.15
C SER G 136 14.80 45.45 17.99
N LEU G 137 13.59 45.48 17.43
CA LEU G 137 12.41 44.90 18.10
C LEU G 137 12.08 43.50 17.56
N TRP G 138 12.05 43.35 16.23
CA TRP G 138 11.93 42.04 15.58
C TRP G 138 12.43 42.06 14.13
N LYS G 139 12.77 40.88 13.62
CA LYS G 139 13.16 40.67 12.23
C LYS G 139 11.93 40.15 11.48
N GLY G 140 11.84 40.46 10.18
CA GLY G 140 10.71 39.97 9.36
C GLY G 140 10.90 40.09 7.85
N PHE G 141 9.77 40.00 7.14
CA PHE G 141 9.76 40.03 5.67
C PHE G 141 8.96 41.25 5.19
N SER G 142 9.37 41.78 4.03
CA SER G 142 8.85 43.04 3.52
C SER G 142 7.50 42.86 2.82
N PHE G 143 6.43 43.24 3.50
CA PHE G 143 5.06 43.06 3.04
C PHE G 143 4.53 44.41 2.55
N ILE G 144 4.31 44.53 1.24
CA ILE G 144 3.97 45.83 0.63
C ILE G 144 2.49 46.05 0.31
N MET G 145 1.82 45.11 -0.38
CA MET G 145 0.38 45.24 -0.63
C MET G 145 -0.34 43.92 -0.87
N PHE G 146 -1.63 44.01 -1.18
CA PHE G 146 -2.52 42.85 -1.23
C PHE G 146 -3.80 43.17 -1.99
N THR G 147 -4.28 42.19 -2.76
CA THR G 147 -5.57 42.29 -3.44
C THR G 147 -6.35 41.00 -3.25
N SER G 148 -7.66 41.11 -3.34
CA SER G 148 -8.53 39.96 -3.29
C SER G 148 -9.67 40.15 -4.28
N ALA G 149 -10.92 40.22 -3.81
CA ALA G 149 -12.09 40.21 -4.68
C ALA G 149 -12.23 41.52 -5.43
N GLY G 150 -12.54 41.42 -6.72
CA GLY G 150 -12.56 42.56 -7.62
C GLY G 150 -11.18 43.15 -7.78
N SER G 151 -10.18 42.37 -7.40
CA SER G 151 -8.79 42.83 -7.26
C SER G 151 -8.67 44.16 -6.49
N GLU G 152 -9.60 44.39 -5.56
CA GLU G 152 -9.52 45.52 -4.65
C GLU G 152 -8.56 45.23 -3.50
N GLY G 153 -7.96 46.29 -2.97
CA GLY G 153 -7.03 46.16 -1.86
C GLY G 153 -6.24 47.43 -1.66
N THR G 154 -5.23 47.33 -0.82
CA THR G 154 -4.37 48.45 -0.47
C THR G 154 -3.09 47.84 0.07
N GLY G 155 -2.24 48.65 0.69
CA GLY G 155 -0.97 48.16 1.22
C GLY G 155 -0.53 48.78 2.53
N GLN G 156 0.75 48.59 2.83
CA GLN G 156 1.35 49.10 4.05
C GLN G 156 2.41 50.13 3.70
N ALA G 157 2.63 51.06 4.61
CA ALA G 157 3.74 51.99 4.53
C ALA G 157 5.03 51.23 4.86
N LEU G 158 6.05 51.39 4.02
CA LEU G 158 7.35 50.76 4.26
C LEU G 158 8.10 51.36 5.45
N ALA G 159 7.71 52.57 5.84
CA ALA G 159 8.21 53.20 7.06
C ALA G 159 7.59 52.59 8.34
N SER G 160 6.44 51.95 8.20
CA SER G 160 5.67 51.42 9.32
C SER G 160 6.08 50.00 9.72
N PRO G 161 6.06 49.70 11.03
CA PRO G 161 6.21 48.33 11.55
C PRO G 161 5.34 47.31 10.80
N GLY G 162 4.18 47.77 10.33
CA GLY G 162 3.22 46.90 9.64
C GLY G 162 3.70 46.26 8.34
N SER G 163 4.78 46.83 7.77
CA SER G 163 5.34 46.36 6.50
C SER G 163 6.39 45.27 6.72
N CYS G 164 6.42 44.74 7.95
CA CYS G 164 7.47 43.80 8.34
C CYS G 164 6.92 42.61 9.11
N LEU G 165 6.31 41.68 8.37
CA LEU G 165 5.73 40.48 8.95
C LEU G 165 6.78 39.43 9.34
N GLU G 166 6.64 38.89 10.55
CA GLU G 166 7.62 37.97 11.12
C GLU G 166 7.57 36.59 10.49
N GLU G 167 6.36 36.21 10.03
CA GLU G 167 6.14 34.91 9.37
C GLU G 167 5.72 35.10 7.92
N PHE G 168 6.59 34.70 6.99
CA PHE G 168 6.24 34.76 5.57
C PHE G 168 5.17 33.73 5.25
N ARG G 169 4.12 34.18 4.56
CA ARG G 169 3.04 33.31 4.09
C ARG G 169 2.64 33.78 2.70
N ALA G 170 2.59 32.86 1.73
CA ALA G 170 2.00 33.18 0.43
C ALA G 170 0.56 33.72 0.60
N SER G 171 -0.18 33.11 1.51
CA SER G 171 -1.53 33.55 1.84
C SER G 171 -1.61 34.05 3.27
N PRO G 172 -1.35 35.37 3.48
CA PRO G 172 -1.30 35.92 4.82
C PRO G 172 -2.67 36.33 5.36
N PHE G 173 -3.71 36.27 4.56
CA PHE G 173 -5.03 36.78 4.99
C PHE G 173 -6.21 35.95 4.51
N LEU G 174 -7.33 36.09 5.20
CA LEU G 174 -8.57 35.42 4.85
C LEU G 174 -9.60 36.43 4.41
N GLU G 175 -10.41 36.04 3.42
CA GLU G 175 -11.54 36.83 2.97
C GLU G 175 -12.80 36.43 3.73
N CYS G 176 -13.45 37.41 4.37
CA CYS G 176 -14.66 37.20 5.14
C CYS G 176 -15.80 38.03 4.58
N HIS G 177 -17.03 37.55 4.79
CA HIS G 177 -18.24 38.13 4.17
C HIS G 177 -19.31 38.48 5.21
N GLY G 178 -20.19 39.41 4.85
CA GLY G 178 -21.33 39.79 5.69
C GLY G 178 -22.24 38.62 6.02
N ARG G 179 -22.45 37.75 5.05
CA ARG G 179 -23.25 36.53 5.21
C ARG G 179 -22.66 35.57 6.24
N GLY G 180 -21.47 35.91 6.74
CA GLY G 180 -20.85 35.17 7.84
C GLY G 180 -19.77 34.18 7.49
N THR G 181 -19.49 34.01 6.20
CA THR G 181 -18.51 33.01 5.74
C THR G 181 -17.10 33.58 5.56
N CYS G 182 -16.09 32.72 5.55
CA CYS G 182 -14.72 33.11 5.20
C CYS G 182 -14.04 31.99 4.41
N ASN G 183 -13.06 32.36 3.59
CA ASN G 183 -12.34 31.39 2.77
C ASN G 183 -11.14 32.04 2.11
N TYR G 184 -10.17 31.21 1.71
CA TYR G 184 -9.13 31.63 0.78
C TYR G 184 -9.75 31.50 -0.61
N TYR G 185 -9.36 32.40 -1.52
CA TYR G 185 -9.80 32.35 -2.91
C TYR G 185 -8.62 32.44 -3.87
N SER G 186 -8.80 31.92 -5.07
CA SER G 186 -7.73 31.94 -6.07
C SER G 186 -7.16 33.33 -6.34
N ASN G 187 -8.03 34.33 -6.37
CA ASN G 187 -7.56 35.69 -6.66
C ASN G 187 -7.00 36.47 -5.46
N SER G 188 -6.90 35.82 -4.31
CA SER G 188 -6.24 36.41 -3.14
C SER G 188 -4.73 36.48 -3.35
N TYR G 189 -4.21 37.70 -3.41
CA TYR G 189 -2.78 37.90 -3.70
C TYR G 189 -2.07 38.66 -2.59
N SER G 190 -0.83 38.28 -2.33
CA SER G 190 0.06 39.01 -1.44
C SER G 190 1.23 39.58 -2.22
N PHE G 191 1.61 40.82 -1.91
CA PHE G 191 2.71 41.46 -2.59
C PHE G 191 3.84 41.78 -1.61
N TRP G 192 5.06 41.43 -2.00
CA TRP G 192 6.22 41.60 -1.15
C TRP G 192 7.36 42.29 -1.92
N LEU G 193 8.18 43.07 -1.21
CA LEU G 193 9.37 43.65 -1.82
C LEU G 193 10.30 42.53 -2.20
N ALA G 194 10.96 42.67 -3.35
CA ALA G 194 11.77 41.58 -3.89
C ALA G 194 13.24 41.64 -3.46
N SER G 195 13.81 40.47 -3.20
CA SER G 195 15.24 40.32 -2.95
C SER G 195 16.00 40.47 -4.27
N LEU G 196 16.95 41.41 -4.30
CA LEU G 196 17.67 41.76 -5.52
C LEU G 196 19.17 41.48 -5.43
N ASN G 197 19.76 41.15 -6.58
CA ASN G 197 21.21 40.96 -6.68
C ASN G 197 21.94 42.30 -6.61
N PRO G 198 22.75 42.49 -5.55
CA PRO G 198 23.44 43.76 -5.29
C PRO G 198 24.28 44.24 -6.48
N GLU G 199 24.70 43.30 -7.32
CA GLU G 199 25.47 43.58 -8.52
C GLU G 199 24.60 44.17 -9.65
N ARG G 200 23.38 43.66 -9.76
CA ARG G 200 22.44 44.07 -10.80
C ARG G 200 21.56 45.27 -10.46
N MET G 201 22.09 46.48 -10.62
CA MET G 201 21.25 47.68 -10.56
C MET G 201 21.23 48.35 -11.93
N PHE G 202 20.02 48.81 -12.31
CA PHE G 202 19.77 49.42 -13.64
C PHE G 202 19.93 48.41 -14.77
N ARG G 203 19.89 47.13 -14.42
CA ARG G 203 19.89 46.07 -15.42
C ARG G 203 18.42 45.69 -15.49
N LYS G 204 18.04 44.91 -16.50
CA LYS G 204 16.68 44.38 -16.60
C LYS G 204 16.36 43.43 -15.45
N PRO G 205 15.10 43.39 -15.01
CA PRO G 205 14.78 42.34 -14.03
C PRO G 205 14.72 41.00 -14.72
N ILE G 206 15.15 39.95 -14.02
CA ILE G 206 15.09 38.59 -14.53
C ILE G 206 13.80 37.94 -14.04
N PRO G 207 12.84 37.70 -14.94
CA PRO G 207 11.61 36.98 -14.58
C PRO G 207 11.92 35.70 -13.81
N SER G 208 11.17 35.47 -12.74
CA SER G 208 11.42 34.34 -11.86
C SER G 208 10.10 33.79 -11.32
N THR G 209 9.96 32.47 -11.38
CA THR G 209 8.80 31.76 -10.84
C THR G 209 9.28 30.66 -9.88
N VAL G 210 8.94 30.81 -8.61
CA VAL G 210 9.35 29.83 -7.58
C VAL G 210 8.15 29.18 -6.86
N LYS G 211 8.36 27.98 -6.35
CA LYS G 211 7.29 27.19 -5.74
C LYS G 211 7.60 26.94 -4.27
N ALA G 212 6.68 26.24 -3.59
CA ALA G 212 6.85 25.88 -2.19
C ALA G 212 8.24 25.34 -1.89
N GLY G 213 8.82 25.79 -0.77
CA GLY G 213 10.14 25.33 -0.32
C GLY G 213 11.29 26.29 -0.56
N GLU G 214 11.13 27.19 -1.54
CA GLU G 214 12.22 28.11 -1.92
C GLU G 214 11.76 29.58 -2.02
N LEU G 215 10.54 29.85 -1.54
CA LEU G 215 9.90 31.15 -1.65
C LEU G 215 10.59 32.25 -0.83
N GLU G 216 10.90 31.93 0.42
CA GLU G 216 11.53 32.87 1.34
C GLU G 216 12.95 33.29 0.95
N LYS G 217 13.47 32.72 -0.13
CA LYS G 217 14.78 33.11 -0.68
C LYS G 217 14.71 34.40 -1.51
N ILE G 218 13.54 34.65 -2.08
CA ILE G 218 13.30 35.71 -3.05
C ILE G 218 12.76 36.98 -2.40
N ILE G 219 12.52 36.91 -1.11
CA ILE G 219 11.82 37.97 -0.37
C ILE G 219 12.80 38.91 0.31
N SER G 220 12.53 40.21 0.18
CA SER G 220 13.28 41.24 0.88
C SER G 220 13.08 41.16 2.40
N ARG G 221 14.15 41.41 3.15
CA ARG G 221 14.11 41.29 4.60
C ARG G 221 14.02 42.65 5.27
N CYS G 222 13.59 42.64 6.53
CA CYS G 222 13.30 43.87 7.26
C CYS G 222 13.50 43.76 8.77
N GLN G 223 13.76 44.90 9.40
CA GLN G 223 13.77 45.02 10.85
C GLN G 223 12.91 46.17 11.32
N VAL G 224 12.27 45.99 12.46
CA VAL G 224 11.56 47.06 13.15
C VAL G 224 12.45 47.57 14.27
N CYS G 225 12.70 48.87 14.29
CA CYS G 225 13.63 49.46 15.25
C CYS G 225 13.00 50.60 16.04
N MET G 226 13.45 50.77 17.29
CA MET G 226 13.00 51.85 18.15
C MET G 226 14.19 52.69 18.59
N LYS G 227 13.99 54.00 18.65
CA LYS G 227 15.03 54.95 19.06
C LYS G 227 15.44 54.77 20.53
N LYS G 228 16.75 54.81 20.76
CA LYS G 228 17.34 54.84 22.10
C LYS G 228 17.70 56.28 22.48
N ARG H 4 -27.20 33.04 -47.45
CA ARG H 4 -28.05 34.27 -47.37
C ARG H 4 -27.36 35.45 -46.64
N GLY H 5 -26.29 35.16 -45.89
CA GLY H 5 -25.48 36.21 -45.26
C GLY H 5 -25.32 36.17 -43.76
N PHE H 6 -25.79 35.09 -43.13
CA PHE H 6 -25.71 34.95 -41.68
C PHE H 6 -24.45 34.22 -41.26
N VAL H 7 -23.48 34.99 -40.78
CA VAL H 7 -22.15 34.50 -40.42
C VAL H 7 -22.07 34.17 -38.93
N PHE H 8 -21.48 33.02 -38.63
CA PHE H 8 -21.19 32.64 -37.24
C PHE H 8 -19.83 31.94 -37.14
N THR H 9 -19.44 31.59 -35.92
CA THR H 9 -18.15 30.94 -35.67
C THR H 9 -18.30 29.70 -34.81
N ARG H 10 -17.48 28.69 -35.10
CA ARG H 10 -17.33 27.53 -34.23
C ARG H 10 -15.90 27.48 -33.72
N HIS H 11 -15.74 27.01 -32.49
CA HIS H 11 -14.43 26.94 -31.83
C HIS H 11 -14.13 25.51 -31.44
N SER H 12 -12.93 25.06 -31.80
CA SER H 12 -12.54 23.68 -31.55
C SER H 12 -12.11 23.46 -30.10
N GLN H 13 -11.46 24.48 -29.52
CA GLN H 13 -10.87 24.43 -28.16
C GLN H 13 -9.76 23.39 -28.10
N THR H 14 -9.21 23.09 -29.29
CA THR H 14 -8.10 22.18 -29.49
C THR H 14 -7.27 22.78 -30.62
N THR H 15 -6.15 22.13 -30.95
CA THR H 15 -5.29 22.57 -32.06
C THR H 15 -5.88 22.23 -33.43
N ALA H 16 -6.99 21.49 -33.43
CA ALA H 16 -7.65 21.07 -34.66
C ALA H 16 -8.58 22.15 -35.22
N ILE H 17 -8.44 22.45 -36.50
CA ILE H 17 -9.38 23.36 -37.19
C ILE H 17 -10.78 22.72 -37.27
N PRO H 18 -11.79 23.37 -36.68
CA PRO H 18 -13.12 22.75 -36.60
C PRO H 18 -13.87 22.73 -37.92
N SER H 19 -14.92 21.90 -37.98
CA SER H 19 -15.75 21.79 -39.17
C SER H 19 -17.00 22.62 -39.00
N CYS H 20 -17.43 23.26 -40.09
CA CYS H 20 -18.71 23.91 -40.16
C CYS H 20 -19.84 22.88 -40.10
N PRO H 21 -20.91 23.16 -39.35
CA PRO H 21 -22.02 22.21 -39.21
C PRO H 21 -22.79 22.01 -40.52
N GLU H 22 -23.66 20.99 -40.50
CA GLU H 22 -24.48 20.57 -41.64
C GLU H 22 -25.26 21.71 -42.30
N GLY H 23 -24.95 21.98 -43.56
CA GLY H 23 -25.67 22.99 -44.33
C GLY H 23 -25.01 24.36 -44.37
N THR H 24 -23.83 24.49 -43.77
CA THR H 24 -23.11 25.76 -43.71
C THR H 24 -21.77 25.67 -44.42
N VAL H 25 -21.27 26.80 -44.91
CA VAL H 25 -20.01 26.86 -45.68
C VAL H 25 -18.90 27.67 -44.99
N PRO H 26 -17.66 27.15 -45.01
CA PRO H 26 -16.51 27.85 -44.42
C PRO H 26 -16.12 29.10 -45.20
N LEU H 27 -15.83 30.18 -44.47
CA LEU H 27 -15.31 31.39 -45.11
C LEU H 27 -13.80 31.45 -44.95
N TYR H 28 -13.35 31.28 -43.71
CA TYR H 28 -11.92 31.15 -43.38
C TYR H 28 -11.76 30.57 -41.98
N SER H 29 -10.52 30.29 -41.61
CA SER H 29 -10.20 29.77 -40.29
C SER H 29 -9.15 30.64 -39.60
N GLY H 30 -8.95 30.42 -38.31
CA GLY H 30 -8.00 31.21 -37.54
C GLY H 30 -7.92 30.74 -36.10
N PHE H 31 -7.62 31.67 -35.21
CA PHE H 31 -7.37 31.37 -33.81
C PHE H 31 -8.41 32.05 -32.93
N SER H 32 -8.78 31.37 -31.84
CA SER H 32 -9.91 31.80 -30.97
C SER H 32 -9.61 33.01 -30.08
N PHE H 33 -10.19 34.14 -30.45
CA PHE H 33 -9.86 35.44 -29.86
C PHE H 33 -10.98 35.89 -28.93
N LEU H 34 -10.69 35.89 -27.63
CA LEU H 34 -11.70 36.17 -26.60
C LEU H 34 -11.85 37.65 -26.25
N PHE H 35 -10.79 38.25 -25.70
CA PHE H 35 -10.79 39.69 -25.40
C PHE H 35 -9.39 40.31 -25.24
N VAL H 36 -9.35 41.63 -25.14
CA VAL H 36 -8.10 42.38 -24.94
C VAL H 36 -8.22 43.24 -23.70
N GLN H 37 -7.08 43.71 -23.20
CA GLN H 37 -7.06 44.70 -22.13
C GLN H 37 -6.10 45.80 -22.50
N GLY H 38 -6.64 46.97 -22.82
CA GLY H 38 -5.81 48.12 -23.12
C GLY H 38 -6.01 49.17 -22.07
N ASN H 39 -4.91 49.74 -21.59
CA ASN H 39 -4.94 50.73 -20.52
C ASN H 39 -5.83 50.26 -19.36
N GLN H 40 -5.86 48.93 -19.17
CA GLN H 40 -6.63 48.23 -18.12
C GLN H 40 -8.15 48.20 -18.34
N ARG H 41 -8.56 48.33 -19.59
CA ARG H 41 -9.97 48.20 -19.93
C ARG H 41 -10.21 47.00 -20.82
N ALA H 42 -11.08 46.12 -20.36
CA ALA H 42 -11.39 44.91 -21.07
C ALA H 42 -12.40 45.20 -22.15
N HIS H 43 -12.19 44.59 -23.31
CA HIS H 43 -13.17 44.58 -24.37
C HIS H 43 -13.13 43.23 -25.07
N GLY H 44 -14.30 42.62 -25.20
CA GLY H 44 -14.38 41.28 -25.72
C GLY H 44 -15.04 41.21 -27.07
N GLN H 45 -14.95 40.05 -27.69
CA GLN H 45 -15.64 39.76 -28.93
C GLN H 45 -16.68 38.67 -28.67
N ASP H 46 -17.79 38.76 -29.39
CA ASP H 46 -18.79 37.71 -29.35
C ASP H 46 -18.18 36.46 -29.99
N LEU H 47 -18.16 35.36 -29.22
CA LEU H 47 -17.55 34.11 -29.67
C LEU H 47 -18.31 33.45 -30.82
N GLY H 48 -19.54 33.90 -31.06
CA GLY H 48 -20.35 33.38 -32.17
C GLY H 48 -20.38 34.26 -33.41
N THR H 49 -19.49 35.26 -33.47
CA THR H 49 -19.37 36.12 -34.64
C THR H 49 -17.95 36.12 -35.17
N LEU H 50 -17.77 36.50 -36.43
CA LEU H 50 -16.46 36.38 -37.09
C LEU H 50 -15.33 37.08 -36.32
N GLY H 51 -15.71 38.07 -35.51
CA GLY H 51 -14.74 38.82 -34.70
C GLY H 51 -13.95 37.97 -33.72
N SER H 52 -14.49 36.82 -33.33
CA SER H 52 -13.82 35.96 -32.38
C SER H 52 -12.85 35.00 -33.06
N CYS H 53 -12.63 35.22 -34.36
CA CYS H 53 -11.75 34.37 -35.14
C CYS H 53 -10.76 35.18 -35.99
N LEU H 54 -9.55 35.36 -35.45
CA LEU H 54 -8.51 36.10 -36.15
C LEU H 54 -7.60 35.15 -36.92
N GLN H 55 -7.31 35.49 -38.18
CA GLN H 55 -6.45 34.64 -39.02
C GLN H 55 -5.07 34.45 -38.39
N ARG H 56 -4.52 35.55 -37.88
CA ARG H 56 -3.15 35.61 -37.42
C ARG H 56 -3.09 35.80 -35.92
N PHE H 57 -2.51 34.82 -35.26
CA PHE H 57 -2.31 34.90 -33.83
C PHE H 57 -1.14 35.83 -33.51
N THR H 58 -1.23 36.49 -32.36
CA THR H 58 -0.12 37.22 -31.76
C THR H 58 -0.53 37.53 -30.33
N THR H 59 0.45 37.69 -29.44
CA THR H 59 0.13 38.04 -28.06
C THR H 59 -0.32 39.49 -27.93
N MET H 60 -0.03 40.29 -28.96
CA MET H 60 -0.42 41.70 -28.98
C MET H 60 -1.07 42.10 -30.33
N PRO H 61 -2.38 41.83 -30.49
CA PRO H 61 -3.05 42.11 -31.76
C PRO H 61 -3.43 43.57 -31.97
N PHE H 62 -3.05 44.44 -31.05
CA PHE H 62 -3.48 45.82 -31.15
C PHE H 62 -2.42 46.81 -30.68
N LEU H 63 -2.71 48.08 -30.96
CA LEU H 63 -1.85 49.19 -30.60
C LEU H 63 -2.74 50.34 -30.14
N PHE H 64 -2.13 51.37 -29.54
CA PHE H 64 -2.88 52.57 -29.15
C PHE H 64 -2.19 53.84 -29.63
N CYS H 65 -2.96 54.91 -29.78
CA CYS H 65 -2.45 56.20 -30.23
C CYS H 65 -2.98 57.31 -29.34
N ASN H 66 -2.17 58.35 -29.16
CA ASN H 66 -2.52 59.48 -28.29
C ASN H 66 -2.85 60.76 -29.07
N VAL H 67 -3.07 61.86 -28.35
CA VAL H 67 -3.43 63.16 -28.96
C VAL H 67 -2.24 63.93 -29.55
N ASN H 68 -1.02 63.44 -29.25
CA ASN H 68 0.20 63.97 -29.85
C ASN H 68 0.53 63.29 -31.18
N ASP H 69 -0.46 62.56 -31.73
CA ASP H 69 -0.29 61.74 -32.95
C ASP H 69 0.86 60.72 -32.86
N VAL H 70 1.07 60.16 -31.69
CA VAL H 70 2.09 59.13 -31.49
C VAL H 70 1.39 57.81 -31.16
N CYS H 71 1.79 56.74 -31.86
CA CYS H 71 1.24 55.39 -31.60
C CYS H 71 2.30 54.47 -31.08
N ASN H 72 1.89 53.59 -30.17
CA ASN H 72 2.77 52.58 -29.60
C ASN H 72 2.19 51.20 -29.81
N PHE H 73 3.04 50.29 -30.26
CA PHE H 73 2.70 48.88 -30.35
C PHE H 73 3.54 48.11 -29.35
N ALA H 74 2.89 47.26 -28.55
CA ALA H 74 3.53 46.40 -27.56
C ALA H 74 4.59 47.11 -26.71
N SER H 75 4.37 48.39 -26.45
CA SER H 75 5.33 49.22 -25.73
C SER H 75 4.88 49.60 -24.32
N ARG H 76 3.86 48.92 -23.81
CA ARG H 76 3.35 49.15 -22.46
C ARG H 76 2.78 47.83 -21.99
N ASN H 77 2.23 47.80 -20.79
CA ASN H 77 1.67 46.56 -20.22
C ASN H 77 0.26 46.08 -20.55
N ASP H 78 -0.04 45.90 -21.83
CA ASP H 78 -1.39 45.51 -22.21
C ASP H 78 -1.55 43.99 -22.41
N TYR H 79 -2.80 43.54 -22.56
CA TYR H 79 -3.15 42.12 -22.52
C TYR H 79 -3.95 41.66 -23.74
N SER H 80 -3.94 40.36 -23.98
CA SER H 80 -4.85 39.75 -24.93
C SER H 80 -5.18 38.36 -24.44
N TYR H 81 -6.37 37.88 -24.78
CA TYR H 81 -6.84 36.61 -24.26
C TYR H 81 -7.40 35.74 -25.35
N TRP H 82 -7.05 34.47 -25.30
CA TRP H 82 -7.44 33.51 -26.33
C TRP H 82 -7.98 32.26 -25.66
N LEU H 83 -8.95 31.60 -26.30
CA LEU H 83 -9.41 30.30 -25.81
C LEU H 83 -8.28 29.30 -25.93
N SER H 84 -8.16 28.39 -24.96
CA SER H 84 -7.02 27.48 -24.91
C SER H 84 -7.35 26.04 -25.25
N THR H 85 -6.31 25.24 -25.47
CA THR H 85 -6.47 23.81 -25.73
C THR H 85 -6.36 23.07 -24.39
N PRO H 86 -6.43 21.72 -24.40
CA PRO H 86 -6.21 20.99 -23.13
C PRO H 86 -4.72 20.87 -22.75
N ALA H 87 -3.84 21.38 -23.62
CA ALA H 87 -2.39 21.32 -23.41
C ALA H 87 -1.97 21.87 -22.05
N LEU H 88 -1.07 21.17 -21.39
CA LEU H 88 -0.72 21.49 -20.01
C LEU H 88 0.59 22.21 -19.83
N MET H 89 0.61 23.11 -18.86
CA MET H 89 1.71 24.03 -18.67
C MET H 89 2.92 23.36 -18.01
N PRO H 90 4.14 23.76 -18.43
CA PRO H 90 5.38 23.25 -17.85
C PRO H 90 5.36 23.31 -16.31
N MET H 91 5.89 22.28 -15.67
CA MET H 91 5.92 22.17 -14.20
C MET H 91 6.54 23.37 -13.46
N ASN H 92 7.46 24.09 -14.09
CA ASN H 92 8.06 25.29 -13.47
C ASN H 92 7.06 26.43 -13.23
N MET H 93 5.90 26.33 -13.88
CA MET H 93 4.76 27.26 -13.70
C MET H 93 5.07 28.65 -14.25
N ALA H 94 6.16 28.75 -14.98
CA ALA H 94 6.57 30.01 -15.59
C ALA H 94 5.80 30.22 -16.89
N PRO H 95 5.73 31.49 -17.36
CA PRO H 95 5.12 31.83 -18.63
C PRO H 95 5.88 31.26 -19.84
N ILE H 96 5.21 31.22 -20.99
CA ILE H 96 5.82 30.74 -22.23
C ILE H 96 5.81 31.84 -23.29
N THR H 97 6.78 31.78 -24.21
CA THR H 97 6.90 32.77 -25.28
C THR H 97 7.08 32.08 -26.63
N GLY H 98 7.09 32.86 -27.70
CA GLY H 98 7.45 32.37 -29.02
C GLY H 98 6.61 31.23 -29.58
N ARG H 99 7.26 30.42 -30.41
CA ARG H 99 6.60 29.34 -31.14
C ARG H 99 6.06 28.22 -30.24
N ALA H 100 6.49 28.16 -28.98
CA ALA H 100 6.02 27.17 -28.01
C ALA H 100 4.54 27.35 -27.64
N LEU H 101 3.98 28.50 -28.04
CA LEU H 101 2.57 28.84 -27.81
C LEU H 101 1.60 28.11 -28.74
N GLU H 102 2.12 27.70 -29.90
CA GLU H 102 1.38 26.97 -30.95
C GLU H 102 0.43 25.83 -30.50
N PRO H 103 0.85 24.99 -29.52
CA PRO H 103 -0.05 23.91 -29.05
C PRO H 103 -1.13 24.35 -28.06
N TYR H 104 -1.15 25.63 -27.68
CA TYR H 104 -2.02 26.10 -26.61
C TYR H 104 -3.23 26.89 -27.10
N ILE H 105 -3.13 27.47 -28.29
CA ILE H 105 -4.18 28.34 -28.80
C ILE H 105 -5.26 27.55 -29.54
N SER H 106 -6.50 27.73 -29.13
CA SER H 106 -7.66 27.12 -29.79
C SER H 106 -7.80 27.66 -31.23
N ARG H 107 -8.26 26.81 -32.15
CA ARG H 107 -8.58 27.22 -33.52
C ARG H 107 -10.09 27.41 -33.69
N CYS H 108 -10.46 28.16 -34.73
CA CYS H 108 -11.86 28.42 -35.07
C CYS H 108 -12.12 28.40 -36.58
N THR H 109 -13.37 28.17 -36.97
CA THR H 109 -13.78 28.32 -38.36
C THR H 109 -14.98 29.25 -38.47
N VAL H 110 -14.87 30.24 -39.34
CA VAL H 110 -15.98 31.16 -39.62
C VAL H 110 -16.87 30.55 -40.71
N CYS H 111 -18.14 30.40 -40.39
CA CYS H 111 -19.09 29.73 -41.30
C CYS H 111 -20.19 30.69 -41.76
N GLU H 112 -20.74 30.41 -42.93
CA GLU H 112 -21.91 31.13 -43.45
C GLU H 112 -23.09 30.18 -43.58
N GLY H 113 -24.27 30.62 -43.13
CA GLY H 113 -25.48 29.80 -43.19
C GLY H 113 -26.63 30.48 -43.91
N PRO H 114 -27.71 29.74 -44.20
CA PRO H 114 -28.89 30.32 -44.84
C PRO H 114 -29.81 31.09 -43.88
N ALA H 115 -29.69 30.84 -42.58
CA ALA H 115 -30.54 31.50 -41.58
C ALA H 115 -29.79 31.81 -40.26
N ILE H 116 -30.44 32.55 -39.38
CA ILE H 116 -29.83 32.97 -38.10
C ILE H 116 -29.59 31.79 -37.18
N ALA H 117 -28.42 31.78 -36.54
CA ALA H 117 -28.13 30.78 -35.52
C ALA H 117 -28.23 31.41 -34.13
N ILE H 118 -29.05 30.79 -33.29
CA ILE H 118 -29.22 31.21 -31.90
C ILE H 118 -28.75 30.12 -30.92
N ALA H 119 -28.68 30.46 -29.64
CA ALA H 119 -28.41 29.49 -28.59
C ALA H 119 -29.59 29.40 -27.62
N VAL H 120 -29.77 28.21 -27.06
CA VAL H 120 -30.84 27.95 -26.10
C VAL H 120 -30.19 27.34 -24.86
N HIS H 121 -30.64 27.76 -23.68
CA HIS H 121 -30.07 27.27 -22.42
C HIS H 121 -31.13 26.64 -21.53
N SER H 122 -30.75 25.60 -20.80
CA SER H 122 -31.69 24.87 -19.96
C SER H 122 -31.71 25.34 -18.51
N GLN H 123 -30.52 25.64 -17.96
CA GLN H 123 -30.32 25.89 -16.53
C GLN H 123 -30.46 24.59 -15.71
N THR H 124 -30.38 23.46 -16.42
CA THR H 124 -30.47 22.11 -15.85
C THR H 124 -29.42 21.25 -16.55
N THR H 125 -29.21 20.04 -16.03
CA THR H 125 -28.23 19.11 -16.62
C THR H 125 -28.70 18.54 -17.97
N ASP H 126 -30.00 18.66 -18.26
CA ASP H 126 -30.58 18.18 -19.51
C ASP H 126 -30.29 19.14 -20.66
N ILE H 127 -30.14 18.59 -21.86
CA ILE H 127 -29.92 19.40 -23.06
C ILE H 127 -31.24 20.00 -23.50
N PRO H 128 -31.28 21.32 -23.74
CA PRO H 128 -32.52 21.98 -24.13
C PRO H 128 -32.91 21.64 -25.56
N PRO H 129 -34.22 21.55 -25.84
CA PRO H 129 -34.64 21.32 -27.21
C PRO H 129 -34.61 22.60 -28.02
N CYS H 130 -34.24 22.49 -29.29
CA CYS H 130 -34.39 23.60 -30.22
C CYS H 130 -35.87 23.96 -30.31
N PRO H 131 -36.19 25.25 -30.49
CA PRO H 131 -37.58 25.66 -30.70
C PRO H 131 -38.18 25.05 -31.98
N HIS H 132 -39.50 25.21 -32.14
CA HIS H 132 -40.22 24.66 -33.29
C HIS H 132 -39.65 25.16 -34.62
N GLY H 133 -39.28 24.22 -35.49
CA GLY H 133 -38.82 24.54 -36.84
C GLY H 133 -37.35 24.91 -36.92
N TRP H 134 -36.60 24.58 -35.86
CA TRP H 134 -35.17 24.87 -35.77
C TRP H 134 -34.35 23.58 -35.78
N ILE H 135 -33.11 23.67 -36.26
CA ILE H 135 -32.25 22.51 -36.40
C ILE H 135 -31.00 22.63 -35.52
N SER H 136 -30.63 21.53 -34.88
CA SER H 136 -29.49 21.48 -33.98
C SER H 136 -28.14 21.50 -34.72
N LEU H 137 -27.25 22.40 -34.31
CA LEU H 137 -25.90 22.51 -34.89
C LEU H 137 -24.84 21.86 -34.00
N TRP H 138 -24.89 22.15 -32.69
CA TRP H 138 -24.08 21.42 -31.69
C TRP H 138 -24.60 21.55 -30.25
N LYS H 139 -24.17 20.60 -29.40
CA LYS H 139 -24.39 20.59 -27.95
C LYS H 139 -23.23 21.26 -27.23
N GLY H 140 -23.53 21.88 -26.08
CA GLY H 140 -22.49 22.49 -25.27
C GLY H 140 -22.85 22.89 -23.85
N PHE H 141 -22.00 23.73 -23.27
CA PHE H 141 -22.16 24.22 -21.90
C PHE H 141 -22.32 25.74 -21.89
N SER H 142 -23.13 26.22 -20.94
CA SER H 142 -23.50 27.64 -20.87
C SER H 142 -22.39 28.53 -20.32
N PHE H 143 -21.73 29.26 -21.20
CA PHE H 143 -20.58 30.08 -20.83
C PHE H 143 -20.98 31.55 -20.84
N ILE H 144 -21.00 32.18 -19.65
CA ILE H 144 -21.60 33.50 -19.50
C ILE H 144 -20.59 34.68 -19.39
N MET H 145 -19.58 34.55 -18.53
CA MET H 145 -18.53 35.59 -18.46
C MET H 145 -17.18 35.09 -17.95
N PHE H 146 -16.25 36.02 -17.76
CA PHE H 146 -14.86 35.69 -17.46
C PHE H 146 -14.11 36.90 -16.96
N THR H 147 -13.23 36.68 -15.98
CA THR H 147 -12.36 37.75 -15.48
C THR H 147 -10.93 37.22 -15.36
N SER H 148 -9.96 38.14 -15.45
CA SER H 148 -8.56 37.79 -15.26
C SER H 148 -7.87 38.91 -14.49
N ALA H 149 -6.84 39.50 -15.07
CA ALA H 149 -6.02 40.50 -14.41
C ALA H 149 -6.80 41.78 -14.09
N GLY H 150 -6.61 42.28 -12.87
CA GLY H 150 -7.38 43.41 -12.35
C GLY H 150 -8.85 43.07 -12.20
N SER H 151 -9.16 41.78 -12.33
CA SER H 151 -10.52 41.24 -12.44
C SER H 151 -11.32 41.95 -13.52
N GLU H 152 -10.62 42.40 -14.56
CA GLU H 152 -11.28 42.94 -15.74
C GLU H 152 -11.76 41.77 -16.60
N GLY H 153 -12.76 42.05 -17.43
CA GLY H 153 -13.36 41.02 -18.26
C GLY H 153 -14.71 41.43 -18.77
N THR H 154 -15.34 40.52 -19.50
CA THR H 154 -16.65 40.76 -20.07
C THR H 154 -17.29 39.38 -20.27
N GLY H 155 -18.38 39.32 -21.02
CA GLY H 155 -19.07 38.05 -21.23
C GLY H 155 -19.62 37.80 -22.62
N GLN H 156 -20.49 36.80 -22.73
CA GLN H 156 -21.12 36.47 -23.98
C GLN H 156 -22.59 36.73 -23.86
N ALA H 157 -23.24 37.05 -24.98
CA ALA H 157 -24.70 37.10 -25.03
C ALA H 157 -25.24 35.68 -25.03
N LEU H 158 -26.23 35.42 -24.17
CA LEU H 158 -26.81 34.08 -24.07
C LEU H 158 -27.60 33.68 -25.33
N ALA H 159 -27.99 34.69 -26.11
CA ALA H 159 -28.68 34.45 -27.37
C ALA H 159 -27.72 33.96 -28.44
N SER H 160 -26.42 34.23 -28.24
CA SER H 160 -25.39 33.99 -29.25
C SER H 160 -24.81 32.59 -29.14
N PRO H 161 -24.45 32.00 -30.31
CA PRO H 161 -23.74 30.71 -30.37
C PRO H 161 -22.54 30.69 -29.44
N GLY H 162 -21.92 31.85 -29.24
CA GLY H 162 -20.72 32.01 -28.41
C GLY H 162 -20.86 31.66 -26.93
N SER H 163 -22.10 31.68 -26.44
CA SER H 163 -22.41 31.33 -25.04
C SER H 163 -22.52 29.82 -24.84
N CYS H 164 -22.16 29.05 -25.86
CA CYS H 164 -22.36 27.61 -25.84
C CYS H 164 -21.11 26.86 -26.28
N LEU H 165 -20.17 26.73 -25.34
CA LEU H 165 -18.92 26.01 -25.61
C LEU H 165 -19.09 24.50 -25.54
N GLU H 166 -18.52 23.80 -26.53
CA GLU H 166 -18.69 22.36 -26.68
C GLU H 166 -17.89 21.56 -25.65
N GLU H 167 -16.75 22.10 -25.24
CA GLU H 167 -15.89 21.45 -24.26
C GLU H 167 -15.85 22.28 -22.98
N PHE H 168 -16.34 21.73 -21.88
CA PHE H 168 -16.22 22.42 -20.60
C PHE H 168 -14.77 22.41 -20.12
N ARG H 169 -14.31 23.58 -19.68
CA ARG H 169 -12.98 23.74 -19.10
C ARG H 169 -13.07 24.75 -17.97
N ALA H 170 -12.58 24.38 -16.80
CA ALA H 170 -12.44 25.33 -15.70
C ALA H 170 -11.65 26.55 -16.16
N SER H 171 -10.59 26.31 -16.93
CA SER H 171 -9.76 27.38 -17.49
C SER H 171 -9.83 27.37 -19.02
N PRO H 172 -10.83 28.06 -19.60
CA PRO H 172 -11.04 28.03 -21.04
C PRO H 172 -10.13 28.98 -21.82
N PHE H 173 -9.36 29.82 -21.13
CA PHE H 173 -8.58 30.85 -21.82
C PHE H 173 -7.19 31.12 -21.25
N LEU H 174 -6.34 31.71 -22.07
CA LEU H 174 -4.97 32.04 -21.67
C LEU H 174 -4.78 33.55 -21.64
N GLU H 175 -4.02 34.00 -20.65
CA GLU H 175 -3.63 35.40 -20.58
C GLU H 175 -2.30 35.65 -21.29
N CYS H 176 -2.31 36.59 -22.23
CA CYS H 176 -1.14 36.90 -23.04
C CYS H 176 -0.74 38.36 -22.93
N HIS H 177 0.55 38.65 -23.08
CA HIS H 177 1.09 39.98 -22.80
C HIS H 177 1.85 40.58 -23.99
N GLY H 178 1.93 41.91 -24.02
CA GLY H 178 2.68 42.65 -25.03
C GLY H 178 4.16 42.32 -25.10
N ARG H 179 4.74 42.01 -23.94
CA ARG H 179 6.13 41.55 -23.82
C ARG H 179 6.36 40.16 -24.45
N GLY H 180 5.27 39.48 -24.81
CA GLY H 180 5.34 38.25 -25.61
C GLY H 180 4.97 36.96 -24.89
N THR H 181 4.79 37.05 -23.57
CA THR H 181 4.53 35.88 -22.73
C THR H 181 3.04 35.56 -22.58
N CYS H 182 2.71 34.30 -22.28
CA CYS H 182 1.35 33.88 -21.90
C CYS H 182 1.43 32.91 -20.75
N ASN H 183 0.33 32.78 -20.01
CA ASN H 183 0.23 31.85 -18.89
C ASN H 183 -1.20 31.80 -18.33
N TYR H 184 -1.50 30.75 -17.57
CA TYR H 184 -2.66 30.75 -16.70
C TYR H 184 -2.24 31.44 -15.42
N TYR H 185 -3.18 32.13 -14.77
CA TYR H 185 -2.92 32.77 -13.49
C TYR H 185 -4.03 32.45 -12.50
N SER H 186 -3.70 32.52 -11.21
CA SER H 186 -4.65 32.18 -10.15
C SER H 186 -5.99 32.94 -10.22
N ASN H 187 -5.92 34.23 -10.55
CA ASN H 187 -7.13 35.04 -10.66
C ASN H 187 -7.89 34.94 -11.99
N SER H 188 -7.53 33.96 -12.82
CA SER H 188 -8.24 33.72 -14.07
C SER H 188 -9.50 32.92 -13.78
N TYR H 189 -10.66 33.54 -13.98
CA TYR H 189 -11.95 32.94 -13.66
C TYR H 189 -12.85 32.76 -14.88
N SER H 190 -13.61 31.67 -14.85
CA SER H 190 -14.64 31.42 -15.84
C SER H 190 -16.01 31.37 -15.15
N PHE H 191 -17.00 32.00 -15.77
CA PHE H 191 -18.35 32.01 -15.23
C PHE H 191 -19.30 31.26 -16.15
N TRP H 192 -20.13 30.41 -15.55
CA TRP H 192 -21.06 29.57 -16.30
C TRP H 192 -22.43 29.66 -15.65
N LEU H 193 -23.49 29.58 -16.47
CA LEU H 193 -24.85 29.46 -15.95
C LEU H 193 -24.93 28.19 -15.12
N ALA H 194 -25.59 28.26 -13.97
CA ALA H 194 -25.66 27.10 -13.08
C ALA H 194 -26.82 26.14 -13.40
N SER H 195 -26.56 24.85 -13.23
CA SER H 195 -27.59 23.82 -13.26
C SER H 195 -28.44 23.95 -12.00
N LEU H 196 -29.76 24.04 -12.17
CA LEU H 196 -30.67 24.22 -11.03
C LEU H 196 -31.65 23.08 -10.88
N ASN H 197 -32.06 22.85 -9.64
CA ASN H 197 -33.13 21.92 -9.29
C ASN H 197 -34.47 22.51 -9.77
N PRO H 198 -35.19 21.78 -10.60
CA PRO H 198 -36.42 22.22 -11.21
C PRO H 198 -37.50 22.61 -10.20
N GLU H 199 -37.54 21.91 -9.09
CA GLU H 199 -38.58 22.16 -8.12
C GLU H 199 -38.14 23.06 -6.98
N ARG H 200 -37.17 23.92 -7.22
CA ARG H 200 -36.57 24.71 -6.16
C ARG H 200 -36.56 26.21 -6.44
N MET H 201 -37.44 26.64 -7.34
CA MET H 201 -37.51 28.02 -7.78
C MET H 201 -37.93 28.92 -6.62
N PHE H 202 -37.29 30.09 -6.56
CA PHE H 202 -37.60 31.13 -5.60
C PHE H 202 -37.11 30.84 -4.21
N ARG H 203 -36.01 30.11 -4.12
CA ARG H 203 -35.48 29.61 -2.87
C ARG H 203 -34.01 30.03 -2.71
N LYS H 204 -33.61 30.30 -1.47
CA LYS H 204 -32.24 30.66 -1.13
C LYS H 204 -31.33 29.56 -1.66
N PRO H 205 -30.49 29.91 -2.66
CA PRO H 205 -29.60 28.95 -3.34
C PRO H 205 -28.79 28.17 -2.32
N ILE H 206 -28.49 26.91 -2.64
CA ILE H 206 -27.65 26.08 -1.79
C ILE H 206 -26.19 26.26 -2.22
N PRO H 207 -25.39 26.95 -1.38
CA PRO H 207 -23.95 27.04 -1.65
C PRO H 207 -23.35 25.67 -1.93
N SER H 208 -22.49 25.59 -2.93
CA SER H 208 -21.92 24.33 -3.37
C SER H 208 -20.49 24.51 -3.88
N THR H 209 -19.61 23.62 -3.45
CA THR H 209 -18.21 23.64 -3.87
C THR H 209 -17.80 22.27 -4.40
N VAL H 210 -17.54 22.17 -5.70
CA VAL H 210 -17.16 20.91 -6.32
C VAL H 210 -15.77 20.97 -6.94
N LYS H 211 -15.14 19.79 -7.04
CA LYS H 211 -13.77 19.68 -7.52
C LYS H 211 -13.71 18.86 -8.81
N ALA H 212 -12.50 18.70 -9.36
CA ALA H 212 -12.26 17.91 -10.58
C ALA H 212 -12.98 16.58 -10.52
N GLY H 213 -13.61 16.21 -11.64
CA GLY H 213 -14.34 14.95 -11.74
C GLY H 213 -15.85 15.08 -11.61
N GLU H 214 -16.31 16.15 -10.97
CA GLU H 214 -17.74 16.35 -10.73
C GLU H 214 -18.28 17.57 -11.47
N LEU H 215 -17.38 18.45 -11.88
CA LEU H 215 -17.71 19.84 -12.25
C LEU H 215 -18.90 20.00 -13.21
N GLU H 216 -19.00 19.14 -14.21
CA GLU H 216 -20.11 19.20 -15.17
C GLU H 216 -21.48 19.03 -14.50
N LYS H 217 -21.54 18.20 -13.45
CA LYS H 217 -22.79 17.93 -12.73
C LYS H 217 -23.58 19.18 -12.35
N ILE H 218 -22.91 20.34 -12.33
CA ILE H 218 -23.55 21.59 -11.91
C ILE H 218 -23.58 22.70 -12.98
N ILE H 219 -23.24 22.36 -14.23
CA ILE H 219 -23.22 23.33 -15.33
C ILE H 219 -24.50 23.25 -16.17
N SER H 220 -25.08 24.41 -16.48
CA SER H 220 -26.22 24.50 -17.39
C SER H 220 -25.85 24.07 -18.80
N ARG H 221 -26.78 23.41 -19.48
CA ARG H 221 -26.51 22.90 -20.82
C ARG H 221 -27.19 23.76 -21.89
N CYS H 222 -26.72 23.62 -23.13
CA CYS H 222 -27.17 24.47 -24.22
C CYS H 222 -27.09 23.80 -25.59
N GLN H 223 -27.90 24.30 -26.51
CA GLN H 223 -27.82 23.95 -27.91
C GLN H 223 -27.79 25.20 -28.80
N VAL H 224 -27.07 25.10 -29.90
CA VAL H 224 -27.04 26.13 -30.92
C VAL H 224 -27.93 25.63 -32.05
N CYS H 225 -28.95 26.43 -32.40
CA CYS H 225 -29.92 26.02 -33.41
C CYS H 225 -29.95 26.98 -34.60
N MET H 226 -30.34 26.46 -35.77
CA MET H 226 -30.56 27.29 -36.96
C MET H 226 -31.96 27.08 -37.51
N LYS H 227 -32.54 28.12 -38.08
CA LYS H 227 -33.88 28.04 -38.64
C LYS H 227 -33.97 27.24 -39.92
N LYS H 228 -35.16 26.70 -40.17
CA LYS H 228 -35.47 26.07 -41.45
C LYS H 228 -36.71 26.70 -42.07
CL CL I . 16.54 -18.20 -9.95
CL CL J . 12.19 -30.60 3.74
CL CL K . 17.59 -6.74 -9.91
CL CL L . -6.51 4.68 -1.86
CL CL M . 12.00 3.50 -6.17
CL CL N . -12.76 0.94 7.10
CL CL O . -9.56 -26.91 9.02
CL CL P . -13.88 -8.99 14.18
CL CL Q . 19.56 -22.39 0.78
CL CL R . 4.66 7.29 1.63
CL CL S . -8.73 -18.85 17.91
CL CL T . 0.59 -31.97 8.47
CL CL U . -22.51 42.61 4.02
CL CL V . -11.43 30.51 -5.94
CL CL W . -0.29 33.69 -10.21
CL CL X . 1.74 46.20 -24.71
#